data_6WJ5
#
_entry.id   6WJ5
#
loop_
_entity.id
_entity.type
_entity.pdbx_description
1 polymer 'Transient receptor potential cation channel subfamily A member 1'
2 non-polymer (4R,5S)-4-fluoro-1-[(4-fluorophenyl)sulfonyl]-5-methyl-N-({5-(trifluoromethyl)-2-[2-(trifluoromethyl)pyrimidin-5-yl]pyridin-4-yl}methyl)-L-prolinamide
#
_entity_poly.entity_id   1
_entity_poly.type   'polypeptide(L)'
_entity_poly.pdbx_seq_one_letter_code
;SPLHFAASYGRINTCQRLLQDISDTRLLNEGDLHGMTPLHLAAKNGHDKVVQLLLKKGALFLSDHNGWTALHHASMGGYT
QTMKVILDTNLKCTDRLDEDGNTALHFAAREGHAKAVALLLSHNADIVLNKQQASFLHLALHNKRKEVVLTIIRSKRWDE
CLKIFSHNSPGNKCPITEMIEYLPECMKVLLDFCMLHSTEDKSCRDYYIEYNFKYLQCPLEFTKKTPTQDVIYEPLTALN
AMVQNNRIELLNHPVCKEYLLMKWLAYGFRAHMMNLGSYCLGLIPMTILVVNIKPGMAFNSTGIINETSDHSEILDTTNS
YLIKTCMILVFLSSIFGYCKEAGQIFQQKRNYFMDISNVLEWIIYTTGIIFVLPLFVEIPAHLQWQCGAIAVYFYWMNFL
LYLQRFENCGIFIVMLEVILKTLLRSTVVFIFLLLAFGLSFYILLNLQDPFSSPLLSIIQTFSMMLGDINYRESFLEPYL
RNELAHPVLSFAQLVSFTIFVPIVLMNLLIGLAVGDIADVQKHASLKRIAMQVELHTSLEKKLPLWFLRKVDQKSTIVYP
NKPRSGGMLFHIFCFLFCTGEIRQEIPNADKSLEMEILKQKYRLKDLTFLLEKQHELIKLIIQKMEIISET
;
_entity_poly.pdbx_strand_id   A,B,C,D
#
# COMPACT_ATOMS: atom_id res chain seq x y z
N SER A 1 -53.45 -28.77 -12.72
CA SER A 1 -52.74 -27.60 -12.18
C SER A 1 -52.86 -27.43 -10.66
N PRO A 2 -54.04 -27.34 -10.02
CA PRO A 2 -54.16 -26.90 -8.62
C PRO A 2 -53.28 -27.61 -7.58
N LEU A 3 -53.10 -28.93 -7.67
CA LEU A 3 -52.21 -29.65 -6.75
C LEU A 3 -50.74 -29.24 -6.91
N HIS A 4 -50.28 -28.86 -8.10
CA HIS A 4 -48.93 -28.35 -8.29
C HIS A 4 -48.69 -27.08 -7.47
N PHE A 5 -49.67 -26.19 -7.35
CA PHE A 5 -49.55 -25.04 -6.45
C PHE A 5 -49.56 -25.48 -4.99
N ALA A 6 -50.54 -26.29 -4.58
CA ALA A 6 -50.66 -26.72 -3.20
C ALA A 6 -49.41 -27.45 -2.70
N ALA A 7 -48.84 -28.34 -3.50
CA ALA A 7 -47.61 -29.03 -3.17
C ALA A 7 -46.40 -28.09 -3.23
N SER A 8 -46.30 -27.20 -4.22
CA SER A 8 -45.14 -26.32 -4.38
C SER A 8 -44.93 -25.36 -3.21
N TYR A 9 -45.98 -25.05 -2.45
CA TYR A 9 -45.90 -24.15 -1.30
C TYR A 9 -46.25 -24.85 0.02
N GLY A 10 -46.11 -26.17 0.08
CA GLY A 10 -46.19 -26.92 1.33
C GLY A 10 -47.57 -26.93 1.96
N ARG A 11 -48.62 -26.64 1.19
CA ARG A 11 -49.97 -26.37 1.69
C ARG A 11 -50.69 -27.68 2.01
N ILE A 12 -50.17 -28.35 3.03
CA ILE A 12 -50.43 -29.74 3.36
C ILE A 12 -51.93 -30.03 3.51
N ASN A 13 -52.69 -29.15 4.13
CA ASN A 13 -54.13 -29.32 4.29
C ASN A 13 -54.91 -29.21 2.96
N THR A 14 -54.38 -28.55 1.94
CA THR A 14 -54.98 -28.61 0.60
C THR A 14 -54.63 -29.91 -0.11
N CYS A 15 -53.40 -30.42 0.03
CA CYS A 15 -53.03 -31.70 -0.55
C CYS A 15 -53.90 -32.84 0.00
N GLN A 16 -54.15 -32.86 1.32
CA GLN A 16 -55.07 -33.82 1.94
C GLN A 16 -56.54 -33.69 1.50
N ARG A 17 -56.91 -32.65 0.73
CA ARG A 17 -58.29 -32.41 0.25
C ARG A 17 -58.42 -32.56 -1.27
N LEU A 18 -57.37 -32.28 -2.04
CA LEU A 18 -57.27 -32.65 -3.46
C LEU A 18 -57.10 -34.16 -3.63
N LEU A 19 -56.24 -34.78 -2.82
CA LEU A 19 -55.96 -36.22 -2.87
C LEU A 19 -56.98 -37.09 -2.11
N GLN A 20 -57.95 -36.48 -1.42
CA GLN A 20 -59.01 -37.21 -0.72
C GLN A 20 -59.86 -38.07 -1.67
N ASP A 21 -59.96 -37.69 -2.94
CA ASP A 21 -60.49 -38.51 -4.03
C ASP A 21 -59.48 -39.57 -4.52
N ILE A 22 -59.01 -40.42 -3.60
CA ILE A 22 -57.90 -41.37 -3.78
C ILE A 22 -58.15 -42.56 -4.74
N SER A 23 -59.19 -42.51 -5.58
CA SER A 23 -59.58 -43.59 -6.49
C SER A 23 -58.63 -43.82 -7.68
N ASP A 24 -57.81 -42.82 -8.06
CA ASP A 24 -56.80 -42.94 -9.10
C ASP A 24 -55.61 -42.00 -8.86
N THR A 25 -54.41 -42.41 -9.28
CA THR A 25 -53.17 -41.63 -9.10
C THR A 25 -52.86 -40.70 -10.27
N ARG A 26 -53.73 -40.58 -11.27
CA ARG A 26 -53.47 -39.82 -12.49
C ARG A 26 -53.08 -38.36 -12.25
N LEU A 27 -53.66 -37.70 -11.23
CA LEU A 27 -53.23 -36.38 -10.76
C LEU A 27 -51.93 -36.45 -9.94
N LEU A 28 -51.84 -37.36 -8.98
CA LEU A 28 -50.69 -37.55 -8.09
C LEU A 28 -49.38 -37.88 -8.82
N ASN A 29 -49.45 -38.34 -10.06
CA ASN A 29 -48.32 -38.64 -10.93
C ASN A 29 -48.28 -37.75 -12.19
N GLU A 30 -49.03 -36.64 -12.21
CA GLU A 30 -49.25 -35.82 -13.39
C GLU A 30 -48.01 -35.12 -13.93
N GLY A 31 -48.05 -34.72 -15.20
CA GLY A 31 -47.02 -33.90 -15.85
C GLY A 31 -47.16 -32.41 -15.53
N ASP A 32 -46.44 -31.56 -16.28
CA ASP A 32 -46.42 -30.11 -16.14
C ASP A 32 -45.84 -29.46 -17.41
N LEU A 33 -45.96 -28.14 -17.57
CA LEU A 33 -45.25 -27.37 -18.60
C LEU A 33 -43.73 -27.64 -18.61
N HIS A 34 -43.10 -27.81 -17.44
CA HIS A 34 -41.70 -28.24 -17.29
C HIS A 34 -41.54 -29.74 -16.97
N GLY A 35 -42.62 -30.52 -16.99
CA GLY A 35 -42.57 -31.98 -16.84
C GLY A 35 -42.30 -32.48 -15.42
N MET A 36 -42.44 -31.62 -14.41
CA MET A 36 -42.34 -31.96 -13.00
C MET A 36 -43.63 -32.56 -12.44
N THR A 37 -43.51 -33.50 -11.50
CA THR A 37 -44.64 -34.02 -10.71
C THR A 37 -44.85 -33.19 -9.44
N PRO A 38 -45.99 -33.29 -8.74
CA PRO A 38 -46.16 -32.69 -7.43
C PRO A 38 -45.04 -33.02 -6.44
N LEU A 39 -44.50 -34.24 -6.48
CA LEU A 39 -43.40 -34.65 -5.61
C LEU A 39 -42.13 -33.86 -5.90
N HIS A 40 -41.86 -33.50 -7.16
CA HIS A 40 -40.72 -32.65 -7.50
C HIS A 40 -40.92 -31.24 -6.96
N LEU A 41 -42.12 -30.69 -7.06
CA LEU A 41 -42.40 -29.34 -6.57
C LEU A 41 -42.30 -29.24 -5.05
N ALA A 42 -42.77 -30.24 -4.31
CA ALA A 42 -42.60 -30.30 -2.88
C ALA A 42 -41.13 -30.38 -2.48
N ALA A 43 -40.35 -31.26 -3.13
CA ALA A 43 -38.92 -31.35 -2.91
C ALA A 43 -38.20 -30.04 -3.26
N LYS A 44 -38.52 -29.42 -4.41
CA LYS A 44 -37.89 -28.18 -4.91
C LYS A 44 -37.94 -27.04 -3.90
N ASN A 45 -39.01 -26.95 -3.12
CA ASN A 45 -39.23 -25.93 -2.13
C ASN A 45 -38.95 -26.39 -0.68
N GLY A 46 -38.53 -27.63 -0.47
CA GLY A 46 -38.05 -28.10 0.83
C GLY A 46 -39.14 -28.50 1.83
N HIS A 47 -40.35 -28.77 1.36
CA HIS A 47 -41.51 -29.07 2.22
C HIS A 47 -41.50 -30.51 2.73
N ASP A 48 -40.85 -30.73 3.86
CA ASP A 48 -40.61 -32.06 4.43
C ASP A 48 -41.88 -32.84 4.81
N LYS A 49 -43.01 -32.20 5.10
CA LYS A 49 -44.30 -32.90 5.27
C LYS A 49 -44.95 -33.30 3.95
N VAL A 50 -45.03 -32.41 2.95
CA VAL A 50 -45.71 -32.71 1.68
C VAL A 50 -44.98 -33.77 0.87
N VAL A 51 -43.65 -33.71 0.78
CA VAL A 51 -42.88 -34.76 0.10
C VAL A 51 -43.12 -36.12 0.75
N GLN A 52 -43.32 -36.17 2.07
CA GLN A 52 -43.68 -37.39 2.77
C GLN A 52 -45.11 -37.82 2.47
N LEU A 53 -46.09 -36.90 2.54
CA LEU A 53 -47.50 -37.20 2.26
C LEU A 53 -47.68 -37.80 0.87
N LEU A 54 -47.06 -37.21 -0.14
CA LEU A 54 -47.17 -37.71 -1.50
C LEU A 54 -46.54 -39.11 -1.60
N LEU A 55 -45.42 -39.36 -0.95
CA LEU A 55 -44.83 -40.70 -0.89
C LEU A 55 -45.71 -41.70 -0.12
N LYS A 56 -46.43 -41.25 0.91
CA LYS A 56 -47.41 -42.05 1.66
C LYS A 56 -48.66 -42.36 0.84
N LYS A 57 -49.14 -41.41 0.03
CA LYS A 57 -50.33 -41.54 -0.83
C LYS A 57 -50.12 -42.40 -2.07
N GLY A 58 -48.95 -42.31 -2.72
CA GLY A 58 -48.66 -43.12 -3.92
C GLY A 58 -47.83 -42.44 -5.00
N ALA A 59 -46.94 -41.51 -4.65
CA ALA A 59 -46.06 -40.86 -5.62
C ALA A 59 -44.99 -41.80 -6.19
N LEU A 60 -44.40 -41.42 -7.33
CA LEU A 60 -43.42 -42.19 -8.11
C LEU A 60 -42.20 -41.35 -8.43
N PHE A 61 -40.99 -41.91 -8.36
CA PHE A 61 -39.72 -41.21 -8.66
C PHE A 61 -39.46 -40.99 -10.16
N LEU A 62 -40.45 -40.42 -10.85
CA LEU A 62 -40.41 -39.95 -12.24
C LEU A 62 -39.43 -38.77 -12.39
N SER A 63 -39.28 -38.20 -13.59
CA SER A 63 -38.27 -37.16 -13.84
C SER A 63 -38.68 -36.02 -14.80
N ASP A 64 -38.11 -34.85 -14.56
CA ASP A 64 -38.28 -33.56 -15.28
C ASP A 64 -37.98 -33.68 -16.78
N HIS A 65 -38.37 -32.72 -17.62
CA HIS A 65 -37.91 -32.66 -19.01
C HIS A 65 -36.37 -32.57 -19.15
N ASN A 66 -35.69 -32.03 -18.13
CA ASN A 66 -34.23 -32.04 -17.97
C ASN A 66 -33.69 -33.35 -17.37
N GLY A 67 -34.56 -34.30 -17.03
CA GLY A 67 -34.20 -35.60 -16.46
C GLY A 67 -33.99 -35.62 -14.95
N TRP A 68 -34.20 -34.50 -14.26
CA TRP A 68 -34.01 -34.40 -12.80
C TRP A 68 -35.03 -35.22 -12.01
N THR A 69 -34.60 -35.87 -10.94
CA THR A 69 -35.48 -36.54 -9.95
C THR A 69 -35.99 -35.60 -8.86
N ALA A 70 -36.83 -36.10 -7.95
CA ALA A 70 -37.11 -35.41 -6.69
C ALA A 70 -35.82 -35.19 -5.88
N LEU A 71 -34.95 -36.20 -5.75
CA LEU A 71 -33.73 -36.08 -4.96
C LEU A 71 -32.75 -35.06 -5.54
N HIS A 72 -32.71 -34.87 -6.86
CA HIS A 72 -31.95 -33.80 -7.49
C HIS A 72 -32.46 -32.42 -7.06
N HIS A 73 -33.79 -32.20 -7.09
CA HIS A 73 -34.37 -30.95 -6.63
C HIS A 73 -34.19 -30.71 -5.13
N ALA A 74 -34.33 -31.76 -4.31
CA ALA A 74 -34.08 -31.66 -2.87
C ALA A 74 -32.63 -31.29 -2.57
N SER A 75 -31.68 -31.91 -3.28
CA SER A 75 -30.25 -31.65 -3.15
C SER A 75 -29.89 -30.23 -3.59
N MET A 76 -30.47 -29.76 -4.70
CA MET A 76 -30.22 -28.43 -5.25
C MET A 76 -30.52 -27.31 -4.23
N GLY A 77 -31.50 -27.50 -3.37
CA GLY A 77 -31.83 -26.57 -2.28
C GLY A 77 -31.17 -26.86 -0.94
N GLY A 78 -30.43 -27.97 -0.83
CA GLY A 78 -29.80 -28.40 0.42
C GLY A 78 -30.78 -28.86 1.50
N TYR A 79 -31.99 -29.26 1.11
CA TYR A 79 -33.07 -29.58 2.04
C TYR A 79 -32.94 -30.99 2.62
N THR A 80 -31.96 -31.19 3.51
CA THR A 80 -31.67 -32.47 4.17
C THR A 80 -32.91 -33.17 4.71
N GLN A 81 -33.88 -32.46 5.27
CA GLN A 81 -35.12 -33.06 5.76
C GLN A 81 -35.90 -33.77 4.64
N THR A 82 -36.10 -33.13 3.48
CA THR A 82 -36.76 -33.78 2.34
C THR A 82 -35.93 -34.91 1.75
N MET A 83 -34.60 -34.80 1.74
CA MET A 83 -33.76 -35.91 1.29
C MET A 83 -33.88 -37.10 2.22
N LYS A 84 -33.85 -36.88 3.53
CA LYS A 84 -33.96 -37.92 4.55
C LYS A 84 -35.28 -38.66 4.46
N VAL A 85 -36.37 -37.98 4.11
CA VAL A 85 -37.67 -38.59 3.79
C VAL A 85 -37.63 -39.42 2.50
N ILE A 86 -37.01 -38.92 1.43
CA ILE A 86 -36.87 -39.67 0.17
C ILE A 86 -36.04 -40.95 0.40
N LEU A 87 -34.86 -40.84 1.00
CA LEU A 87 -33.94 -41.95 1.29
C LEU A 87 -34.56 -43.00 2.22
N ASP A 88 -35.46 -42.62 3.14
CA ASP A 88 -36.20 -43.58 3.96
C ASP A 88 -37.25 -44.39 3.19
N THR A 89 -37.69 -43.98 1.99
CA THR A 89 -38.52 -44.83 1.13
C THR A 89 -37.69 -45.68 0.19
N ASN A 90 -36.77 -45.06 -0.54
CA ASN A 90 -35.99 -45.69 -1.61
C ASN A 90 -34.57 -45.12 -1.66
N LEU A 91 -33.67 -45.57 -0.79
CA LEU A 91 -32.24 -45.26 -0.90
C LEU A 91 -31.63 -45.73 -2.24
N LYS A 92 -32.25 -46.72 -2.90
CA LYS A 92 -31.97 -47.13 -4.28
C LYS A 92 -32.22 -46.05 -5.34
N CYS A 93 -32.86 -44.93 -4.99
CA CYS A 93 -33.00 -43.74 -5.85
C CYS A 93 -31.66 -43.03 -6.12
N THR A 94 -30.72 -43.09 -5.17
CA THR A 94 -29.62 -42.12 -5.05
C THR A 94 -28.72 -41.99 -6.28
N ASP A 95 -28.51 -43.05 -7.05
CA ASP A 95 -27.58 -43.07 -8.19
C ASP A 95 -28.10 -42.48 -9.52
N ARG A 96 -29.34 -41.98 -9.59
CA ARG A 96 -29.98 -41.56 -10.86
C ARG A 96 -29.26 -40.37 -11.53
N LEU A 97 -29.17 -40.40 -12.86
CA LEU A 97 -28.46 -39.43 -13.70
C LEU A 97 -29.42 -38.54 -14.51
N ASP A 98 -29.15 -37.24 -14.63
CA ASP A 98 -29.90 -36.33 -15.53
C ASP A 98 -29.35 -36.31 -16.98
N GLU A 99 -29.80 -35.36 -17.82
CA GLU A 99 -29.30 -35.19 -19.20
C GLU A 99 -27.78 -34.94 -19.33
N ASP A 100 -27.11 -34.43 -18.30
CA ASP A 100 -25.65 -34.19 -18.32
C ASP A 100 -24.90 -35.20 -17.43
N GLY A 101 -25.57 -36.22 -16.92
CA GLY A 101 -24.96 -37.27 -16.11
C GLY A 101 -24.73 -36.90 -14.65
N ASN A 102 -25.34 -35.82 -14.15
CA ASN A 102 -25.16 -35.42 -12.76
C ASN A 102 -25.91 -36.37 -11.82
N THR A 103 -25.20 -37.09 -10.95
CA THR A 103 -25.82 -37.79 -9.81
C THR A 103 -26.26 -36.77 -8.76
N ALA A 104 -27.20 -37.07 -7.87
CA ALA A 104 -27.70 -36.10 -6.88
C ALA A 104 -26.60 -35.37 -6.08
N LEU A 105 -25.54 -36.11 -5.73
CA LEU A 105 -24.38 -35.59 -5.02
C LEU A 105 -23.60 -34.52 -5.79
N HIS A 106 -23.72 -34.45 -7.11
CA HIS A 106 -23.12 -33.36 -7.90
C HIS A 106 -23.79 -32.03 -7.57
N PHE A 107 -25.11 -32.02 -7.39
CA PHE A 107 -25.84 -30.79 -7.12
C PHE A 107 -25.63 -30.31 -5.68
N ALA A 108 -25.72 -31.21 -4.70
CA ALA A 108 -25.47 -30.84 -3.31
C ALA A 108 -24.07 -30.22 -3.14
N ALA A 109 -23.09 -30.73 -3.88
CA ALA A 109 -21.75 -30.17 -3.89
C ALA A 109 -21.66 -28.84 -4.66
N ARG A 110 -22.15 -28.77 -5.89
CA ARG A 110 -22.05 -27.57 -6.74
C ARG A 110 -22.70 -26.35 -6.10
N GLU A 111 -23.86 -26.52 -5.50
CA GLU A 111 -24.59 -25.45 -4.82
C GLU A 111 -24.04 -25.10 -3.43
N GLY A 112 -23.06 -25.84 -2.92
CA GLY A 112 -22.36 -25.53 -1.67
C GLY A 112 -23.05 -25.98 -0.38
N HIS A 113 -23.98 -26.95 -0.43
CA HIS A 113 -24.78 -27.38 0.71
C HIS A 113 -24.12 -28.52 1.48
N ALA A 114 -23.22 -28.19 2.41
CA ALA A 114 -22.37 -29.17 3.06
C ALA A 114 -23.13 -30.27 3.83
N LYS A 115 -24.17 -29.93 4.62
CA LYS A 115 -24.97 -30.94 5.31
C LYS A 115 -25.75 -31.85 4.34
N ALA A 116 -26.08 -31.38 3.14
CA ALA A 116 -26.67 -32.24 2.12
C ALA A 116 -25.65 -33.21 1.53
N VAL A 117 -24.42 -32.74 1.27
CA VAL A 117 -23.30 -33.60 0.87
C VAL A 117 -23.02 -34.65 1.94
N ALA A 118 -22.98 -34.27 3.21
CA ALA A 118 -22.76 -35.23 4.29
C ALA A 118 -23.82 -36.34 4.33
N LEU A 119 -25.10 -35.99 4.13
CA LEU A 119 -26.17 -36.99 4.12
C LEU A 119 -26.03 -37.97 2.95
N LEU A 120 -25.84 -37.50 1.72
CA LEU A 120 -25.67 -38.39 0.57
C LEU A 120 -24.35 -39.17 0.64
N LEU A 121 -23.26 -38.55 1.08
CA LEU A 121 -21.93 -39.17 1.06
C LEU A 121 -21.79 -40.24 2.15
N SER A 122 -22.45 -40.08 3.30
CA SER A 122 -22.49 -41.09 4.38
C SER A 122 -23.43 -42.26 4.06
N HIS A 123 -24.55 -42.03 3.39
CA HIS A 123 -25.25 -43.07 2.64
C HIS A 123 -24.42 -43.54 1.43
N ASN A 124 -24.85 -44.60 0.74
CA ASN A 124 -24.09 -45.15 -0.38
C ASN A 124 -24.30 -44.39 -1.70
N ALA A 125 -24.17 -43.07 -1.72
CA ALA A 125 -24.15 -42.34 -2.99
C ALA A 125 -22.97 -42.79 -3.85
N ASP A 126 -23.24 -43.08 -5.12
CA ASP A 126 -22.23 -43.48 -6.09
C ASP A 126 -21.39 -42.27 -6.51
N ILE A 127 -20.14 -42.21 -6.05
CA ILE A 127 -19.17 -41.24 -6.56
C ILE A 127 -18.87 -41.64 -8.02
N VAL A 128 -19.25 -40.79 -8.97
CA VAL A 128 -19.16 -41.08 -10.40
C VAL A 128 -18.95 -39.80 -11.20
N LEU A 129 -18.29 -39.90 -12.36
CA LEU A 129 -18.15 -38.78 -13.28
C LEU A 129 -19.50 -38.40 -13.91
N ASN A 130 -19.77 -37.10 -14.04
CA ASN A 130 -20.80 -36.62 -14.96
C ASN A 130 -20.29 -36.69 -16.42
N LYS A 131 -21.13 -36.38 -17.40
CA LYS A 131 -20.80 -36.47 -18.83
C LYS A 131 -20.06 -35.24 -19.39
N GLN A 132 -19.67 -34.30 -18.53
CA GLN A 132 -18.54 -33.38 -18.75
C GLN A 132 -17.23 -33.89 -18.10
N GLN A 133 -17.21 -35.15 -17.64
CA GLN A 133 -16.07 -35.86 -17.07
C GLN A 133 -15.46 -35.16 -15.85
N ALA A 134 -16.32 -34.67 -14.98
CA ALA A 134 -16.01 -34.09 -13.68
C ALA A 134 -16.63 -34.92 -12.55
N SER A 135 -15.93 -35.04 -11.42
CA SER A 135 -16.48 -35.60 -10.19
C SER A 135 -17.16 -34.51 -9.36
N PHE A 136 -17.99 -34.89 -8.39
CA PHE A 136 -18.65 -33.93 -7.50
C PHE A 136 -17.66 -32.99 -6.79
N LEU A 137 -16.47 -33.49 -6.45
CA LEU A 137 -15.39 -32.68 -5.88
C LEU A 137 -14.86 -31.63 -6.86
N HIS A 138 -14.76 -31.89 -8.16
CA HIS A 138 -14.43 -30.85 -9.14
C HIS A 138 -15.52 -29.78 -9.22
N LEU A 139 -16.79 -30.17 -9.13
CA LEU A 139 -17.91 -29.23 -9.13
C LEU A 139 -17.91 -28.35 -7.88
N ALA A 140 -17.51 -28.85 -6.72
CA ALA A 140 -17.29 -28.03 -5.54
C ALA A 140 -16.13 -27.05 -5.73
N LEU A 141 -14.98 -27.55 -6.22
CA LEU A 141 -13.76 -26.76 -6.34
C LEU A 141 -13.87 -25.64 -7.37
N HIS A 142 -14.38 -25.91 -8.57
CA HIS A 142 -14.60 -24.89 -9.60
C HIS A 142 -15.68 -23.86 -9.25
N ASN A 143 -16.31 -23.99 -8.07
CA ASN A 143 -17.28 -23.04 -7.50
C ASN A 143 -16.86 -22.55 -6.11
N LYS A 144 -15.61 -22.81 -5.68
CA LYS A 144 -15.04 -22.35 -4.40
C LYS A 144 -15.88 -22.69 -3.15
N ARG A 145 -16.57 -23.84 -3.16
CA ARG A 145 -17.44 -24.29 -2.05
C ARG A 145 -16.65 -24.86 -0.88
N LYS A 146 -16.04 -24.01 -0.05
CA LYS A 146 -15.15 -24.42 1.05
C LYS A 146 -15.76 -25.47 1.95
N GLU A 147 -16.95 -25.25 2.49
CA GLU A 147 -17.52 -26.15 3.50
C GLU A 147 -17.92 -27.53 2.94
N VAL A 148 -18.20 -27.62 1.64
CA VAL A 148 -18.38 -28.90 0.95
C VAL A 148 -17.06 -29.64 0.81
N VAL A 149 -16.01 -28.98 0.31
CA VAL A 149 -14.70 -29.60 0.11
C VAL A 149 -14.10 -30.02 1.44
N LEU A 150 -14.23 -29.17 2.46
CA LEU A 150 -13.84 -29.47 3.82
C LEU A 150 -14.67 -30.63 4.40
N THR A 151 -15.98 -30.69 4.17
CA THR A 151 -16.81 -31.84 4.60
C THR A 151 -16.40 -33.14 3.92
N ILE A 152 -16.03 -33.10 2.65
CA ILE A 152 -15.52 -34.28 1.93
C ILE A 152 -14.18 -34.75 2.52
N ILE A 153 -13.26 -33.84 2.81
CA ILE A 153 -11.93 -34.14 3.40
C ILE A 153 -12.05 -34.66 4.85
N ARG A 154 -13.00 -34.13 5.64
CA ARG A 154 -13.32 -34.62 6.99
C ARG A 154 -13.99 -36.00 6.94
N SER A 155 -14.72 -36.33 5.87
CA SER A 155 -15.53 -37.54 5.75
C SER A 155 -14.70 -38.83 5.63
N LYS A 156 -15.28 -39.94 6.10
CA LYS A 156 -14.69 -41.29 6.09
C LYS A 156 -14.48 -41.89 4.70
N ARG A 157 -14.83 -41.18 3.62
CA ARG A 157 -14.72 -41.63 2.22
C ARG A 157 -13.74 -40.83 1.36
N TRP A 158 -12.99 -39.89 1.93
CA TRP A 158 -12.03 -39.06 1.18
C TRP A 158 -11.07 -39.87 0.30
N ASP A 159 -10.56 -40.98 0.80
CA ASP A 159 -9.65 -41.89 0.09
C ASP A 159 -10.29 -42.67 -1.08
N GLU A 160 -11.61 -42.63 -1.25
CA GLU A 160 -12.27 -43.00 -2.51
C GLU A 160 -12.44 -41.77 -3.41
N CYS A 161 -12.80 -40.62 -2.84
CA CYS A 161 -13.12 -39.38 -3.55
C CYS A 161 -11.94 -38.85 -4.38
N LEU A 162 -10.72 -38.92 -3.87
CA LEU A 162 -9.52 -38.43 -4.55
C LEU A 162 -9.14 -39.25 -5.79
N LYS A 163 -9.36 -40.57 -5.77
CA LYS A 163 -8.93 -41.50 -6.84
C LYS A 163 -9.71 -41.35 -8.15
N ILE A 164 -10.90 -40.74 -8.12
CA ILE A 164 -11.86 -40.79 -9.22
C ILE A 164 -11.78 -39.50 -10.06
N PHE A 165 -10.96 -39.52 -11.10
CA PHE A 165 -10.91 -38.51 -12.17
C PHE A 165 -10.37 -39.10 -13.49
N SER A 166 -10.69 -38.46 -14.63
CA SER A 166 -10.26 -38.89 -15.98
C SER A 166 -8.96 -38.18 -16.42
N HIS A 167 -7.83 -38.89 -16.40
CA HIS A 167 -6.50 -38.34 -16.71
C HIS A 167 -6.40 -37.61 -18.05
N ASN A 168 -7.16 -38.05 -19.06
CA ASN A 168 -7.12 -37.45 -20.41
C ASN A 168 -7.83 -36.08 -20.52
N SER A 169 -8.48 -35.58 -19.45
CA SER A 169 -9.15 -34.27 -19.50
C SER A 169 -8.16 -33.09 -19.44
N PRO A 170 -8.25 -32.11 -20.36
CA PRO A 170 -7.52 -30.85 -20.24
C PRO A 170 -8.14 -29.89 -19.21
N GLY A 171 -9.41 -30.09 -18.85
CA GLY A 171 -10.16 -29.21 -17.94
C GLY A 171 -10.13 -29.64 -16.47
N ASN A 172 -10.07 -30.95 -16.20
CA ASN A 172 -10.07 -31.52 -14.85
C ASN A 172 -8.77 -32.29 -14.56
N LYS A 173 -8.00 -31.83 -13.58
CA LYS A 173 -6.73 -32.43 -13.12
C LYS A 173 -6.93 -33.21 -11.82
N CYS A 174 -5.87 -33.85 -11.31
CA CYS A 174 -5.89 -34.50 -9.99
C CYS A 174 -6.34 -33.50 -8.93
N PRO A 175 -7.36 -33.80 -8.11
CA PRO A 175 -8.02 -32.82 -7.23
C PRO A 175 -7.09 -32.01 -6.34
N ILE A 176 -5.95 -32.55 -5.89
CA ILE A 176 -5.00 -31.78 -5.09
C ILE A 176 -4.49 -30.55 -5.87
N THR A 177 -4.17 -30.72 -7.15
CA THR A 177 -3.75 -29.62 -8.04
C THR A 177 -4.93 -28.76 -8.54
N GLU A 178 -6.16 -29.10 -8.17
CA GLU A 178 -7.33 -28.21 -8.25
C GLU A 178 -7.52 -27.44 -6.93
N MET A 179 -7.41 -28.08 -5.75
CA MET A 179 -7.46 -27.39 -4.46
C MET A 179 -6.40 -26.31 -4.36
N ILE A 180 -5.17 -26.59 -4.79
CA ILE A 180 -4.09 -25.60 -4.76
C ILE A 180 -4.40 -24.41 -5.70
N GLU A 181 -5.12 -24.63 -6.78
CA GLU A 181 -5.50 -23.59 -7.74
C GLU A 181 -6.70 -22.75 -7.27
N TYR A 182 -7.65 -23.35 -6.53
CA TYR A 182 -8.94 -22.73 -6.17
C TYR A 182 -9.21 -22.50 -4.68
N LEU A 183 -8.77 -23.38 -3.79
CA LEU A 183 -9.07 -23.37 -2.34
C LEU A 183 -7.85 -23.79 -1.51
N PRO A 184 -6.84 -22.92 -1.34
CA PRO A 184 -5.60 -23.29 -0.66
C PRO A 184 -5.81 -23.52 0.85
N GLU A 185 -6.80 -22.90 1.47
CA GLU A 185 -7.05 -23.13 2.90
C GLU A 185 -7.64 -24.52 3.17
N CYS A 186 -8.31 -25.15 2.19
CA CYS A 186 -8.64 -26.58 2.24
C CYS A 186 -7.38 -27.44 2.13
N MET A 187 -6.41 -27.08 1.29
CA MET A 187 -5.14 -27.80 1.20
C MET A 187 -4.35 -27.71 2.52
N LYS A 188 -4.38 -26.57 3.20
CA LYS A 188 -3.85 -26.43 4.56
C LYS A 188 -4.56 -27.38 5.54
N VAL A 189 -5.89 -27.43 5.51
CA VAL A 189 -6.71 -28.36 6.33
C VAL A 189 -6.39 -29.82 6.02
N LEU A 190 -6.13 -30.17 4.75
CA LEU A 190 -5.71 -31.51 4.35
C LEU A 190 -4.31 -31.86 4.87
N LEU A 191 -3.33 -30.98 4.70
CA LEU A 191 -1.96 -31.21 5.17
C LEU A 191 -1.85 -31.28 6.69
N ASP A 192 -2.77 -30.67 7.45
CA ASP A 192 -2.79 -30.85 8.91
C ASP A 192 -2.97 -32.32 9.33
N PHE A 193 -3.70 -33.14 8.56
CA PHE A 193 -3.77 -34.59 8.79
C PHE A 193 -2.41 -35.27 8.63
N CYS A 194 -1.56 -34.74 7.75
CA CYS A 194 -0.25 -35.32 7.44
C CYS A 194 0.81 -35.10 8.52
N MET A 195 0.57 -34.23 9.50
CA MET A 195 1.43 -34.06 10.68
C MET A 195 0.91 -34.94 11.84
N LEU A 196 1.69 -35.91 12.29
CA LEU A 196 1.40 -36.76 13.45
C LEU A 196 2.33 -36.40 14.61
N HIS A 197 1.79 -36.26 15.82
CA HIS A 197 2.56 -35.96 17.04
C HIS A 197 2.49 -37.16 17.99
N SER A 198 3.63 -37.74 18.35
CA SER A 198 3.66 -39.07 18.99
C SER A 198 3.38 -39.05 20.50
N THR A 199 3.85 -38.02 21.22
CA THR A 199 3.94 -38.04 22.69
C THR A 199 3.26 -36.88 23.44
N GLU A 200 2.64 -35.92 22.73
CA GLU A 200 1.90 -34.79 23.31
C GLU A 200 2.66 -33.90 24.34
N ASP A 201 4.00 -33.95 24.34
CA ASP A 201 4.86 -33.21 25.26
C ASP A 201 6.23 -32.91 24.64
N LYS A 202 6.31 -31.80 23.90
CA LYS A 202 7.45 -31.47 23.04
C LYS A 202 8.80 -31.26 23.74
N SER A 203 8.80 -31.07 25.06
CA SER A 203 10.02 -30.96 25.87
C SER A 203 10.73 -32.31 26.13
N CYS A 204 10.03 -33.44 26.00
CA CYS A 204 10.56 -34.77 26.35
C CYS A 204 11.59 -35.29 25.32
N ARG A 205 12.65 -35.97 25.79
CA ARG A 205 13.64 -36.59 24.90
C ARG A 205 13.08 -37.74 24.04
N ASP A 206 12.04 -38.43 24.52
CA ASP A 206 11.30 -39.46 23.77
C ASP A 206 10.30 -38.92 22.74
N TYR A 207 10.10 -37.60 22.65
CA TYR A 207 9.15 -36.97 21.71
C TYR A 207 9.57 -37.16 20.25
N TYR A 208 8.61 -37.36 19.36
CA TYR A 208 8.80 -37.20 17.91
C TYR A 208 7.54 -36.75 17.20
N ILE A 209 7.73 -36.18 16.02
CA ILE A 209 6.67 -35.81 15.08
C ILE A 209 6.97 -36.43 13.70
N GLU A 210 5.93 -36.78 12.94
CA GLU A 210 6.07 -37.50 11.67
C GLU A 210 5.24 -36.84 10.57
N TYR A 211 5.81 -36.80 9.36
CA TYR A 211 5.21 -36.20 8.18
C TYR A 211 4.91 -37.28 7.15
N ASN A 212 3.71 -37.30 6.56
CA ASN A 212 3.35 -38.20 5.45
C ASN A 212 3.13 -37.40 4.16
N PHE A 213 3.73 -37.83 3.05
CA PHE A 213 3.76 -37.04 1.81
C PHE A 213 2.78 -37.49 0.71
N LYS A 214 1.82 -38.38 0.97
CA LYS A 214 1.02 -39.00 -0.12
C LYS A 214 0.27 -38.03 -1.03
N TYR A 215 -0.11 -36.84 -0.54
CA TYR A 215 -0.77 -35.81 -1.35
C TYR A 215 0.18 -34.90 -2.15
N LEU A 216 1.49 -34.88 -1.85
CA LEU A 216 2.44 -34.00 -2.54
C LEU A 216 3.09 -34.64 -3.77
N GLN A 217 3.18 -35.97 -3.80
CA GLN A 217 3.47 -36.74 -5.02
C GLN A 217 2.22 -36.86 -5.91
N CYS A 218 2.40 -37.35 -7.14
CA CYS A 218 1.30 -37.47 -8.10
C CYS A 218 0.27 -38.54 -7.67
N LEU A 236 7.51 -33.10 -9.11
CA LEU A 236 6.92 -32.49 -7.92
C LEU A 236 5.57 -31.81 -8.23
N THR A 237 4.54 -32.56 -8.61
CA THR A 237 3.29 -32.00 -9.16
C THR A 237 2.57 -31.02 -8.22
N ALA A 238 2.41 -31.36 -6.94
CA ALA A 238 1.74 -30.47 -6.01
C ALA A 238 2.53 -29.18 -5.76
N LEU A 239 3.84 -29.26 -5.52
CA LEU A 239 4.64 -28.08 -5.25
C LEU A 239 4.81 -27.20 -6.50
N ASN A 240 4.92 -27.76 -7.70
CA ASN A 240 4.85 -26.95 -8.92
C ASN A 240 3.52 -26.20 -9.00
N ALA A 241 2.40 -26.85 -8.69
CA ALA A 241 1.10 -26.18 -8.69
C ALA A 241 1.03 -25.09 -7.62
N MET A 242 1.66 -25.27 -6.46
CA MET A 242 1.71 -24.24 -5.42
C MET A 242 2.55 -23.04 -5.86
N VAL A 243 3.68 -23.26 -6.54
CA VAL A 243 4.54 -22.19 -7.09
C VAL A 243 3.80 -21.41 -8.20
N GLN A 244 3.20 -22.12 -9.16
CA GLN A 244 2.49 -21.51 -10.29
C GLN A 244 1.27 -20.69 -9.84
N ASN A 245 0.67 -21.05 -8.70
CA ASN A 245 -0.43 -20.32 -8.05
C ASN A 245 0.02 -19.42 -6.88
N ASN A 246 1.31 -19.13 -6.74
CA ASN A 246 1.84 -18.15 -5.80
C ASN A 246 1.52 -18.44 -4.32
N ARG A 247 1.37 -19.71 -3.93
CA ARG A 247 0.91 -20.14 -2.58
C ARG A 247 2.02 -20.13 -1.52
N ILE A 248 2.62 -18.97 -1.28
CA ILE A 248 3.69 -18.79 -0.28
C ILE A 248 3.37 -19.40 1.10
N GLU A 249 2.12 -19.34 1.55
CA GLU A 249 1.70 -19.85 2.87
C GLU A 249 1.52 -21.37 2.93
N LEU A 250 1.48 -22.06 1.77
CA LEU A 250 1.54 -23.52 1.69
C LEU A 250 2.99 -23.99 1.49
N LEU A 251 3.79 -23.25 0.72
CA LEU A 251 5.23 -23.49 0.59
C LEU A 251 5.94 -23.42 1.96
N ASN A 252 5.48 -22.52 2.83
CA ASN A 252 5.96 -22.40 4.21
C ASN A 252 5.32 -23.39 5.20
N HIS A 253 4.39 -24.25 4.79
CA HIS A 253 3.77 -25.21 5.70
C HIS A 253 4.77 -26.32 6.10
N PRO A 254 4.87 -26.73 7.37
CA PRO A 254 5.88 -27.70 7.81
C PRO A 254 5.95 -28.99 6.99
N VAL A 255 4.83 -29.50 6.48
CA VAL A 255 4.83 -30.70 5.61
C VAL A 255 5.55 -30.44 4.28
N CYS A 256 5.39 -29.27 3.68
CA CYS A 256 6.10 -28.89 2.46
C CYS A 256 7.59 -28.63 2.72
N LYS A 257 7.95 -28.00 3.83
CA LYS A 257 9.38 -27.80 4.18
C LYS A 257 10.08 -29.14 4.42
N GLU A 258 9.46 -30.06 5.14
CA GLU A 258 10.02 -31.40 5.31
C GLU A 258 10.03 -32.22 4.02
N TYR A 259 9.05 -32.04 3.13
CA TYR A 259 9.08 -32.70 1.82
C TYR A 259 10.25 -32.21 0.95
N LEU A 260 10.49 -30.90 0.87
CA LEU A 260 11.65 -30.39 0.14
C LEU A 260 12.97 -30.76 0.79
N LEU A 261 13.10 -30.64 2.12
CA LEU A 261 14.32 -31.02 2.82
C LEU A 261 14.64 -32.49 2.60
N MET A 262 13.64 -33.36 2.66
CA MET A 262 13.80 -34.76 2.30
C MET A 262 14.26 -34.91 0.86
N LYS A 263 13.60 -34.26 -0.10
CA LYS A 263 13.93 -34.39 -1.53
C LYS A 263 15.38 -33.95 -1.81
N TRP A 264 15.84 -32.90 -1.15
CA TRP A 264 17.22 -32.44 -1.20
C TRP A 264 18.18 -33.43 -0.54
N LEU A 265 17.92 -33.94 0.66
CA LEU A 265 18.76 -34.96 1.29
C LEU A 265 18.77 -36.29 0.53
N ALA A 266 17.69 -36.64 -0.16
CA ALA A 266 17.53 -37.89 -0.88
C ALA A 266 18.48 -37.96 -2.09
N TYR A 267 18.36 -37.02 -3.03
CA TYR A 267 19.22 -36.97 -4.22
C TYR A 267 19.63 -35.55 -4.64
N GLY A 268 18.89 -34.50 -4.27
CA GLY A 268 19.17 -33.15 -4.77
C GLY A 268 20.57 -32.66 -4.37
N PHE A 269 20.94 -32.84 -3.10
CA PHE A 269 22.28 -32.54 -2.61
C PHE A 269 23.36 -33.40 -3.29
N ARG A 270 23.10 -34.70 -3.48
CA ARG A 270 24.04 -35.60 -4.17
C ARG A 270 24.29 -35.14 -5.59
N ALA A 271 23.25 -34.83 -6.36
CA ALA A 271 23.40 -34.40 -7.74
C ALA A 271 24.06 -33.01 -7.84
N HIS A 272 23.77 -32.10 -6.91
CA HIS A 272 24.44 -30.81 -6.87
C HIS A 272 25.93 -30.95 -6.56
N MET A 273 26.31 -31.64 -5.49
CA MET A 273 27.69 -31.85 -5.09
C MET A 273 28.49 -32.68 -6.09
N MET A 274 27.87 -33.57 -6.87
CA MET A 274 28.51 -34.21 -8.01
C MET A 274 28.87 -33.15 -9.08
N ASN A 275 27.93 -32.27 -9.42
CA ASN A 275 28.14 -31.25 -10.45
C ASN A 275 29.17 -30.18 -10.02
N LEU A 276 28.96 -29.57 -8.84
CA LEU A 276 29.86 -28.60 -8.24
C LEU A 276 31.23 -29.20 -7.92
N GLY A 277 31.30 -30.45 -7.47
CA GLY A 277 32.56 -31.14 -7.23
C GLY A 277 33.39 -31.32 -8.51
N SER A 278 32.75 -31.69 -9.62
CA SER A 278 33.45 -31.83 -10.90
C SER A 278 34.03 -30.49 -11.42
N TYR A 279 33.43 -29.36 -11.03
CA TYR A 279 33.96 -28.03 -11.30
C TYR A 279 35.03 -27.62 -10.28
N CYS A 280 34.77 -27.83 -8.99
CA CYS A 280 35.66 -27.47 -7.90
C CYS A 280 37.03 -28.17 -8.01
N LEU A 281 37.04 -29.38 -8.59
CA LEU A 281 38.22 -30.17 -8.92
C LEU A 281 39.13 -29.53 -9.99
N GLY A 282 38.67 -28.48 -10.68
CA GLY A 282 39.51 -27.57 -11.47
C GLY A 282 39.75 -26.21 -10.78
N LEU A 283 38.71 -25.64 -10.18
CA LEU A 283 38.75 -24.34 -9.50
C LEU A 283 39.87 -24.23 -8.48
N ILE A 284 40.00 -25.21 -7.59
CA ILE A 284 40.96 -25.16 -6.50
C ILE A 284 42.39 -25.40 -7.02
N PRO A 285 42.71 -26.51 -7.72
CA PRO A 285 44.04 -26.70 -8.30
C PRO A 285 44.56 -25.54 -9.14
N MET A 286 43.74 -24.84 -9.92
CA MET A 286 44.24 -23.67 -10.64
C MET A 286 44.70 -22.54 -9.71
N THR A 287 44.01 -22.25 -8.60
CA THR A 287 44.55 -21.25 -7.64
C THR A 287 45.80 -21.74 -6.93
N ILE A 288 45.90 -23.03 -6.62
CA ILE A 288 47.12 -23.58 -6.00
C ILE A 288 48.31 -23.43 -6.95
N LEU A 289 48.06 -23.62 -8.25
CA LEU A 289 49.02 -23.43 -9.33
C LEU A 289 49.40 -21.96 -9.55
N VAL A 290 48.52 -21.00 -9.23
CA VAL A 290 48.85 -19.57 -9.17
C VAL A 290 49.74 -19.25 -7.97
N VAL A 291 49.25 -19.45 -6.75
CA VAL A 291 49.90 -18.84 -5.58
C VAL A 291 51.27 -19.44 -5.24
N ASN A 292 51.60 -20.63 -5.75
CA ASN A 292 52.92 -21.24 -5.58
C ASN A 292 53.95 -20.88 -6.67
N ILE A 293 53.60 -20.10 -7.70
CA ILE A 293 54.51 -19.70 -8.79
C ILE A 293 54.48 -18.18 -8.93
N LYS A 294 55.62 -17.48 -9.03
CA LYS A 294 55.60 -16.02 -9.23
C LYS A 294 55.01 -15.70 -10.61
N PRO A 295 53.90 -14.94 -10.71
CA PRO A 295 53.27 -14.63 -11.99
C PRO A 295 54.21 -13.97 -12.99
N GLY A 296 54.31 -14.57 -14.17
CA GLY A 296 55.24 -14.19 -15.24
C GLY A 296 56.36 -15.21 -15.48
N MET A 297 56.69 -16.07 -14.52
CA MET A 297 57.66 -17.15 -14.73
C MET A 297 57.08 -18.29 -15.56
N ALA A 298 57.76 -18.77 -16.59
CA ALA A 298 57.35 -19.99 -17.29
C ALA A 298 57.43 -21.22 -16.36
N PHE A 299 56.56 -22.21 -16.56
CA PHE A 299 56.63 -23.44 -15.77
C PHE A 299 56.23 -24.68 -16.56
N ASN A 300 56.70 -25.84 -16.08
CA ASN A 300 56.47 -27.19 -16.62
C ASN A 300 56.23 -28.13 -15.44
N SER A 301 55.86 -29.38 -15.67
CA SER A 301 55.69 -30.36 -14.57
C SER A 301 56.97 -30.56 -13.75
N THR A 302 58.13 -30.41 -14.39
CA THR A 302 59.44 -30.46 -13.75
C THR A 302 59.73 -29.29 -12.79
N GLY A 303 58.91 -28.24 -12.78
CA GLY A 303 59.03 -27.10 -11.87
C GLY A 303 59.01 -25.74 -12.56
N ILE A 304 59.74 -24.77 -12.01
CA ILE A 304 59.67 -23.35 -12.40
C ILE A 304 60.99 -22.95 -13.09
N ILE A 305 60.90 -22.16 -14.16
CA ILE A 305 62.04 -21.67 -14.95
C ILE A 305 62.30 -20.19 -14.65
N ASN A 306 63.58 -19.81 -14.56
CA ASN A 306 64.06 -18.45 -14.32
C ASN A 306 65.20 -18.06 -15.29
N ILE A 314 68.07 -21.06 -15.56
CA ILE A 314 67.83 -21.79 -14.32
C ILE A 314 66.46 -22.50 -14.36
N LEU A 315 66.40 -23.71 -13.81
CA LEU A 315 65.17 -24.49 -13.58
C LEU A 315 65.25 -25.11 -12.17
N ASP A 316 64.19 -25.03 -11.37
CA ASP A 316 64.19 -25.54 -9.99
C ASP A 316 62.88 -26.25 -9.58
N THR A 317 63.04 -27.20 -8.65
CA THR A 317 62.14 -28.37 -8.49
C THR A 317 61.30 -28.36 -7.19
N THR A 318 61.37 -27.30 -6.40
CA THR A 318 60.93 -27.23 -4.99
C THR A 318 59.45 -27.49 -4.73
N ASN A 319 58.60 -27.45 -5.76
CA ASN A 319 57.16 -27.72 -5.69
C ASN A 319 56.71 -28.74 -6.75
N SER A 320 57.62 -29.52 -7.34
CA SER A 320 57.35 -30.24 -8.59
C SER A 320 56.15 -31.20 -8.50
N TYR A 321 55.97 -31.95 -7.41
CA TYR A 321 54.83 -32.85 -7.30
C TYR A 321 53.48 -32.11 -7.18
N LEU A 322 53.46 -30.95 -6.50
CA LEU A 322 52.28 -30.08 -6.46
C LEU A 322 51.98 -29.47 -7.83
N ILE A 323 52.99 -28.96 -8.54
CA ILE A 323 52.78 -28.33 -9.85
C ILE A 323 52.35 -29.35 -10.90
N LYS A 324 52.98 -30.53 -10.94
CA LYS A 324 52.61 -31.63 -11.84
C LYS A 324 51.16 -32.08 -11.61
N THR A 325 50.78 -32.37 -10.37
CA THR A 325 49.42 -32.82 -10.07
C THR A 325 48.37 -31.74 -10.33
N CYS A 326 48.62 -30.48 -9.97
CA CYS A 326 47.68 -29.40 -10.25
C CYS A 326 47.50 -29.17 -11.75
N MET A 327 48.57 -29.25 -12.55
CA MET A 327 48.44 -29.15 -14.00
C MET A 327 47.63 -30.29 -14.61
N ILE A 328 47.90 -31.54 -14.23
CA ILE A 328 47.13 -32.67 -14.74
C ILE A 328 45.65 -32.53 -14.36
N LEU A 329 45.35 -32.15 -13.12
CA LEU A 329 43.96 -31.94 -12.66
C LEU A 329 43.23 -30.82 -13.42
N VAL A 330 43.87 -29.68 -13.67
CA VAL A 330 43.30 -28.60 -14.48
C VAL A 330 43.08 -29.03 -15.93
N PHE A 331 44.03 -29.77 -16.50
CA PHE A 331 43.91 -30.26 -17.87
C PHE A 331 42.73 -31.23 -18.02
N LEU A 332 42.64 -32.24 -17.14
CA LEU A 332 41.49 -33.16 -17.09
C LEU A 332 40.18 -32.41 -16.91
N SER A 333 40.11 -31.48 -15.95
CA SER A 333 38.91 -30.68 -15.72
C SER A 333 38.49 -29.89 -16.96
N SER A 334 39.45 -29.43 -17.76
CA SER A 334 39.17 -28.69 -19.00
C SER A 334 38.74 -29.58 -20.17
N ILE A 335 39.35 -30.75 -20.40
CA ILE A 335 38.88 -31.65 -21.47
C ILE A 335 37.54 -32.30 -21.14
N PHE A 336 37.26 -32.61 -19.87
CA PHE A 336 35.92 -33.03 -19.45
C PHE A 336 34.93 -31.85 -19.52
N GLY A 337 35.38 -30.62 -19.21
CA GLY A 337 34.58 -29.42 -19.32
C GLY A 337 34.00 -29.20 -20.72
N TYR A 338 34.79 -29.35 -21.77
CA TYR A 338 34.29 -29.33 -23.16
C TYR A 338 33.22 -30.40 -23.41
N CYS A 339 33.39 -31.60 -22.86
CA CYS A 339 32.46 -32.71 -23.09
C CYS A 339 31.10 -32.51 -22.40
N LYS A 340 31.07 -31.85 -21.23
CA LYS A 340 29.80 -31.43 -20.61
C LYS A 340 29.10 -30.31 -21.40
N GLU A 341 29.85 -29.50 -22.14
CA GLU A 341 29.34 -28.77 -23.31
C GLU A 341 29.22 -29.70 -24.52
N ILE A 356 24.31 -16.44 -19.52
CA ILE A 356 25.71 -16.34 -19.97
C ILE A 356 26.55 -17.53 -19.53
N SER A 357 26.01 -18.41 -18.68
CA SER A 357 26.72 -19.55 -18.07
C SER A 357 27.41 -20.43 -19.13
N ASN A 358 26.69 -20.75 -20.22
CA ASN A 358 27.24 -21.53 -21.34
C ASN A 358 28.44 -20.85 -22.04
N VAL A 359 28.54 -19.51 -22.00
CA VAL A 359 29.61 -18.73 -22.64
C VAL A 359 30.87 -18.71 -21.77
N LEU A 360 30.72 -18.49 -20.47
CA LEU A 360 31.84 -18.46 -19.53
C LEU A 360 32.57 -19.81 -19.47
N GLU A 361 31.85 -20.92 -19.59
CA GLU A 361 32.45 -22.25 -19.61
C GLU A 361 33.37 -22.44 -20.84
N TRP A 362 33.07 -21.85 -22.00
CA TRP A 362 34.03 -21.83 -23.13
C TRP A 362 35.24 -20.95 -22.84
N ILE A 363 35.06 -19.77 -22.24
CA ILE A 363 36.19 -18.88 -21.92
C ILE A 363 37.13 -19.54 -20.90
N ILE A 364 36.59 -20.23 -19.90
CA ILE A 364 37.39 -20.98 -18.94
C ILE A 364 38.13 -22.12 -19.64
N TYR A 365 37.44 -23.05 -20.29
CA TYR A 365 38.10 -24.27 -20.78
C TYR A 365 39.04 -24.03 -21.97
N THR A 366 38.72 -23.09 -22.86
CA THR A 366 39.66 -22.72 -23.96
C THR A 366 40.89 -21.97 -23.47
N THR A 367 40.92 -21.47 -22.23
CA THR A 367 42.01 -20.63 -21.69
C THR A 367 42.78 -21.31 -20.56
N GLY A 368 42.10 -22.07 -19.70
CA GLY A 368 42.74 -22.92 -18.69
C GLY A 368 43.59 -24.02 -19.30
N ILE A 369 43.26 -24.49 -20.52
CA ILE A 369 44.18 -25.30 -21.32
C ILE A 369 45.45 -24.51 -21.65
N ILE A 370 45.36 -23.28 -22.17
CA ILE A 370 46.56 -22.53 -22.58
C ILE A 370 47.48 -22.22 -21.38
N PHE A 371 46.92 -21.96 -20.20
CA PHE A 371 47.69 -21.79 -18.95
C PHE A 371 48.50 -23.03 -18.55
N VAL A 372 48.14 -24.21 -19.08
CA VAL A 372 48.68 -25.52 -18.69
C VAL A 372 49.28 -26.29 -19.88
N LEU A 373 49.19 -25.79 -21.13
CA LEU A 373 49.79 -26.42 -22.30
C LEU A 373 51.25 -26.85 -22.11
N PRO A 374 52.11 -26.10 -21.39
CA PRO A 374 53.46 -26.55 -21.00
C PRO A 374 53.58 -27.90 -20.26
N LEU A 375 52.49 -28.55 -19.88
CA LEU A 375 52.47 -29.96 -19.52
C LEU A 375 52.88 -30.89 -20.70
N PHE A 376 52.73 -30.41 -21.94
CA PHE A 376 53.02 -31.11 -23.19
C PHE A 376 53.83 -30.27 -24.19
N VAL A 377 53.46 -29.00 -24.40
CA VAL A 377 53.97 -28.10 -25.44
C VAL A 377 54.53 -26.81 -24.82
N GLU A 378 55.80 -26.52 -25.02
CA GLU A 378 56.40 -25.26 -24.53
C GLU A 378 55.80 -24.03 -25.26
N ILE A 379 55.52 -22.96 -24.51
CA ILE A 379 54.76 -21.78 -24.97
C ILE A 379 55.39 -20.50 -24.37
N PRO A 380 55.26 -19.31 -25.00
CA PRO A 380 55.77 -18.08 -24.43
C PRO A 380 55.22 -17.81 -23.03
N ALA A 381 56.10 -17.45 -22.09
CA ALA A 381 55.71 -17.18 -20.71
C ALA A 381 54.62 -16.10 -20.60
N HIS A 382 54.70 -15.09 -21.46
CA HIS A 382 53.72 -14.01 -21.54
C HIS A 382 52.33 -14.52 -21.93
N LEU A 383 52.23 -15.44 -22.90
CA LEU A 383 50.96 -16.03 -23.30
C LEU A 383 50.43 -16.99 -22.23
N GLN A 384 51.30 -17.73 -21.54
CA GLN A 384 50.86 -18.57 -20.44
C GLN A 384 50.16 -17.74 -19.36
N TRP A 385 50.79 -16.68 -18.85
CA TRP A 385 50.19 -15.87 -17.79
C TRP A 385 49.11 -14.91 -18.27
N GLN A 386 49.13 -14.42 -19.50
CA GLN A 386 48.01 -13.65 -20.04
C GLN A 386 46.75 -14.51 -20.12
N CYS A 387 46.88 -15.80 -20.44
CA CYS A 387 45.79 -16.76 -20.33
C CYS A 387 45.45 -17.08 -18.87
N GLY A 388 46.43 -17.26 -18.00
CA GLY A 388 46.21 -17.46 -16.58
C GLY A 388 45.38 -16.36 -15.94
N ALA A 389 45.67 -15.08 -16.21
CA ALA A 389 44.92 -13.94 -15.69
C ALA A 389 43.44 -13.92 -16.11
N ILE A 390 43.09 -14.55 -17.24
CA ILE A 390 41.72 -14.70 -17.75
C ILE A 390 41.07 -15.95 -17.17
N ALA A 391 41.76 -17.10 -17.18
CA ALA A 391 41.23 -18.35 -16.67
C ALA A 391 40.99 -18.31 -15.17
N VAL A 392 41.94 -17.78 -14.40
CA VAL A 392 41.87 -17.63 -12.94
C VAL A 392 40.74 -16.70 -12.53
N TYR A 393 40.50 -15.64 -13.30
CA TYR A 393 39.37 -14.75 -13.08
C TYR A 393 38.04 -15.46 -13.34
N PHE A 394 37.83 -15.99 -14.55
CA PHE A 394 36.54 -16.56 -14.90
C PHE A 394 36.19 -17.84 -14.14
N TYR A 395 37.13 -18.69 -13.72
CA TYR A 395 36.81 -19.74 -12.73
C TYR A 395 36.07 -19.25 -11.49
N TRP A 396 36.45 -18.12 -10.90
CA TRP A 396 35.79 -17.61 -9.71
C TRP A 396 34.52 -16.82 -10.03
N MET A 397 34.51 -15.97 -11.07
CA MET A 397 33.28 -15.26 -11.48
C MET A 397 32.14 -16.23 -11.75
N ASN A 398 32.43 -17.32 -12.46
CA ASN A 398 31.48 -18.37 -12.81
C ASN A 398 31.17 -19.32 -11.62
N PHE A 399 31.93 -19.29 -10.53
CA PHE A 399 31.59 -20.10 -9.36
C PHE A 399 30.29 -19.61 -8.72
N LEU A 400 29.99 -18.30 -8.77
CA LEU A 400 28.72 -17.76 -8.29
C LEU A 400 27.50 -18.39 -8.97
N LEU A 401 27.62 -18.76 -10.24
CA LEU A 401 26.53 -19.36 -11.01
C LEU A 401 26.31 -20.84 -10.63
N TYR A 402 27.25 -21.48 -9.91
CA TYR A 402 27.01 -22.74 -9.21
C TYR A 402 26.37 -22.52 -7.83
N LEU A 403 26.62 -21.40 -7.16
CA LEU A 403 26.00 -21.14 -5.84
C LEU A 403 24.48 -20.96 -5.89
N GLN A 404 23.87 -20.66 -7.04
CA GLN A 404 22.41 -20.53 -7.17
C GLN A 404 21.61 -21.76 -6.71
N ARG A 405 22.22 -22.95 -6.64
CA ARG A 405 21.57 -24.18 -6.20
C ARG A 405 21.37 -24.24 -4.69
N PHE A 406 22.16 -23.51 -3.89
CA PHE A 406 22.01 -23.48 -2.44
C PHE A 406 20.88 -22.54 -2.02
N GLU A 407 20.05 -22.96 -1.06
CA GLU A 407 18.85 -22.22 -0.63
C GLU A 407 19.16 -20.76 -0.24
N ASN A 408 20.22 -20.55 0.54
CA ASN A 408 20.51 -19.26 1.19
C ASN A 408 21.52 -18.36 0.42
N CYS A 409 22.10 -18.85 -0.68
CA CYS A 409 22.95 -18.06 -1.57
C CYS A 409 22.17 -17.46 -2.74
N GLY A 410 21.28 -18.24 -3.36
CA GLY A 410 20.77 -17.94 -4.69
C GLY A 410 20.08 -16.60 -4.83
N ILE A 411 19.36 -16.14 -3.81
CA ILE A 411 18.66 -14.85 -3.88
C ILE A 411 19.60 -13.66 -4.08
N PHE A 412 20.85 -13.72 -3.61
CA PHE A 412 21.82 -12.66 -3.86
C PHE A 412 22.35 -12.68 -5.29
N ILE A 413 22.45 -13.85 -5.94
CA ILE A 413 22.70 -13.92 -7.37
C ILE A 413 21.48 -13.44 -8.17
N VAL A 414 20.24 -13.68 -7.72
CA VAL A 414 19.05 -13.09 -8.37
C VAL A 414 19.11 -11.57 -8.30
N MET A 415 19.46 -10.99 -7.14
CA MET A 415 19.59 -9.54 -6.99
C MET A 415 20.75 -8.97 -7.80
N LEU A 416 21.83 -9.73 -8.01
CA LEU A 416 22.92 -9.36 -8.91
C LEU A 416 22.52 -9.42 -10.39
N GLU A 417 21.82 -10.47 -10.82
CA GLU A 417 21.30 -10.60 -12.18
C GLU A 417 20.34 -9.44 -12.52
N VAL A 418 19.46 -9.07 -11.60
CA VAL A 418 18.51 -7.97 -11.77
C VAL A 418 19.19 -6.61 -11.86
N ILE A 419 20.10 -6.26 -10.95
CA ILE A 419 20.77 -4.95 -10.99
C ILE A 419 21.75 -4.84 -12.15
N LEU A 420 22.42 -5.92 -12.55
CA LEU A 420 23.36 -5.88 -13.66
C LEU A 420 22.62 -5.67 -15.00
N LYS A 421 21.50 -6.34 -15.23
CA LYS A 421 20.65 -6.10 -16.41
C LYS A 421 20.05 -4.69 -16.39
N THR A 422 19.67 -4.19 -15.22
CA THR A 422 19.15 -2.82 -15.07
C THR A 422 20.20 -1.76 -15.40
N LEU A 423 21.46 -1.97 -15.01
CA LEU A 423 22.59 -1.11 -15.37
C LEU A 423 22.93 -1.19 -16.86
N LEU A 424 22.83 -2.36 -17.47
CA LEU A 424 23.08 -2.52 -18.90
C LEU A 424 22.04 -1.82 -19.78
N ARG A 425 20.74 -1.89 -19.48
CA ARG A 425 19.73 -1.07 -20.16
C ARG A 425 20.02 0.42 -20.02
N SER A 426 20.46 0.85 -18.84
CA SER A 426 20.92 2.22 -18.59
C SER A 426 22.24 2.60 -19.28
N THR A 427 23.02 1.64 -19.77
CA THR A 427 24.30 1.90 -20.45
C THR A 427 24.13 2.22 -21.91
N VAL A 428 23.18 1.56 -22.57
CA VAL A 428 22.83 1.82 -23.97
C VAL A 428 22.47 3.29 -24.19
N VAL A 429 21.88 3.94 -23.19
CA VAL A 429 21.64 5.39 -23.19
C VAL A 429 22.89 6.17 -22.81
N PHE A 430 23.45 5.96 -21.62
CA PHE A 430 24.43 6.89 -21.06
C PHE A 430 25.88 6.72 -21.51
N ILE A 431 26.23 5.77 -22.39
CA ILE A 431 27.55 5.80 -23.06
C ILE A 431 27.75 7.12 -23.80
N PHE A 432 26.72 7.66 -24.43
CA PHE A 432 26.82 8.95 -25.10
C PHE A 432 26.97 10.13 -24.14
N LEU A 433 26.52 9.99 -22.89
CA LEU A 433 26.79 10.96 -21.84
C LEU A 433 28.24 10.87 -21.37
N LEU A 434 28.88 9.70 -21.37
CA LEU A 434 30.31 9.55 -21.14
C LEU A 434 31.12 10.15 -22.28
N LEU A 435 30.79 9.80 -23.53
CA LEU A 435 31.59 10.17 -24.69
C LEU A 435 31.63 11.69 -24.93
N ALA A 436 30.58 12.40 -24.52
CA ALA A 436 30.56 13.85 -24.45
C ALA A 436 31.67 14.41 -23.56
N PHE A 437 31.84 13.91 -22.34
CA PHE A 437 32.93 14.34 -21.46
C PHE A 437 34.28 13.78 -21.93
N GLY A 438 34.35 12.53 -22.36
CA GLY A 438 35.59 11.91 -22.78
C GLY A 438 36.28 12.64 -23.93
N LEU A 439 35.54 13.00 -24.97
CA LEU A 439 36.07 13.80 -26.08
C LEU A 439 36.19 15.29 -25.74
N SER A 440 35.40 15.85 -24.82
CA SER A 440 35.57 17.24 -24.41
C SER A 440 36.82 17.43 -23.56
N PHE A 441 37.08 16.58 -22.58
CA PHE A 441 38.32 16.64 -21.80
C PHE A 441 39.55 16.32 -22.64
N TYR A 442 39.43 15.53 -23.72
CA TYR A 442 40.52 15.36 -24.66
C TYR A 442 40.96 16.68 -25.30
N ILE A 443 40.03 17.61 -25.60
CA ILE A 443 40.39 18.93 -26.12
C ILE A 443 40.97 19.81 -25.02
N LEU A 444 40.27 19.90 -23.89
CA LEU A 444 40.52 20.88 -22.83
C LEU A 444 41.75 20.61 -21.96
N LEU A 445 42.20 19.35 -21.87
CA LEU A 445 43.28 18.91 -20.99
C LEU A 445 44.41 18.18 -21.73
N ASN A 446 44.51 18.33 -23.05
CA ASN A 446 45.43 17.56 -23.90
C ASN A 446 46.91 17.61 -23.47
N LEU A 447 47.35 18.70 -22.84
CA LEU A 447 48.72 18.82 -22.37
C LEU A 447 49.08 17.91 -21.18
N GLN A 448 48.13 17.17 -20.60
CA GLN A 448 48.36 16.33 -19.41
C GLN A 448 48.43 14.84 -19.76
N ASP A 449 49.33 14.10 -19.10
CA ASP A 449 49.47 12.65 -19.29
C ASP A 449 48.16 11.85 -19.32
N PRO A 450 47.22 11.97 -18.35
CA PRO A 450 46.01 11.16 -18.31
C PRO A 450 45.05 11.34 -19.47
N PHE A 451 45.12 12.46 -20.19
CA PHE A 451 44.25 12.76 -21.31
C PHE A 451 45.03 12.81 -22.63
N SER A 452 46.23 12.21 -22.69
CA SER A 452 47.12 12.31 -23.86
C SER A 452 46.55 11.81 -25.19
N SER A 453 45.54 10.94 -25.16
CA SER A 453 44.93 10.29 -26.32
C SER A 453 43.44 10.12 -26.07
N PRO A 454 42.57 10.04 -27.09
CA PRO A 454 41.14 10.00 -26.86
C PRO A 454 40.72 8.76 -26.07
N LEU A 455 41.32 7.60 -26.33
CA LEU A 455 41.03 6.39 -25.56
C LEU A 455 41.40 6.51 -24.07
N LEU A 456 42.60 7.03 -23.74
CA LEU A 456 42.99 7.30 -22.35
C LEU A 456 42.10 8.36 -21.70
N SER A 457 41.63 9.34 -22.48
CA SER A 457 40.71 10.37 -22.01
C SER A 457 39.35 9.81 -21.64
N ILE A 458 38.83 8.89 -22.45
CA ILE A 458 37.57 8.22 -22.16
C ILE A 458 37.73 7.22 -21.00
N ILE A 459 38.86 6.51 -20.86
CA ILE A 459 39.15 5.67 -19.69
C ILE A 459 39.22 6.50 -18.40
N GLN A 460 39.93 7.62 -18.42
CA GLN A 460 40.03 8.49 -17.27
C GLN A 460 38.65 9.06 -16.91
N THR A 461 37.86 9.55 -17.86
CA THR A 461 36.52 10.09 -17.57
C THR A 461 35.49 9.05 -17.22
N PHE A 462 35.68 7.79 -17.59
CA PHE A 462 34.99 6.68 -16.97
C PHE A 462 35.39 6.56 -15.51
N SER A 463 36.68 6.47 -15.21
CA SER A 463 37.17 6.23 -13.85
C SER A 463 36.89 7.39 -12.88
N MET A 464 36.69 8.61 -13.37
CA MET A 464 36.26 9.75 -12.54
C MET A 464 34.83 9.59 -12.01
N MET A 465 33.96 8.80 -12.64
CA MET A 465 32.53 8.77 -12.32
C MET A 465 32.22 8.38 -10.88
N LEU A 466 33.12 7.68 -10.19
CA LEU A 466 32.91 7.29 -8.80
C LEU A 466 32.96 8.49 -7.85
N GLY A 467 33.30 9.68 -8.35
CA GLY A 467 33.52 10.88 -7.55
C GLY A 467 34.93 10.94 -7.00
N ASP A 468 35.92 10.70 -7.86
CA ASP A 468 37.35 10.78 -7.55
C ASP A 468 38.08 11.48 -8.70
N ILE A 469 37.84 12.78 -8.81
CA ILE A 469 38.08 13.59 -10.00
C ILE A 469 39.55 14.03 -10.16
N ASN A 470 40.40 13.78 -9.16
CA ASN A 470 41.78 14.28 -9.10
C ASN A 470 41.87 15.80 -9.29
N TYR A 471 40.92 16.55 -8.73
CA TYR A 471 40.73 17.99 -8.98
C TYR A 471 42.02 18.81 -8.84
N ARG A 472 42.72 18.70 -7.70
CA ARG A 472 43.95 19.48 -7.54
C ARG A 472 45.02 19.08 -8.54
N GLU A 473 45.13 17.81 -8.87
CA GLU A 473 46.23 17.29 -9.68
C GLU A 473 46.07 17.58 -11.18
N SER A 474 44.86 17.90 -11.65
CA SER A 474 44.58 18.15 -13.08
C SER A 474 43.78 19.41 -13.42
N PHE A 475 43.21 20.14 -12.46
CA PHE A 475 42.60 21.44 -12.71
C PHE A 475 43.33 22.54 -11.97
N LEU A 476 43.40 22.49 -10.64
CA LEU A 476 43.91 23.63 -9.89
C LEU A 476 45.43 23.76 -9.92
N GLU A 477 46.21 22.69 -9.73
CA GLU A 477 47.66 22.83 -9.83
C GLU A 477 48.10 23.25 -11.25
N PRO A 478 47.54 22.69 -12.35
CA PRO A 478 47.74 23.21 -13.70
C PRO A 478 47.29 24.65 -13.91
N TYR A 479 46.16 25.07 -13.34
CA TYR A 479 45.69 26.45 -13.48
C TYR A 479 46.66 27.45 -12.88
N LEU A 480 47.13 27.21 -11.66
CA LEU A 480 48.10 28.06 -10.97
C LEU A 480 49.52 28.01 -11.58
N ARG A 481 49.73 27.27 -12.67
CA ARG A 481 50.94 27.25 -13.50
C ARG A 481 50.67 27.60 -14.96
N ASN A 482 49.46 28.04 -15.30
CA ASN A 482 49.00 28.36 -16.66
C ASN A 482 49.07 27.17 -17.65
N GLU A 483 49.11 25.93 -17.16
CA GLU A 483 49.13 24.71 -17.99
C GLU A 483 47.76 24.33 -18.56
N LEU A 484 46.66 24.91 -18.06
CA LEU A 484 45.35 24.85 -18.73
C LEU A 484 45.35 25.80 -19.93
N ALA A 485 45.07 25.29 -21.12
CA ALA A 485 44.98 26.11 -22.33
C ALA A 485 43.65 26.91 -22.41
N HIS A 486 42.56 26.37 -21.86
CA HIS A 486 41.22 26.95 -21.93
C HIS A 486 40.61 27.08 -20.54
N PRO A 487 41.13 27.94 -19.65
CA PRO A 487 40.85 27.83 -18.22
C PRO A 487 39.38 27.99 -17.87
N VAL A 488 38.69 29.02 -18.38
CA VAL A 488 37.27 29.27 -18.03
C VAL A 488 36.39 28.09 -18.43
N LEU A 489 36.59 27.56 -19.63
CA LEU A 489 35.82 26.43 -20.15
C LEU A 489 36.20 25.11 -19.46
N SER A 490 37.46 24.94 -19.08
CA SER A 490 37.96 23.76 -18.37
C SER A 490 37.32 23.61 -16.99
N PHE A 491 37.25 24.69 -16.19
CA PHE A 491 36.47 24.65 -14.95
C PHE A 491 34.95 24.54 -15.19
N ALA A 492 34.40 25.12 -16.25
CA ALA A 492 32.99 24.96 -16.58
C ALA A 492 32.64 23.51 -16.94
N GLN A 493 33.57 22.75 -17.51
CA GLN A 493 33.40 21.33 -17.80
C GLN A 493 33.65 20.46 -16.57
N LEU A 494 34.52 20.87 -15.64
CA LEU A 494 34.73 20.23 -14.35
C LEU A 494 33.47 20.25 -13.48
N VAL A 495 32.75 21.36 -13.44
CA VAL A 495 31.43 21.39 -12.78
C VAL A 495 30.41 20.59 -13.55
N SER A 496 30.33 20.72 -14.87
CA SER A 496 29.34 19.99 -15.64
C SER A 496 29.49 18.48 -15.48
N PHE A 497 30.72 17.97 -15.39
CA PHE A 497 30.96 16.58 -15.01
C PHE A 497 30.50 16.31 -13.58
N THR A 498 30.94 17.09 -12.60
CA THR A 498 30.64 16.85 -11.19
C THR A 498 29.14 16.85 -10.88
N ILE A 499 28.34 17.60 -11.63
CA ILE A 499 26.88 17.55 -11.57
C ILE A 499 26.37 16.29 -12.26
N PHE A 500 26.67 16.10 -13.55
CA PHE A 500 25.96 15.12 -14.34
C PHE A 500 26.27 13.68 -13.96
N VAL A 501 27.49 13.33 -13.54
CA VAL A 501 27.87 11.91 -13.52
C VAL A 501 28.35 11.29 -12.20
N PRO A 502 29.04 11.95 -11.25
CA PRO A 502 29.21 11.38 -9.92
C PRO A 502 28.01 11.69 -9.00
N ILE A 503 27.17 12.67 -9.36
CA ILE A 503 25.96 13.05 -8.63
C ILE A 503 24.73 12.58 -9.38
N VAL A 504 24.35 13.17 -10.51
CA VAL A 504 23.08 12.83 -11.16
C VAL A 504 23.04 11.38 -11.61
N LEU A 505 23.99 10.86 -12.39
CA LEU A 505 23.93 9.44 -12.77
C LEU A 505 24.09 8.49 -11.59
N MET A 506 25.02 8.70 -10.66
CA MET A 506 25.15 7.75 -9.54
C MET A 506 23.94 7.76 -8.61
N ASN A 507 23.26 8.89 -8.42
CA ASN A 507 22.01 8.92 -7.66
C ASN A 507 20.85 8.34 -8.47
N LEU A 508 20.86 8.43 -9.81
CA LEU A 508 19.93 7.70 -10.66
C LEU A 508 20.14 6.18 -10.53
N LEU A 509 21.37 5.68 -10.60
CA LEU A 509 21.65 4.25 -10.44
C LEU A 509 21.26 3.74 -9.05
N ILE A 510 21.46 4.51 -7.97
CA ILE A 510 20.94 4.12 -6.66
C ILE A 510 19.40 4.10 -6.67
N GLY A 511 18.73 4.98 -7.43
CA GLY A 511 17.28 4.97 -7.58
C GLY A 511 16.75 3.70 -8.24
N LEU A 512 17.39 3.27 -9.33
CA LEU A 512 17.13 2.00 -10.02
C LEU A 512 17.45 0.80 -9.11
N ALA A 513 18.61 0.80 -8.47
CA ALA A 513 19.05 -0.30 -7.61
C ALA A 513 18.10 -0.50 -6.45
N VAL A 514 17.79 0.53 -5.65
CA VAL A 514 16.84 0.40 -4.55
C VAL A 514 15.46 0.01 -5.06
N GLY A 515 14.99 0.65 -6.12
CA GLY A 515 13.65 0.45 -6.66
C GLY A 515 13.37 -0.98 -7.12
N ASP A 516 14.36 -1.67 -7.68
CA ASP A 516 14.23 -3.03 -8.21
C ASP A 516 14.74 -4.14 -7.29
N ILE A 517 15.66 -3.87 -6.37
CA ILE A 517 16.03 -4.85 -5.33
C ILE A 517 14.97 -4.93 -4.25
N ALA A 518 14.33 -3.82 -3.89
CA ALA A 518 13.20 -3.83 -2.97
C ALA A 518 11.96 -4.49 -3.62
N ASP A 519 12.01 -4.82 -4.91
CA ASP A 519 11.00 -5.61 -5.62
C ASP A 519 11.38 -7.09 -5.72
N VAL A 520 12.66 -7.46 -5.75
CA VAL A 520 13.09 -8.85 -5.51
C VAL A 520 12.73 -9.28 -4.10
N GLN A 521 13.03 -8.49 -3.08
CA GLN A 521 12.61 -8.79 -1.70
C GLN A 521 11.09 -8.91 -1.52
N LYS A 522 10.25 -8.35 -2.41
CA LYS A 522 8.79 -8.56 -2.41
C LYS A 522 8.38 -10.01 -2.74
N HIS A 523 9.24 -10.75 -3.46
CA HIS A 523 9.01 -12.13 -3.88
C HIS A 523 10.00 -13.12 -3.29
N ALA A 524 11.07 -12.68 -2.62
CA ALA A 524 12.20 -13.54 -2.23
C ALA A 524 11.81 -14.80 -1.46
N SER A 525 10.89 -14.68 -0.49
CA SER A 525 10.43 -15.81 0.32
C SER A 525 9.74 -16.90 -0.51
N LEU A 526 9.16 -16.56 -1.66
CA LEU A 526 8.70 -17.52 -2.66
C LEU A 526 9.80 -17.88 -3.65
N LYS A 527 10.62 -16.93 -4.11
CA LYS A 527 11.63 -17.19 -5.15
C LYS A 527 12.64 -18.25 -4.71
N ARG A 528 13.05 -18.24 -3.43
CA ARG A 528 13.85 -19.31 -2.81
C ARG A 528 13.25 -20.68 -3.11
N ILE A 529 11.97 -20.84 -2.81
CA ILE A 529 11.28 -22.12 -2.95
C ILE A 529 10.98 -22.45 -4.41
N ALA A 530 10.67 -21.47 -5.24
CA ALA A 530 10.48 -21.69 -6.67
C ALA A 530 11.76 -22.18 -7.35
N MET A 531 12.93 -21.63 -6.97
CA MET A 531 14.22 -22.13 -7.45
C MET A 531 14.47 -23.57 -7.01
N GLN A 532 14.18 -23.92 -5.75
CA GLN A 532 14.32 -25.29 -5.27
C GLN A 532 13.38 -26.26 -5.98
N VAL A 533 12.10 -25.91 -6.15
CA VAL A 533 11.13 -26.76 -6.85
C VAL A 533 11.53 -26.96 -8.31
N GLU A 534 11.96 -25.91 -9.02
CA GLU A 534 12.41 -26.03 -10.40
C GLU A 534 13.72 -26.84 -10.54
N LEU A 535 14.62 -26.78 -9.55
CA LEU A 535 15.82 -27.60 -9.48
C LEU A 535 15.47 -29.08 -9.26
N HIS A 536 14.70 -29.40 -8.22
CA HIS A 536 14.39 -30.80 -7.90
C HIS A 536 13.52 -31.45 -8.96
N THR A 537 12.57 -30.74 -9.58
CA THR A 537 11.80 -31.31 -10.69
C THR A 537 12.64 -31.50 -11.95
N SER A 538 13.62 -30.65 -12.21
CA SER A 538 14.54 -30.84 -13.34
C SER A 538 15.38 -32.10 -13.15
N LEU A 539 15.83 -32.37 -11.92
CA LEU A 539 16.49 -33.63 -11.60
C LEU A 539 15.54 -34.84 -11.67
N GLU A 540 14.28 -34.76 -11.24
CA GLU A 540 13.34 -35.88 -11.43
C GLU A 540 13.09 -36.18 -12.93
N LYS A 541 13.18 -35.19 -13.81
CA LYS A 541 13.09 -35.38 -15.27
C LYS A 541 14.34 -35.99 -15.90
N LYS A 542 15.46 -36.07 -15.17
CA LYS A 542 16.76 -36.54 -15.69
C LYS A 542 17.35 -37.77 -14.96
N LEU A 543 17.01 -38.01 -13.69
CA LEU A 543 17.32 -39.28 -13.03
C LEU A 543 16.46 -40.41 -13.61
N PRO A 544 16.96 -41.67 -13.70
CA PRO A 544 16.17 -42.82 -14.10
C PRO A 544 15.19 -43.28 -13.00
N LEU A 545 14.02 -43.79 -13.39
CA LEU A 545 12.90 -44.02 -12.47
C LEU A 545 13.20 -45.02 -11.35
N TRP A 546 13.97 -46.08 -11.62
CA TRP A 546 14.32 -47.08 -10.59
C TRP A 546 15.10 -46.44 -9.45
N PHE A 547 15.97 -45.46 -9.77
CA PHE A 547 16.76 -44.76 -8.78
C PHE A 547 15.86 -43.90 -7.89
N LEU A 548 14.91 -43.17 -8.48
CA LEU A 548 13.92 -42.40 -7.71
C LEU A 548 13.12 -43.30 -6.77
N ARG A 549 12.66 -44.48 -7.23
CA ARG A 549 11.95 -45.44 -6.36
C ARG A 549 12.81 -46.00 -5.24
N LYS A 550 14.09 -46.25 -5.48
CA LYS A 550 15.05 -46.71 -4.47
C LYS A 550 15.41 -45.64 -3.43
N VAL A 551 15.39 -44.37 -3.81
CA VAL A 551 15.96 -43.25 -3.02
C VAL A 551 14.91 -42.34 -2.38
N ASP A 552 13.80 -42.06 -3.06
CA ASP A 552 12.70 -41.24 -2.50
C ASP A 552 11.92 -41.98 -1.40
N GLN A 553 11.13 -41.26 -0.61
CA GLN A 553 10.66 -41.72 0.70
C GLN A 553 9.28 -41.16 1.07
N LYS A 554 8.30 -42.03 1.36
CA LYS A 554 6.88 -41.62 1.54
C LYS A 554 6.58 -40.91 2.85
N SER A 555 7.38 -41.11 3.90
CA SER A 555 7.20 -40.45 5.20
C SER A 555 8.52 -40.29 5.95
N THR A 556 8.66 -39.24 6.75
CA THR A 556 9.86 -38.96 7.56
C THR A 556 9.54 -38.49 8.98
N ILE A 557 10.28 -39.00 9.96
CA ILE A 557 10.21 -38.58 11.38
C ILE A 557 11.19 -37.42 11.64
N VAL A 558 10.85 -36.55 12.60
CA VAL A 558 11.70 -35.48 13.14
C VAL A 558 11.69 -35.54 14.68
N TYR A 559 12.83 -35.23 15.30
CA TYR A 559 13.01 -35.24 16.76
C TYR A 559 13.46 -33.84 17.27
N PRO A 560 12.56 -32.84 17.37
CA PRO A 560 12.91 -31.48 17.77
C PRO A 560 13.72 -31.37 19.07
N SER A 592 -4.52 -9.70 4.13
CA SER A 592 -5.69 -10.48 3.74
C SER A 592 -6.58 -9.80 2.69
N LEU A 593 -6.57 -8.46 2.64
CA LEU A 593 -7.56 -7.66 1.89
C LEU A 593 -7.63 -7.97 0.40
N GLU A 594 -6.54 -8.41 -0.21
CA GLU A 594 -6.50 -8.78 -1.63
C GLU A 594 -7.37 -10.00 -1.98
N MET A 595 -7.86 -10.73 -0.96
CA MET A 595 -8.91 -11.76 -1.08
C MET A 595 -10.07 -11.59 -0.08
N GLU A 596 -9.94 -10.79 0.98
CA GLU A 596 -11.00 -10.70 1.99
C GLU A 596 -12.20 -9.85 1.52
N ILE A 597 -11.97 -8.85 0.67
CA ILE A 597 -13.07 -8.22 -0.10
C ILE A 597 -13.65 -9.20 -1.11
N LEU A 598 -12.83 -10.02 -1.76
CA LEU A 598 -13.33 -11.04 -2.67
C LEU A 598 -14.20 -12.06 -1.93
N LYS A 599 -13.95 -12.35 -0.65
CA LYS A 599 -14.83 -13.16 0.18
C LYS A 599 -16.15 -12.45 0.49
N GLN A 600 -16.15 -11.14 0.75
CA GLN A 600 -17.41 -10.38 0.81
C GLN A 600 -18.19 -10.41 -0.49
N LYS A 601 -17.55 -10.44 -1.67
CA LYS A 601 -18.24 -10.53 -2.96
C LYS A 601 -19.18 -11.72 -3.00
N TYR A 602 -18.71 -12.90 -2.63
CA TYR A 602 -19.57 -14.09 -2.58
C TYR A 602 -20.72 -13.92 -1.59
N ARG A 603 -20.43 -13.39 -0.40
CA ARG A 603 -21.44 -13.18 0.65
C ARG A 603 -22.54 -12.22 0.21
N LEU A 604 -22.17 -11.10 -0.40
CA LEU A 604 -23.09 -10.09 -0.93
C LEU A 604 -23.84 -10.58 -2.17
N LYS A 605 -23.20 -11.34 -3.05
CA LYS A 605 -23.80 -11.94 -4.25
C LYS A 605 -24.87 -12.97 -3.87
N ASP A 606 -24.62 -13.83 -2.89
CA ASP A 606 -25.60 -14.82 -2.43
C ASP A 606 -26.69 -14.21 -1.53
N LEU A 607 -26.40 -13.08 -0.87
CA LEU A 607 -27.41 -12.23 -0.24
C LEU A 607 -28.36 -11.62 -1.29
N THR A 608 -27.86 -11.00 -2.36
CA THR A 608 -28.75 -10.42 -3.36
C THR A 608 -29.51 -11.47 -4.17
N PHE A 609 -28.95 -12.66 -4.37
CA PHE A 609 -29.66 -13.81 -4.96
C PHE A 609 -30.80 -14.33 -4.07
N LEU A 610 -30.58 -14.42 -2.75
CA LEU A 610 -31.63 -14.76 -1.79
C LEU A 610 -32.74 -13.70 -1.73
N LEU A 611 -32.41 -12.42 -1.83
CA LEU A 611 -33.42 -11.37 -1.83
C LEU A 611 -34.29 -11.38 -3.10
N GLU A 612 -33.75 -11.70 -4.27
CA GLU A 612 -34.56 -11.87 -5.49
C GLU A 612 -35.48 -13.10 -5.38
N LYS A 613 -35.00 -14.23 -4.83
CA LYS A 613 -35.85 -15.40 -4.54
C LYS A 613 -36.97 -15.08 -3.55
N GLN A 614 -36.73 -14.20 -2.58
CA GLN A 614 -37.75 -13.70 -1.65
C GLN A 614 -38.68 -12.66 -2.26
N HIS A 615 -38.20 -11.79 -3.15
CA HIS A 615 -39.02 -10.78 -3.80
C HIS A 615 -40.15 -11.40 -4.60
N GLU A 616 -39.90 -12.52 -5.26
CA GLU A 616 -40.93 -13.24 -6.01
C GLU A 616 -41.96 -13.95 -5.13
N LEU A 617 -41.64 -14.29 -3.87
CA LEU A 617 -42.64 -14.80 -2.94
C LEU A 617 -43.56 -13.70 -2.41
N ILE A 618 -43.08 -12.47 -2.24
CA ILE A 618 -43.95 -11.37 -1.82
C ILE A 618 -44.91 -10.99 -2.95
N LYS A 619 -44.44 -10.92 -4.20
CA LYS A 619 -45.31 -10.78 -5.38
C LYS A 619 -46.35 -11.88 -5.44
N LEU A 620 -45.98 -13.13 -5.17
CA LEU A 620 -46.93 -14.24 -5.16
C LEU A 620 -47.97 -14.11 -4.05
N ILE A 621 -47.62 -13.63 -2.85
CA ILE A 621 -48.60 -13.38 -1.81
C ILE A 621 -49.64 -12.38 -2.29
N ILE A 622 -49.27 -11.24 -2.87
CA ILE A 622 -50.28 -10.26 -3.34
C ILE A 622 -51.13 -10.84 -4.48
N GLN A 623 -50.54 -11.70 -5.31
CA GLN A 623 -51.23 -12.35 -6.41
C GLN A 623 -52.29 -13.37 -5.93
N LYS A 624 -52.09 -14.08 -4.82
CA LYS A 624 -53.01 -15.12 -4.32
C LYS A 624 -53.78 -14.77 -3.03
N MET A 625 -53.47 -13.66 -2.38
CA MET A 625 -54.12 -13.17 -1.16
C MET A 625 -55.61 -12.95 -1.34
N GLU A 626 -56.46 -13.36 -0.39
CA GLU A 626 -57.88 -13.02 -0.43
C GLU A 626 -58.11 -11.59 0.05
N ILE A 627 -58.63 -10.71 -0.80
CA ILE A 627 -58.97 -9.31 -0.49
C ILE A 627 -60.49 -9.13 -0.51
N ILE A 628 -61.04 -8.67 0.60
CA ILE A 628 -62.44 -8.25 0.78
C ILE A 628 -62.44 -7.08 1.78
N SER A 629 -63.31 -6.09 1.59
CA SER A 629 -63.41 -4.92 2.47
C SER A 629 -62.16 -4.02 2.50
N GLU A 630 -61.32 -4.07 1.46
CA GLU A 630 -60.16 -3.18 1.26
C GLU A 630 -59.99 -2.73 -0.20
N THR A 631 -60.92 -3.10 -1.10
CA THR A 631 -60.93 -2.71 -2.51
C THR A 631 -61.43 -1.28 -2.68
N SER B 1 -50.91 -29.99 19.40
CA SER B 1 -50.18 -29.09 18.49
C SER B 1 -50.73 -27.66 18.45
N PRO B 2 -51.99 -27.36 18.07
CA PRO B 2 -52.41 -26.01 17.63
C PRO B 2 -52.03 -24.80 18.49
N LEU B 3 -52.04 -24.89 19.83
CA LEU B 3 -51.62 -23.77 20.67
C LEU B 3 -50.14 -23.42 20.49
N HIS B 4 -49.28 -24.37 20.13
CA HIS B 4 -47.87 -24.04 19.84
C HIS B 4 -47.75 -23.09 18.66
N PHE B 5 -48.56 -23.24 17.61
CA PHE B 5 -48.54 -22.29 16.51
C PHE B 5 -49.11 -20.94 16.94
N ALA B 6 -50.27 -20.92 17.59
CA ALA B 6 -50.88 -19.68 18.05
C ALA B 6 -49.99 -18.88 19.00
N ALA B 7 -49.32 -19.54 19.94
CA ALA B 7 -48.37 -18.89 20.81
C ALA B 7 -47.09 -18.48 20.07
N SER B 8 -46.56 -19.33 19.19
CA SER B 8 -45.28 -19.06 18.53
C SER B 8 -45.28 -17.83 17.65
N TYR B 9 -46.44 -17.42 17.13
CA TYR B 9 -46.57 -16.24 16.29
C TYR B 9 -47.42 -15.14 16.94
N GLY B 10 -47.50 -15.11 18.26
CA GLY B 10 -48.06 -13.99 18.99
C GLY B 10 -49.56 -13.81 18.76
N ARG B 11 -50.27 -14.86 18.36
CA ARG B 11 -51.66 -14.82 17.88
C ARG B 11 -52.62 -14.75 19.05
N ILE B 12 -52.56 -13.63 19.77
CA ILE B 12 -53.12 -13.45 21.09
C ILE B 12 -54.61 -13.79 21.14
N ASN B 13 -55.41 -13.34 20.17
CA ASN B 13 -56.84 -13.64 20.12
C ASN B 13 -57.18 -15.03 19.58
N THR B 14 -56.20 -15.89 19.27
CA THR B 14 -56.39 -17.34 19.17
C THR B 14 -56.05 -18.05 20.49
N CYS B 15 -55.00 -17.60 21.20
CA CYS B 15 -54.68 -18.15 22.51
C CYS B 15 -55.85 -17.95 23.49
N GLN B 16 -56.46 -16.77 23.49
CA GLN B 16 -57.67 -16.47 24.27
C GLN B 16 -58.95 -17.23 23.82
N ARG B 17 -58.84 -18.21 22.90
CA ARG B 17 -59.93 -19.10 22.45
C ARG B 17 -59.58 -20.56 22.69
N LEU B 18 -58.34 -20.96 22.39
CA LEU B 18 -57.83 -22.29 22.74
C LEU B 18 -57.74 -22.51 24.26
N LEU B 19 -57.37 -21.47 25.03
CA LEU B 19 -57.30 -21.51 26.49
C LEU B 19 -58.62 -21.11 27.18
N GLN B 20 -59.65 -20.72 26.43
CA GLN B 20 -60.95 -20.31 26.99
C GLN B 20 -61.65 -21.46 27.73
N ASP B 21 -61.38 -22.71 27.35
CA ASP B 21 -61.74 -23.92 28.08
C ASP B 21 -60.80 -24.17 29.27
N ILE B 22 -60.72 -23.21 30.20
CA ILE B 22 -59.75 -23.13 31.30
C ILE B 22 -59.89 -24.18 32.43
N SER B 23 -60.58 -25.30 32.19
CA SER B 23 -60.83 -26.34 33.18
C SER B 23 -59.60 -27.19 33.54
N ASP B 24 -58.58 -27.28 32.67
CA ASP B 24 -57.33 -27.99 32.93
C ASP B 24 -56.14 -27.38 32.20
N THR B 25 -54.94 -27.47 32.78
CA THR B 25 -53.71 -26.88 32.24
C THR B 25 -52.90 -27.82 31.35
N ARG B 26 -53.40 -29.03 31.06
CA ARG B 26 -52.65 -30.06 30.32
C ARG B 26 -52.16 -29.59 28.93
N LEU B 27 -52.93 -28.76 28.23
CA LEU B 27 -52.51 -28.07 27.00
C LEU B 27 -51.55 -26.90 27.30
N LEU B 28 -51.90 -26.04 28.26
CA LEU B 28 -51.12 -24.86 28.65
C LEU B 28 -49.71 -25.20 29.18
N ASN B 29 -49.48 -26.45 29.58
CA ASN B 29 -48.19 -26.99 30.02
C ASN B 29 -47.69 -28.11 29.11
N GLU B 30 -48.29 -28.29 27.93
CA GLU B 30 -47.97 -29.41 27.03
C GLU B 30 -46.51 -29.46 26.59
N GLY B 31 -46.04 -30.65 26.22
CA GLY B 31 -44.73 -30.89 25.61
C GLY B 31 -44.72 -30.65 24.10
N ASP B 32 -43.65 -31.06 23.43
CA ASP B 32 -43.42 -30.85 22.00
C ASP B 32 -42.38 -31.86 21.45
N LEU B 33 -42.27 -32.01 20.14
CA LEU B 33 -41.20 -32.75 19.46
C LEU B 33 -39.80 -32.31 19.91
N HIS B 34 -39.56 -31.01 20.08
CA HIS B 34 -38.31 -30.45 20.64
C HIS B 34 -38.41 -30.19 22.15
N GLY B 35 -39.45 -30.68 22.83
CA GLY B 35 -39.56 -30.67 24.30
C GLY B 35 -39.91 -29.33 24.93
N MET B 36 -40.26 -28.34 24.10
CA MET B 36 -40.73 -27.02 24.52
C MET B 36 -42.20 -27.03 24.97
N THR B 37 -42.69 -25.87 25.39
CA THR B 37 -44.06 -25.62 25.86
C THR B 37 -44.48 -24.22 25.40
N PRO B 38 -45.76 -23.85 25.27
CA PRO B 38 -46.19 -22.57 24.68
C PRO B 38 -45.46 -21.33 25.21
N LEU B 39 -45.14 -21.27 26.50
CA LEU B 39 -44.39 -20.16 27.09
C LEU B 39 -42.99 -20.01 26.48
N HIS B 40 -42.34 -21.10 26.09
CA HIS B 40 -41.07 -21.07 25.35
C HIS B 40 -41.28 -20.58 23.93
N LEU B 41 -42.34 -21.02 23.25
CA LEU B 41 -42.60 -20.60 21.88
C LEU B 41 -42.87 -19.09 21.82
N ALA B 42 -43.58 -18.53 22.79
CA ALA B 42 -43.83 -17.09 22.87
C ALA B 42 -42.55 -16.31 23.16
N ALA B 43 -41.78 -16.74 24.16
CA ALA B 43 -40.50 -16.11 24.48
C ALA B 43 -39.51 -16.16 23.31
N LYS B 44 -39.38 -17.30 22.63
CA LYS B 44 -38.49 -17.51 21.48
C LYS B 44 -38.69 -16.52 20.34
N ASN B 45 -39.89 -15.95 20.21
CA ASN B 45 -40.25 -15.02 19.15
C ASN B 45 -40.52 -13.59 19.68
N GLY B 46 -40.34 -13.35 20.97
CA GLY B 46 -40.42 -12.01 21.55
C GLY B 46 -41.83 -11.46 21.78
N HIS B 47 -42.85 -12.32 21.82
CA HIS B 47 -44.25 -11.91 21.96
C HIS B 47 -44.65 -11.57 23.39
N ASP B 48 -44.40 -10.33 23.78
CA ASP B 48 -44.62 -9.82 25.14
C ASP B 48 -46.06 -9.97 25.64
N LYS B 49 -47.09 -9.74 24.81
CA LYS B 49 -48.47 -9.99 25.22
C LYS B 49 -48.76 -11.48 25.47
N VAL B 50 -48.29 -12.39 24.62
CA VAL B 50 -48.58 -13.83 24.77
C VAL B 50 -47.82 -14.45 25.92
N VAL B 51 -46.53 -14.14 26.10
CA VAL B 51 -45.79 -14.66 27.27
C VAL B 51 -46.43 -14.16 28.56
N GLN B 52 -46.94 -12.92 28.58
CA GLN B 52 -47.70 -12.41 29.72
C GLN B 52 -49.04 -13.13 29.90
N LEU B 53 -49.82 -13.35 28.83
CA LEU B 53 -51.10 -14.06 28.91
C LEU B 53 -50.93 -15.46 29.48
N LEU B 54 -49.94 -16.21 29.01
CA LEU B 54 -49.70 -17.56 29.49
C LEU B 54 -49.27 -17.54 30.96
N LEU B 55 -48.44 -16.57 31.38
CA LEU B 55 -48.12 -16.40 32.80
C LEU B 55 -49.34 -16.03 33.64
N LYS B 56 -50.26 -15.23 33.10
CA LYS B 56 -51.53 -14.86 33.75
C LYS B 56 -52.48 -16.06 33.86
N LYS B 57 -52.56 -16.92 32.84
CA LYS B 57 -53.44 -18.09 32.79
C LYS B 57 -53.00 -19.24 33.68
N GLY B 58 -51.71 -19.58 33.71
CA GLY B 58 -51.22 -20.71 34.51
C GLY B 58 -49.97 -21.44 33.99
N ALA B 59 -49.08 -20.75 33.28
CA ALA B 59 -47.83 -21.34 32.80
C ALA B 59 -46.84 -21.71 33.92
N LEU B 60 -45.91 -22.61 33.59
CA LEU B 60 -44.88 -23.15 34.48
C LEU B 60 -43.50 -23.02 33.82
N PHE B 61 -42.45 -22.69 34.57
CA PHE B 61 -41.08 -22.52 34.04
C PHE B 61 -40.35 -23.85 33.79
N LEU B 62 -40.99 -24.75 33.04
CA LEU B 62 -40.44 -26.04 32.58
C LEU B 62 -39.27 -25.83 31.61
N SER B 63 -38.60 -26.91 31.18
CA SER B 63 -37.41 -26.82 30.33
C SER B 63 -37.42 -27.72 29.08
N ASP B 64 -36.80 -27.21 28.02
CA ASP B 64 -36.54 -27.85 26.72
C ASP B 64 -35.79 -29.20 26.88
N HIS B 65 -35.73 -30.06 25.86
CA HIS B 65 -34.83 -31.22 25.86
C HIS B 65 -33.35 -30.85 26.04
N ASN B 66 -32.95 -29.65 25.62
CA ASN B 66 -31.64 -29.04 25.88
C ASN B 66 -31.52 -28.45 27.31
N GLY B 67 -32.59 -28.46 28.10
CA GLY B 67 -32.64 -27.88 29.43
C GLY B 67 -32.90 -26.38 29.47
N TRP B 68 -33.12 -25.74 28.31
CA TRP B 68 -33.37 -24.30 28.23
C TRP B 68 -34.68 -23.88 28.90
N THR B 69 -34.63 -22.75 29.61
CA THR B 69 -35.78 -22.10 30.28
C THR B 69 -36.49 -21.15 29.32
N ALA B 70 -37.71 -20.68 29.63
CA ALA B 70 -38.31 -19.57 28.86
C ALA B 70 -37.39 -18.34 28.79
N LEU B 71 -36.78 -17.97 29.92
CA LEU B 71 -35.86 -16.84 30.01
C LEU B 71 -34.60 -17.04 29.17
N HIS B 72 -34.15 -18.28 28.93
CA HIS B 72 -33.03 -18.53 28.02
C HIS B 72 -33.44 -18.24 26.58
N HIS B 73 -34.63 -18.62 26.15
CA HIS B 73 -35.13 -18.30 24.82
C HIS B 73 -35.37 -16.79 24.64
N ALA B 74 -35.92 -16.13 25.66
CA ALA B 74 -36.14 -14.68 25.65
C ALA B 74 -34.80 -13.93 25.50
N SER B 75 -33.80 -14.34 26.26
CA SER B 75 -32.45 -13.76 26.24
C SER B 75 -31.75 -14.00 24.92
N MET B 76 -31.85 -15.21 24.38
CA MET B 76 -31.23 -15.60 23.10
C MET B 76 -31.63 -14.65 21.95
N GLY B 77 -32.86 -14.12 22.00
CA GLY B 77 -33.36 -13.18 20.99
C GLY B 77 -33.14 -11.70 21.34
N GLY B 78 -32.72 -11.39 22.57
CA GLY B 78 -32.60 -10.02 23.06
C GLY B 78 -33.94 -9.31 23.29
N TYR B 79 -35.02 -10.07 23.48
CA TYR B 79 -36.38 -9.54 23.60
C TYR B 79 -36.65 -8.99 25.00
N THR B 80 -36.12 -7.81 25.32
CA THR B 80 -36.22 -7.19 26.64
C THR B 80 -37.64 -7.07 27.17
N GLN B 81 -38.66 -6.88 26.35
CA GLN B 81 -40.04 -6.89 26.86
C GLN B 81 -40.43 -8.25 27.46
N THR B 82 -40.18 -9.36 26.76
CA THR B 82 -40.50 -10.70 27.29
C THR B 82 -39.67 -11.06 28.52
N MET B 83 -38.40 -10.63 28.59
CA MET B 83 -37.61 -10.77 29.81
C MET B 83 -38.21 -9.97 30.96
N LYS B 84 -38.56 -8.70 30.72
CA LYS B 84 -39.10 -7.82 31.74
C LYS B 84 -40.43 -8.32 32.28
N VAL B 85 -41.26 -8.94 31.43
CA VAL B 85 -42.47 -9.67 31.84
C VAL B 85 -42.15 -10.89 32.70
N ILE B 86 -41.21 -11.75 32.30
CA ILE B 86 -40.84 -12.92 33.10
C ILE B 86 -40.31 -12.50 34.49
N LEU B 87 -39.33 -11.60 34.52
CA LEU B 87 -38.70 -11.11 35.75
C LEU B 87 -39.69 -10.41 36.70
N ASP B 88 -40.70 -9.73 36.17
CA ASP B 88 -41.76 -9.15 37.01
C ASP B 88 -42.67 -10.18 37.67
N THR B 89 -42.79 -11.40 37.15
CA THR B 89 -43.51 -12.48 37.86
C THR B 89 -42.61 -13.26 38.81
N ASN B 90 -41.39 -13.57 38.40
CA ASN B 90 -40.56 -14.55 39.09
C ASN B 90 -39.06 -14.25 38.92
N LEU B 91 -38.56 -13.20 39.57
CA LEU B 91 -37.13 -12.88 39.61
C LEU B 91 -36.27 -13.97 40.28
N LYS B 92 -36.87 -14.99 40.91
CA LYS B 92 -36.20 -16.22 41.35
C LYS B 92 -35.84 -17.18 40.20
N CYS B 93 -36.32 -16.94 38.98
CA CYS B 93 -36.05 -17.75 37.79
C CYS B 93 -34.58 -17.64 37.30
N THR B 94 -33.98 -16.45 37.42
CA THR B 94 -32.84 -15.99 36.60
C THR B 94 -31.60 -16.87 36.63
N ASP B 95 -31.32 -17.55 37.73
CA ASP B 95 -30.11 -18.37 37.91
C ASP B 95 -30.11 -19.74 37.18
N ARG B 96 -31.22 -20.16 36.57
CA ARG B 96 -31.40 -21.53 36.02
C ARG B 96 -30.34 -21.89 34.97
N LEU B 97 -29.82 -23.11 35.01
CA LEU B 97 -28.73 -23.64 34.18
C LEU B 97 -29.25 -24.62 33.10
N ASP B 98 -28.79 -24.53 31.84
CA ASP B 98 -29.11 -25.55 30.83
C ASP B 98 -28.18 -26.80 30.95
N GLU B 99 -28.20 -27.71 29.97
CA GLU B 99 -27.35 -28.93 30.00
C GLU B 99 -25.84 -28.68 29.88
N ASP B 100 -25.39 -27.50 29.46
CA ASP B 100 -23.97 -27.08 29.49
C ASP B 100 -23.66 -26.13 30.66
N GLY B 101 -24.67 -25.69 31.41
CA GLY B 101 -24.52 -24.77 32.54
C GLY B 101 -24.50 -23.30 32.15
N ASN B 102 -24.96 -22.93 30.95
CA ASN B 102 -25.19 -21.52 30.62
C ASN B 102 -26.44 -21.02 31.35
N THR B 103 -26.36 -19.89 32.05
CA THR B 103 -27.56 -19.18 32.56
C THR B 103 -28.08 -18.18 31.53
N ALA B 104 -29.20 -17.51 31.81
CA ALA B 104 -29.77 -16.54 30.87
C ALA B 104 -28.78 -15.46 30.43
N LEU B 105 -27.96 -14.98 31.36
CA LEU B 105 -26.95 -13.94 31.09
C LEU B 105 -25.82 -14.44 30.19
N HIS B 106 -25.55 -15.74 30.11
CA HIS B 106 -24.58 -16.26 29.15
C HIS B 106 -25.06 -16.05 27.72
N PHE B 107 -26.35 -16.23 27.46
CA PHE B 107 -26.90 -16.11 26.11
C PHE B 107 -27.05 -14.65 25.69
N ALA B 108 -27.61 -13.79 26.54
CA ALA B 108 -27.74 -12.38 26.21
C ALA B 108 -26.38 -11.75 25.87
N ALA B 109 -25.32 -12.19 26.54
CA ALA B 109 -23.96 -11.75 26.25
C ALA B 109 -23.41 -12.38 24.95
N ARG B 110 -23.46 -13.71 24.80
CA ARG B 110 -22.91 -14.41 23.64
C ARG B 110 -23.54 -13.97 22.33
N GLU B 111 -24.84 -13.79 22.30
CA GLU B 111 -25.58 -13.37 21.11
C GLU B 111 -25.47 -11.86 20.81
N GLY B 112 -24.80 -11.08 21.68
CA GLY B 112 -24.52 -9.66 21.43
C GLY B 112 -25.62 -8.67 21.80
N HIS B 113 -26.59 -9.05 22.64
CA HIS B 113 -27.76 -8.22 22.97
C HIS B 113 -27.52 -7.34 24.20
N ALA B 114 -26.79 -6.25 24.03
CA ALA B 114 -26.36 -5.42 25.14
C ALA B 114 -27.49 -4.91 26.05
N LYS B 115 -28.64 -4.50 25.48
CA LYS B 115 -29.82 -4.05 26.24
C LYS B 115 -30.46 -5.18 27.07
N ALA B 116 -30.30 -6.45 26.67
CA ALA B 116 -30.73 -7.58 27.49
C ALA B 116 -29.74 -7.87 28.62
N VAL B 117 -28.43 -7.76 28.34
CA VAL B 117 -27.40 -7.86 29.37
C VAL B 117 -27.59 -6.79 30.43
N ALA B 118 -27.83 -5.53 30.05
CA ALA B 118 -28.06 -4.45 31.00
C ALA B 118 -29.26 -4.71 31.92
N LEU B 119 -30.32 -5.36 31.41
CA LEU B 119 -31.49 -5.74 32.21
C LEU B 119 -31.12 -6.83 33.22
N LEU B 120 -30.65 -7.99 32.76
CA LEU B 120 -30.32 -9.11 33.67
C LEU B 120 -29.24 -8.72 34.67
N LEU B 121 -28.21 -7.98 34.25
CA LEU B 121 -27.08 -7.58 35.09
C LEU B 121 -27.49 -6.57 36.17
N SER B 122 -28.52 -5.75 35.93
CA SER B 122 -29.13 -4.84 36.91
C SER B 122 -29.96 -5.58 37.96
N HIS B 123 -30.69 -6.62 37.56
CA HIS B 123 -31.35 -7.57 38.46
C HIS B 123 -30.33 -8.50 39.17
N ASN B 124 -30.81 -9.41 39.99
CA ASN B 124 -29.99 -10.41 40.70
C ASN B 124 -29.45 -11.49 39.76
N ALA B 125 -28.55 -11.13 38.84
CA ALA B 125 -28.14 -11.95 37.71
C ALA B 125 -27.52 -13.33 38.04
N ASP B 126 -27.05 -13.54 39.28
CA ASP B 126 -26.41 -14.77 39.73
C ASP B 126 -25.23 -15.22 38.84
N ILE B 127 -24.22 -14.36 38.68
CA ILE B 127 -23.05 -14.63 37.83
C ILE B 127 -22.39 -15.95 38.26
N VAL B 128 -22.12 -16.83 37.30
CA VAL B 128 -21.59 -18.18 37.51
C VAL B 128 -20.87 -18.67 36.27
N LEU B 129 -19.96 -19.63 36.40
CA LEU B 129 -19.27 -20.25 35.28
C LEU B 129 -20.16 -21.25 34.51
N ASN B 130 -20.09 -21.17 33.19
CA ASN B 130 -20.41 -22.25 32.26
C ASN B 130 -19.57 -23.48 32.62
N LYS B 131 -20.09 -24.71 32.51
CA LYS B 131 -19.35 -25.94 32.85
C LYS B 131 -18.24 -26.32 31.86
N GLN B 132 -18.02 -25.49 30.84
CA GLN B 132 -16.77 -25.36 30.07
C GLN B 132 -15.74 -24.39 30.70
N GLN B 133 -15.93 -24.00 31.97
CA GLN B 133 -15.16 -23.01 32.73
C GLN B 133 -15.03 -21.65 32.03
N ALA B 134 -16.17 -20.99 31.74
CA ALA B 134 -16.21 -19.66 31.14
C ALA B 134 -17.23 -18.74 31.82
N SER B 135 -16.92 -17.46 31.97
CA SER B 135 -17.92 -16.45 32.37
C SER B 135 -18.65 -15.89 31.15
N PHE B 136 -19.79 -15.24 31.38
CA PHE B 136 -20.51 -14.53 30.32
C PHE B 136 -19.64 -13.49 29.60
N LEU B 137 -18.73 -12.82 30.32
CA LEU B 137 -17.73 -11.95 29.72
C LEU B 137 -16.83 -12.69 28.72
N HIS B 138 -16.32 -13.89 29.03
CA HIS B 138 -15.56 -14.68 28.04
C HIS B 138 -16.40 -15.02 26.82
N LEU B 139 -17.66 -15.42 27.01
CA LEU B 139 -18.56 -15.74 25.90
C LEU B 139 -18.82 -14.54 25.00
N ALA B 140 -18.84 -13.32 25.52
CA ALA B 140 -18.92 -12.11 24.73
C ALA B 140 -17.62 -11.81 23.99
N LEU B 141 -16.48 -11.88 24.68
CA LEU B 141 -15.16 -11.57 24.12
C LEU B 141 -14.76 -12.51 22.97
N HIS B 142 -14.90 -13.83 23.14
CA HIS B 142 -14.65 -14.80 22.06
C HIS B 142 -15.56 -14.58 20.84
N ASN B 143 -16.68 -13.86 20.98
CA ASN B 143 -17.59 -13.51 19.90
C ASN B 143 -17.51 -12.03 19.48
N LYS B 144 -16.53 -11.28 19.97
CA LYS B 144 -16.30 -9.85 19.64
C LYS B 144 -17.53 -8.96 19.82
N ARG B 145 -18.35 -9.23 20.84
CA ARG B 145 -19.58 -8.48 21.14
C ARG B 145 -19.28 -7.16 21.86
N LYS B 146 -18.79 -6.15 21.12
CA LYS B 146 -18.33 -4.86 21.64
C LYS B 146 -19.34 -4.22 22.59
N GLU B 147 -20.58 -3.99 22.17
CA GLU B 147 -21.54 -3.24 22.98
C GLU B 147 -21.99 -3.99 24.24
N VAL B 148 -21.90 -5.32 24.26
CA VAL B 148 -22.10 -6.13 25.47
C VAL B 148 -20.98 -5.89 26.48
N VAL B 149 -19.72 -6.04 26.10
CA VAL B 149 -18.62 -5.90 27.08
C VAL B 149 -18.41 -4.44 27.46
N LEU B 150 -18.66 -3.53 26.53
CA LEU B 150 -18.70 -2.10 26.81
C LEU B 150 -19.85 -1.72 27.75
N THR B 151 -21.01 -2.38 27.66
CA THR B 151 -22.08 -2.25 28.67
C THR B 151 -21.68 -2.82 30.02
N ILE B 152 -21.03 -3.99 30.05
CA ILE B 152 -20.55 -4.61 31.30
C ILE B 152 -19.53 -3.69 32.00
N ILE B 153 -18.59 -3.10 31.25
CA ILE B 153 -17.56 -2.17 31.76
C ILE B 153 -18.17 -0.85 32.23
N ARG B 154 -19.07 -0.23 31.45
CA ARG B 154 -19.71 1.04 31.82
C ARG B 154 -20.66 0.91 33.01
N SER B 155 -21.35 -0.21 33.13
CA SER B 155 -22.27 -0.47 34.24
C SER B 155 -21.52 -0.67 35.56
N LYS B 156 -22.26 -0.71 36.67
CA LYS B 156 -21.73 -1.19 37.96
C LYS B 156 -21.40 -2.69 37.87
N ARG B 157 -20.85 -3.25 38.95
CA ARG B 157 -20.52 -4.68 39.09
C ARG B 157 -19.36 -5.20 38.22
N TRP B 158 -18.69 -4.37 37.42
CA TRP B 158 -17.46 -4.76 36.71
C TRP B 158 -16.42 -5.38 37.65
N ASP B 159 -16.29 -4.81 38.84
CA ASP B 159 -15.42 -5.28 39.93
C ASP B 159 -15.83 -6.62 40.55
N GLU B 160 -17.02 -7.15 40.26
CA GLU B 160 -17.37 -8.55 40.51
C GLU B 160 -17.05 -9.41 39.28
N CYS B 161 -17.35 -8.90 38.08
CA CYS B 161 -17.19 -9.64 36.83
C CYS B 161 -15.74 -10.06 36.54
N LEU B 162 -14.78 -9.17 36.79
CA LEU B 162 -13.36 -9.41 36.52
C LEU B 162 -12.75 -10.53 37.40
N LYS B 163 -13.30 -10.80 38.58
CA LYS B 163 -12.78 -11.80 39.52
C LYS B 163 -13.08 -13.25 39.14
N ILE B 164 -14.08 -13.47 38.27
CA ILE B 164 -14.72 -14.78 38.09
C ILE B 164 -14.16 -15.49 36.86
N PHE B 165 -13.06 -16.23 37.08
CA PHE B 165 -12.50 -17.23 36.16
C PHE B 165 -11.63 -18.25 36.92
N SER B 166 -11.35 -19.41 36.32
CA SER B 166 -10.52 -20.47 36.91
C SER B 166 -9.19 -20.61 36.16
N HIS B 167 -8.06 -20.41 36.86
CA HIS B 167 -6.72 -20.28 36.27
C HIS B 167 -6.26 -21.50 35.46
N ASN B 168 -6.79 -22.69 35.76
CA ASN B 168 -6.38 -23.95 35.12
C ASN B 168 -6.90 -24.13 33.68
N SER B 169 -7.78 -23.25 33.18
CA SER B 169 -8.29 -23.35 31.79
C SER B 169 -7.24 -22.93 30.75
N PRO B 170 -6.97 -23.75 29.72
CA PRO B 170 -6.17 -23.33 28.56
C PRO B 170 -6.95 -22.42 27.59
N GLY B 171 -8.29 -22.45 27.62
CA GLY B 171 -9.15 -21.66 26.73
C GLY B 171 -9.48 -20.26 27.26
N ASN B 172 -9.62 -20.11 28.59
CA ASN B 172 -10.02 -18.85 29.22
C ASN B 172 -8.96 -18.32 30.20
N LYS B 173 -8.41 -17.14 29.91
CA LYS B 173 -7.42 -16.39 30.69
C LYS B 173 -8.08 -15.24 31.48
N CYS B 174 -7.29 -14.53 32.29
CA CYS B 174 -7.73 -13.29 32.96
C CYS B 174 -8.33 -12.32 31.95
N PRO B 175 -9.59 -11.86 32.10
CA PRO B 175 -10.34 -11.18 31.05
C PRO B 175 -9.64 -9.99 30.39
N ILE B 176 -8.79 -9.24 31.10
CA ILE B 176 -8.06 -8.13 30.47
C ILE B 176 -7.17 -8.63 29.33
N THR B 177 -6.53 -9.79 29.50
CA THR B 177 -5.71 -10.43 28.48
C THR B 177 -6.53 -11.13 27.39
N GLU B 178 -7.85 -11.25 27.57
CA GLU B 178 -8.80 -11.61 26.50
C GLU B 178 -9.29 -10.35 25.75
N MET B 179 -9.60 -9.24 26.44
CA MET B 179 -9.94 -7.98 25.79
C MET B 179 -8.82 -7.48 24.90
N ILE B 180 -7.57 -7.55 25.35
CA ILE B 180 -6.42 -7.12 24.54
C ILE B 180 -6.27 -8.01 23.29
N GLU B 181 -6.58 -9.31 23.41
CA GLU B 181 -6.49 -10.26 22.29
C GLU B 181 -7.62 -10.07 21.26
N TYR B 182 -8.83 -9.70 21.69
CA TYR B 182 -10.03 -9.65 20.83
C TYR B 182 -10.65 -8.28 20.57
N LEU B 183 -10.67 -7.37 21.55
CA LEU B 183 -11.40 -6.10 21.52
C LEU B 183 -10.57 -4.94 22.15
N PRO B 184 -9.52 -4.47 21.47
CA PRO B 184 -8.68 -3.42 22.02
C PRO B 184 -9.41 -2.08 22.16
N GLU B 185 -10.43 -1.82 21.35
CA GLU B 185 -11.20 -0.58 21.44
C GLU B 185 -12.12 -0.55 22.68
N CYS B 186 -12.38 -1.69 23.32
CA CYS B 186 -12.95 -1.74 24.68
C CYS B 186 -11.88 -1.50 25.75
N MET B 187 -10.68 -2.04 25.57
CA MET B 187 -9.58 -1.83 26.51
C MET B 187 -9.19 -0.35 26.59
N LYS B 188 -9.24 0.37 25.47
CA LYS B 188 -9.12 1.83 25.39
C LYS B 188 -10.12 2.54 26.32
N VAL B 189 -11.39 2.11 26.34
CA VAL B 189 -12.41 2.65 27.25
C VAL B 189 -12.09 2.32 28.70
N LEU B 190 -11.73 1.07 28.99
CA LEU B 190 -11.39 0.63 30.33
C LEU B 190 -10.19 1.40 30.92
N LEU B 191 -9.16 1.67 30.12
CA LEU B 191 -8.05 2.54 30.52
C LEU B 191 -8.50 3.99 30.74
N ASP B 192 -9.48 4.50 29.99
CA ASP B 192 -9.96 5.88 30.20
C ASP B 192 -10.67 6.08 31.55
N PHE B 193 -11.30 5.06 32.13
CA PHE B 193 -11.74 5.12 33.53
C PHE B 193 -10.56 5.37 34.50
N CYS B 194 -9.36 4.93 34.13
CA CYS B 194 -8.15 5.00 34.97
C CYS B 194 -7.39 6.32 34.87
N MET B 195 -7.82 7.26 34.02
CA MET B 195 -7.30 8.62 33.98
C MET B 195 -8.25 9.56 34.73
N LEU B 196 -7.75 10.31 35.71
CA LEU B 196 -8.52 11.29 36.48
C LEU B 196 -7.91 12.68 36.30
N HIS B 197 -8.75 13.71 36.17
CA HIS B 197 -8.33 15.10 36.05
C HIS B 197 -8.88 15.90 37.24
N SER B 198 -8.00 16.52 38.03
CA SER B 198 -8.41 17.08 39.32
C SER B 198 -9.14 18.42 39.23
N THR B 199 -8.73 19.30 38.30
CA THR B 199 -9.12 20.72 38.30
C THR B 199 -9.94 21.20 37.09
N GLU B 200 -10.06 20.40 36.02
CA GLU B 200 -10.76 20.77 34.78
C GLU B 200 -10.30 22.10 34.13
N ASP B 201 -9.04 22.50 34.35
CA ASP B 201 -8.46 23.78 33.94
C ASP B 201 -6.95 23.63 33.72
N LYS B 202 -6.57 23.08 32.57
CA LYS B 202 -5.22 22.55 32.32
C LYS B 202 -4.08 23.59 32.33
N SER B 203 -4.39 24.89 32.24
CA SER B 203 -3.41 25.96 32.32
C SER B 203 -2.95 26.32 33.74
N CYS B 204 -3.73 25.95 34.78
CA CYS B 204 -3.49 26.36 36.16
C CYS B 204 -2.27 25.67 36.81
N ARG B 205 -1.52 26.38 37.66
CA ARG B 205 -0.41 25.79 38.41
C ARG B 205 -0.86 24.72 39.43
N ASP B 206 -2.09 24.83 39.93
CA ASP B 206 -2.73 23.81 40.80
C ASP B 206 -3.28 22.58 40.05
N TYR B 207 -3.21 22.53 38.71
CA TYR B 207 -3.69 21.40 37.90
C TYR B 207 -2.88 20.13 38.19
N TYR B 208 -3.57 18.99 38.28
CA TYR B 208 -2.93 17.68 38.20
C TYR B 208 -3.85 16.64 37.57
N ILE B 209 -3.23 15.60 37.03
CA ILE B 209 -3.89 14.41 36.47
C ILE B 209 -3.30 13.16 37.12
N GLU B 210 -4.10 12.11 37.27
CA GLU B 210 -3.70 10.89 37.98
C GLU B 210 -4.03 9.64 37.16
N TYR B 211 -3.13 8.66 37.24
CA TYR B 211 -3.21 7.37 36.57
C TYR B 211 -3.34 6.25 37.60
N ASN B 212 -4.28 5.32 37.42
CA ASN B 212 -4.41 4.12 38.24
C ASN B 212 -4.09 2.86 37.41
N PHE B 213 -3.30 1.93 37.94
CA PHE B 213 -2.78 0.79 37.18
C PHE B 213 -3.44 -0.57 37.45
N LYS B 214 -4.56 -0.65 38.17
CA LYS B 214 -5.08 -1.96 38.64
C LYS B 214 -5.36 -3.00 37.55
N TYR B 215 -5.72 -2.58 36.33
CA TYR B 215 -5.96 -3.51 35.22
C TYR B 215 -4.69 -3.95 34.46
N LEU B 216 -3.52 -3.34 34.70
CA LEU B 216 -2.29 -3.66 33.97
C LEU B 216 -1.44 -4.74 34.67
N GLN B 217 -1.63 -4.93 35.98
CA GLN B 217 -1.07 -6.04 36.75
C GLN B 217 -1.93 -7.32 36.63
N CYS B 218 -1.52 -8.40 37.31
CA CYS B 218 -2.33 -9.59 37.50
C CYS B 218 -3.71 -9.26 38.11
N LEU B 236 4.71 -8.28 33.86
CA LEU B 236 3.87 -7.29 33.18
C LEU B 236 2.80 -7.96 32.31
N THR B 237 1.84 -8.67 32.91
CA THR B 237 0.90 -9.53 32.16
C THR B 237 0.11 -8.81 31.07
N ALA B 238 -0.49 -7.65 31.36
CA ALA B 238 -1.27 -6.93 30.37
C ALA B 238 -0.41 -6.39 29.22
N LEU B 239 0.72 -5.76 29.51
CA LEU B 239 1.57 -5.19 28.47
C LEU B 239 2.23 -6.26 27.60
N ASN B 240 2.60 -7.41 28.16
CA ASN B 240 3.03 -8.54 27.33
C ASN B 240 1.91 -8.98 26.38
N ALA B 241 0.66 -9.04 26.84
CA ALA B 241 -0.46 -9.36 25.95
C ALA B 241 -0.66 -8.29 24.88
N MET B 242 -0.42 -7.01 25.18
CA MET B 242 -0.52 -5.95 24.18
C MET B 242 0.60 -6.04 23.13
N VAL B 243 1.82 -6.39 23.53
CA VAL B 243 2.95 -6.61 22.62
C VAL B 243 2.73 -7.84 21.75
N GLN B 244 2.37 -8.98 22.35
CA GLN B 244 2.15 -10.25 21.63
C GLN B 244 1.00 -10.15 20.62
N ASN B 245 0.06 -9.23 20.83
CA ASN B 245 -1.07 -8.94 19.94
C ASN B 245 -0.93 -7.61 19.17
N ASN B 246 0.28 -7.05 19.07
CA ASN B 246 0.64 -5.92 18.21
C ASN B 246 -0.17 -4.64 18.45
N ARG B 247 -0.64 -4.38 19.69
CA ARG B 247 -1.52 -3.25 20.02
C ARG B 247 -0.80 -1.92 20.19
N ILE B 248 -0.14 -1.44 19.14
CA ILE B 248 0.59 -0.17 19.13
C ILE B 248 -0.21 1.03 19.67
N GLU B 249 -1.53 1.06 19.42
CA GLU B 249 -2.40 2.17 19.87
C GLU B 249 -2.78 2.09 21.36
N LEU B 250 -2.56 0.96 22.02
CA LEU B 250 -2.68 0.80 23.47
C LEU B 250 -1.32 1.02 24.15
N LEU B 251 -0.23 0.52 23.55
CA LEU B 251 1.14 0.82 23.99
C LEU B 251 1.40 2.33 24.03
N ASN B 252 0.84 3.08 23.09
CA ASN B 252 0.92 4.55 23.06
C ASN B 252 -0.11 5.26 23.96
N HIS B 253 -0.99 4.54 24.67
CA HIS B 253 -2.01 5.17 25.50
C HIS B 253 -1.39 5.79 26.77
N PRO B 254 -1.80 7.00 27.22
CA PRO B 254 -1.17 7.66 28.36
C PRO B 254 -1.04 6.82 29.63
N VAL B 255 -2.03 5.97 29.95
CA VAL B 255 -1.94 5.05 31.10
C VAL B 255 -0.79 4.06 30.95
N CYS B 256 -0.59 3.50 29.76
CA CYS B 256 0.51 2.58 29.49
C CYS B 256 1.87 3.28 29.49
N LYS B 257 1.98 4.49 28.92
CA LYS B 257 3.23 5.26 28.97
C LYS B 257 3.62 5.61 30.40
N GLU B 258 2.68 6.06 31.22
CA GLU B 258 2.94 6.33 32.63
C GLU B 258 3.22 5.06 33.45
N TYR B 259 2.62 3.92 33.10
CA TYR B 259 2.95 2.65 33.75
C TYR B 259 4.39 2.19 33.45
N LEU B 260 4.83 2.26 32.20
CA LEU B 260 6.23 1.95 31.87
C LEU B 260 7.20 2.97 32.45
N LEU B 261 6.89 4.27 32.41
CA LEU B 261 7.72 5.29 33.05
C LEU B 261 7.85 5.03 34.54
N MET B 262 6.75 4.66 35.21
CA MET B 262 6.77 4.26 36.62
C MET B 262 7.65 3.03 36.82
N LYS B 263 7.55 2.01 35.97
CA LYS B 263 8.32 0.76 36.14
C LYS B 263 9.83 1.02 35.96
N TRP B 264 10.20 1.85 34.99
CA TRP B 264 11.59 2.28 34.76
C TRP B 264 12.11 3.12 35.92
N LEU B 265 11.38 4.13 36.40
CA LEU B 265 11.78 4.90 37.59
C LEU B 265 11.81 4.07 38.87
N ALA B 266 10.94 3.07 39.01
CA ALA B 266 10.83 2.25 40.20
C ALA B 266 12.08 1.38 40.40
N TYR B 267 12.41 0.55 39.41
CA TYR B 267 13.57 -0.35 39.50
C TYR B 267 14.29 -0.57 38.17
N GLY B 268 13.66 -0.38 37.01
CA GLY B 268 14.31 -0.66 35.72
C GLY B 268 15.58 0.15 35.49
N PHE B 269 15.52 1.46 35.73
CA PHE B 269 16.67 2.35 35.69
C PHE B 269 17.72 1.98 36.73
N ARG B 270 17.30 1.67 37.97
CA ARG B 270 18.23 1.31 39.05
C ARG B 270 19.03 0.06 38.69
N ALA B 271 18.38 -1.00 38.21
CA ALA B 271 19.06 -2.23 37.83
C ALA B 271 19.89 -2.05 36.56
N HIS B 272 19.43 -1.28 35.58
CA HIS B 272 20.20 -0.98 34.38
C HIS B 272 21.48 -0.22 34.69
N MET B 273 21.41 0.87 35.46
CA MET B 273 22.58 1.65 35.85
C MET B 273 23.51 0.89 36.78
N MET B 274 23.03 -0.01 37.64
CA MET B 274 23.89 -0.92 38.40
C MET B 274 24.70 -1.81 37.44
N ASN B 275 24.06 -2.35 36.41
CA ASN B 275 24.73 -3.23 35.45
C ASN B 275 25.71 -2.46 34.55
N LEU B 276 25.27 -1.38 33.91
CA LEU B 276 26.10 -0.52 33.06
C LEU B 276 27.23 0.14 33.85
N GLY B 277 26.98 0.59 35.07
CA GLY B 277 28.01 1.17 35.94
C GLY B 277 29.11 0.16 36.31
N SER B 278 28.75 -1.09 36.58
CA SER B 278 29.74 -2.13 36.84
C SER B 278 30.69 -2.39 35.66
N TYR B 279 30.24 -2.11 34.43
CA TYR B 279 31.05 -2.16 33.22
C TYR B 279 31.79 -0.84 32.95
N CYS B 280 31.12 0.29 33.13
CA CYS B 280 31.67 1.62 32.94
C CYS B 280 32.89 1.88 33.84
N LEU B 281 32.92 1.26 35.02
CA LEU B 281 34.03 1.25 35.98
C LEU B 281 35.29 0.52 35.48
N GLY B 282 35.20 -0.23 34.38
CA GLY B 282 36.34 -0.69 33.60
C GLY B 282 36.57 0.16 32.34
N LEU B 283 35.50 0.47 31.60
CA LEU B 283 35.53 1.19 30.34
C LEU B 283 36.30 2.50 30.42
N ILE B 284 35.98 3.34 31.41
CA ILE B 284 36.58 4.67 31.52
C ILE B 284 38.03 4.58 32.00
N PRO B 285 38.38 3.95 33.12
CA PRO B 285 39.77 3.78 33.55
C PRO B 285 40.71 3.20 32.50
N MET B 286 40.27 2.25 31.66
CA MET B 286 41.15 1.77 30.58
C MET B 286 41.48 2.88 29.57
N THR B 287 40.54 3.72 29.14
CA THR B 287 40.92 4.83 28.25
C THR B 287 41.80 5.87 28.92
N ILE B 288 41.61 6.14 30.21
CA ILE B 288 42.47 7.06 30.96
C ILE B 288 43.89 6.52 31.01
N LEU B 289 44.03 5.20 31.17
CA LEU B 289 45.28 4.47 31.16
C LEU B 289 45.93 4.42 29.77
N VAL B 290 45.16 4.54 28.68
CA VAL B 290 45.70 4.79 27.32
C VAL B 290 46.21 6.21 27.19
N VAL B 291 45.34 7.23 27.29
CA VAL B 291 45.70 8.57 26.78
C VAL B 291 46.78 9.28 27.61
N ASN B 292 47.06 8.83 28.83
CA ASN B 292 48.15 9.34 29.67
C ASN B 292 49.51 8.63 29.45
N ILE B 293 49.58 7.54 28.69
CA ILE B 293 50.82 6.78 28.43
C ILE B 293 51.04 6.69 26.92
N LYS B 294 52.22 7.07 26.40
CA LYS B 294 52.48 6.96 24.95
C LYS B 294 52.44 5.48 24.51
N PRO B 295 51.56 5.08 23.57
CA PRO B 295 51.45 3.69 23.15
C PRO B 295 52.76 3.09 22.66
N GLY B 296 53.12 1.94 23.22
CA GLY B 296 54.40 1.24 23.00
C GLY B 296 55.38 1.33 24.16
N MET B 297 55.25 2.30 25.08
CA MET B 297 56.04 2.32 26.31
C MET B 297 55.57 1.25 27.30
N ALA B 298 56.47 0.45 27.87
CA ALA B 298 56.10 -0.42 28.99
C ALA B 298 55.68 0.41 30.21
N PHE B 299 54.80 -0.12 31.06
CA PHE B 299 54.42 0.56 32.29
C PHE B 299 54.11 -0.41 33.43
N ASN B 300 54.17 0.08 34.66
CA ASN B 300 53.89 -0.61 35.91
C ASN B 300 53.07 0.32 36.81
N SER B 301 52.55 -0.17 37.94
CA SER B 301 51.90 0.71 38.94
C SER B 301 52.82 1.83 39.44
N THR B 302 54.15 1.63 39.41
CA THR B 302 55.14 2.66 39.76
C THR B 302 55.27 3.79 38.75
N GLY B 303 54.64 3.68 37.57
CA GLY B 303 54.67 4.71 36.51
C GLY B 303 55.08 4.16 35.15
N ILE B 304 55.65 5.01 34.31
CA ILE B 304 55.99 4.68 32.92
C ILE B 304 57.50 4.43 32.83
N ILE B 305 57.91 3.35 32.14
CA ILE B 305 59.33 3.13 31.81
C ILE B 305 59.73 4.08 30.68
N ASN B 306 60.76 4.89 30.89
CA ASN B 306 61.21 5.91 29.94
C ASN B 306 62.00 5.31 28.77
N ILE B 314 64.91 3.03 33.28
CA ILE B 314 64.56 4.32 33.89
C ILE B 314 63.04 4.43 34.03
N LEU B 315 62.56 5.03 35.13
CA LEU B 315 61.14 5.25 35.45
C LEU B 315 60.86 6.75 35.61
N ASP B 316 59.65 7.21 35.27
CA ASP B 316 59.18 8.54 35.67
C ASP B 316 57.73 8.52 36.20
N THR B 317 57.47 9.41 37.17
CA THR B 317 56.38 9.28 38.16
C THR B 317 55.23 10.28 37.96
N THR B 318 55.19 10.99 36.82
CA THR B 318 54.34 12.17 36.56
C THR B 318 52.83 11.92 36.65
N ASN B 319 52.39 10.66 36.62
CA ASN B 319 50.99 10.26 36.68
C ASN B 319 50.77 9.07 37.63
N SER B 320 51.67 8.86 38.59
CA SER B 320 51.78 7.61 39.35
C SER B 320 50.49 7.16 40.02
N TYR B 321 49.80 8.04 40.75
CA TYR B 321 48.56 7.66 41.43
C TYR B 321 47.40 7.40 40.46
N LEU B 322 47.35 8.12 39.33
CA LEU B 322 46.37 7.85 38.26
C LEU B 322 46.62 6.49 37.59
N ILE B 323 47.86 6.16 37.27
CA ILE B 323 48.19 4.87 36.63
C ILE B 323 47.93 3.71 37.59
N LYS B 324 48.37 3.81 38.84
CA LYS B 324 48.14 2.77 39.87
C LYS B 324 46.66 2.52 40.11
N THR B 325 45.84 3.56 40.26
CA THR B 325 44.40 3.38 40.47
C THR B 325 43.70 2.84 39.24
N CYS B 326 44.01 3.31 38.03
CA CYS B 326 43.41 2.74 36.82
C CYS B 326 43.79 1.28 36.58
N MET B 327 45.05 0.90 36.82
CA MET B 327 45.52 -0.50 36.76
C MET B 327 44.70 -1.40 37.68
N ILE B 328 44.48 -1.00 38.93
CA ILE B 328 43.71 -1.79 39.89
C ILE B 328 42.23 -1.85 39.49
N LEU B 329 41.61 -0.72 39.12
CA LEU B 329 40.20 -0.68 38.68
C LEU B 329 39.92 -1.56 37.45
N VAL B 330 40.80 -1.56 36.44
CA VAL B 330 40.66 -2.45 35.27
C VAL B 330 40.84 -3.91 35.65
N PHE B 331 41.79 -4.22 36.55
CA PHE B 331 42.01 -5.59 37.01
C PHE B 331 40.78 -6.12 37.75
N LEU B 332 40.27 -5.38 38.75
CA LEU B 332 39.04 -5.71 39.47
C LEU B 332 37.85 -5.87 38.51
N SER B 333 37.63 -4.92 37.61
CA SER B 333 36.56 -5.00 36.61
C SER B 333 36.63 -6.28 35.77
N SER B 334 37.84 -6.73 35.44
CA SER B 334 38.06 -7.95 34.66
C SER B 334 37.83 -9.24 35.47
N ILE B 335 38.29 -9.34 36.73
CA ILE B 335 38.01 -10.55 37.53
C ILE B 335 36.54 -10.64 37.97
N PHE B 336 35.85 -9.52 38.16
CA PHE B 336 34.40 -9.52 38.34
C PHE B 336 33.68 -9.85 37.02
N GLY B 337 34.17 -9.36 35.89
CA GLY B 337 33.64 -9.66 34.56
C GLY B 337 33.62 -11.17 34.25
N TYR B 338 34.69 -11.89 34.59
CA TYR B 338 34.70 -13.37 34.52
C TYR B 338 33.60 -14.02 35.37
N CYS B 339 33.28 -13.47 36.55
CA CYS B 339 32.28 -14.05 37.44
C CYS B 339 30.86 -13.82 36.94
N LYS B 340 30.57 -12.67 36.32
CA LYS B 340 29.30 -12.43 35.61
C LYS B 340 29.11 -13.37 34.42
N GLU B 341 30.19 -13.79 33.76
CA GLU B 341 30.26 -15.08 33.04
C GLU B 341 30.46 -16.23 34.04
N ILE B 356 26.23 -12.30 20.17
CA ILE B 356 27.70 -12.28 20.29
C ILE B 356 28.18 -11.66 21.61
N SER B 357 27.28 -11.07 22.38
CA SER B 357 27.59 -10.33 23.62
C SER B 357 28.44 -11.16 24.59
N ASN B 358 28.05 -12.42 24.80
CA ASN B 358 28.76 -13.37 25.67
C ASN B 358 30.21 -13.67 25.21
N VAL B 359 30.53 -13.48 23.92
CA VAL B 359 31.86 -13.74 23.33
C VAL B 359 32.76 -12.52 23.44
N LEU B 360 32.24 -11.31 23.19
CA LEU B 360 32.99 -10.06 23.33
C LEU B 360 33.45 -9.86 24.77
N GLU B 361 32.63 -10.22 25.76
CA GLU B 361 32.99 -10.13 27.17
C GLU B 361 34.17 -11.05 27.53
N TRP B 362 34.32 -12.23 26.88
CA TRP B 362 35.56 -13.01 27.02
C TRP B 362 36.76 -12.31 26.37
N ILE B 363 36.61 -11.78 25.16
CA ILE B 363 37.72 -11.11 24.44
C ILE B 363 38.21 -9.89 25.21
N ILE B 364 37.31 -9.13 25.84
CA ILE B 364 37.67 -8.03 26.73
C ILE B 364 38.39 -8.57 27.97
N TYR B 365 37.76 -9.39 28.81
CA TYR B 365 38.34 -9.71 30.12
C TYR B 365 39.61 -10.57 30.03
N THR B 366 39.72 -11.47 29.04
CA THR B 366 40.95 -12.24 28.82
C THR B 366 42.10 -11.40 28.26
N THR B 367 41.87 -10.15 27.86
CA THR B 367 42.87 -9.28 27.21
C THR B 367 43.15 -7.99 27.99
N GLY B 368 42.13 -7.40 28.62
CA GLY B 368 42.29 -6.28 29.54
C GLY B 368 43.11 -6.66 30.77
N ILE B 369 43.10 -7.93 31.19
CA ILE B 369 44.08 -8.45 32.14
C ILE B 369 45.49 -8.35 31.57
N ILE B 370 45.76 -8.81 30.34
CA ILE B 370 47.11 -8.82 29.78
C ILE B 370 47.67 -7.40 29.62
N PHE B 371 46.83 -6.42 29.28
CA PHE B 371 47.21 -4.99 29.25
C PHE B 371 47.66 -4.45 30.60
N VAL B 372 47.29 -5.11 31.70
CA VAL B 372 47.47 -4.66 33.09
C VAL B 372 48.34 -5.61 33.92
N LEU B 373 48.69 -6.81 33.43
CA LEU B 373 49.51 -7.79 34.16
C LEU B 373 50.76 -7.22 34.82
N PRO B 374 51.48 -6.23 34.27
CA PRO B 374 52.55 -5.50 34.95
C PRO B 374 52.22 -4.86 36.31
N LEU B 375 50.96 -4.91 36.77
CA LEU B 375 50.60 -4.70 38.18
C LEU B 375 51.26 -5.75 39.12
N PHE B 376 51.60 -6.92 38.59
CA PHE B 376 52.18 -8.07 39.30
C PHE B 376 53.36 -8.73 38.55
N VAL B 377 53.22 -8.92 37.23
CA VAL B 377 54.14 -9.73 36.39
C VAL B 377 54.69 -8.88 35.24
N GLU B 378 56.00 -8.72 35.15
CA GLU B 378 56.65 -8.04 34.02
C GLU B 378 56.44 -8.80 32.70
N ILE B 379 56.12 -8.08 31.61
CA ILE B 379 55.69 -8.66 30.31
C ILE B 379 56.27 -7.83 29.15
N PRO B 380 56.52 -8.39 27.96
CA PRO B 380 57.02 -7.62 26.82
C PRO B 380 56.14 -6.43 26.47
N ALA B 381 56.75 -5.26 26.26
CA ALA B 381 56.02 -4.05 25.92
C ALA B 381 55.15 -4.21 24.66
N HIS B 382 55.65 -4.95 23.68
CA HIS B 382 54.92 -5.26 22.46
C HIS B 382 53.64 -6.06 22.73
N LEU B 383 53.68 -7.05 23.62
CA LEU B 383 52.50 -7.84 24.00
C LEU B 383 51.53 -7.03 24.85
N GLN B 384 52.03 -6.17 25.73
CA GLN B 384 51.16 -5.32 26.53
C GLN B 384 50.29 -4.44 25.64
N TRP B 385 50.88 -3.71 24.69
CA TRP B 385 50.11 -2.85 23.79
C TRP B 385 49.39 -3.58 22.66
N GLN B 386 49.87 -4.73 22.19
CA GLN B 386 49.10 -5.53 21.24
C GLN B 386 47.78 -6.01 21.89
N CYS B 387 47.82 -6.37 23.16
CA CYS B 387 46.62 -6.65 23.95
C CYS B 387 45.82 -5.39 24.23
N GLY B 388 46.47 -4.27 24.58
CA GLY B 388 45.79 -2.99 24.76
C GLY B 388 44.99 -2.55 23.54
N ALA B 389 45.52 -2.66 22.33
CA ALA B 389 44.83 -2.32 21.10
C ALA B 389 43.56 -3.15 20.84
N ILE B 390 43.48 -4.37 21.38
CA ILE B 390 42.32 -5.26 21.30
C ILE B 390 41.33 -4.97 22.44
N ALA B 391 41.83 -4.84 23.66
CA ALA B 391 40.98 -4.58 24.83
C ALA B 391 40.32 -3.20 24.74
N VAL B 392 41.08 -2.16 24.41
CA VAL B 392 40.60 -0.77 24.26
C VAL B 392 39.56 -0.67 23.17
N TYR B 393 39.71 -1.41 22.08
CA TYR B 393 38.72 -1.50 21.02
C TYR B 393 37.44 -2.20 21.47
N PHE B 394 37.52 -3.45 21.93
CA PHE B 394 36.31 -4.20 22.26
C PHE B 394 35.54 -3.66 23.47
N TYR B 395 36.18 -3.01 24.47
CA TYR B 395 35.42 -2.23 25.45
C TYR B 395 34.42 -1.24 24.85
N TRP B 396 34.77 -0.49 23.81
CA TRP B 396 33.83 0.46 23.20
C TRP B 396 32.87 -0.19 22.20
N MET B 397 33.30 -1.17 21.40
CA MET B 397 32.38 -1.90 20.52
C MET B 397 31.24 -2.53 21.33
N ASN B 398 31.59 -3.23 22.41
CA ASN B 398 30.65 -3.88 23.31
C ASN B 398 29.87 -2.89 24.18
N PHE B 399 30.29 -1.62 24.29
CA PHE B 399 29.49 -0.63 25.00
C PHE B 399 28.17 -0.34 24.28
N LEU B 400 28.12 -0.43 22.95
CA LEU B 400 26.85 -0.30 22.21
C LEU B 400 25.82 -1.32 22.69
N LEU B 401 26.23 -2.54 23.02
CA LEU B 401 25.32 -3.60 23.45
C LEU B 401 24.73 -3.33 24.85
N TYR B 402 25.30 -2.40 25.64
CA TYR B 402 24.66 -1.88 26.86
C TYR B 402 23.70 -0.72 26.58
N LEU B 403 23.81 -0.03 25.45
CA LEU B 403 22.89 1.05 25.09
C LEU B 403 21.54 0.56 24.55
N GLN B 404 21.39 -0.72 24.20
CA GLN B 404 20.12 -1.30 23.77
C GLN B 404 18.95 -1.12 24.75
N ARG B 405 19.23 -0.82 26.02
CA ARG B 405 18.23 -0.70 27.09
C ARG B 405 17.60 0.69 27.23
N PHE B 406 18.02 1.66 26.41
CA PHE B 406 17.39 2.97 26.30
C PHE B 406 16.56 3.07 25.02
N GLU B 407 15.33 3.56 25.09
CA GLU B 407 14.50 3.85 23.90
C GLU B 407 15.17 4.81 22.90
N ASN B 408 15.98 5.74 23.41
CA ASN B 408 16.71 6.75 22.64
C ASN B 408 17.83 6.17 21.76
N CYS B 409 18.20 4.89 21.98
CA CYS B 409 19.36 4.23 21.39
C CYS B 409 19.01 2.90 20.73
N GLY B 410 18.20 2.08 21.37
CA GLY B 410 18.08 0.66 21.01
C GLY B 410 17.65 0.41 19.58
N ILE B 411 16.74 1.22 19.03
CA ILE B 411 16.30 1.03 17.64
C ILE B 411 17.43 1.22 16.62
N PHE B 412 18.43 2.07 16.88
CA PHE B 412 19.59 2.20 16.00
C PHE B 412 20.50 0.98 16.06
N ILE B 413 20.50 0.25 17.16
CA ILE B 413 21.23 -1.00 17.30
C ILE B 413 20.43 -2.18 16.71
N VAL B 414 19.10 -2.15 16.74
CA VAL B 414 18.29 -3.08 15.92
C VAL B 414 18.63 -2.88 14.43
N MET B 415 18.70 -1.63 13.97
CA MET B 415 19.07 -1.34 12.58
C MET B 415 20.52 -1.72 12.25
N LEU B 416 21.44 -1.68 13.21
CA LEU B 416 22.81 -2.19 13.04
C LEU B 416 22.84 -3.73 13.00
N GLU B 417 22.14 -4.41 13.89
CA GLU B 417 22.04 -5.87 13.90
C GLU B 417 21.45 -6.40 12.59
N VAL B 418 20.37 -5.77 12.10
CA VAL B 418 19.68 -6.14 10.86
C VAL B 418 20.56 -5.97 9.63
N ILE B 419 21.25 -4.82 9.48
CA ILE B 419 22.11 -4.61 8.31
C ILE B 419 23.39 -5.44 8.37
N LEU B 420 24.00 -5.62 9.55
CA LEU B 420 25.22 -6.40 9.66
C LEU B 420 24.98 -7.87 9.33
N LYS B 421 23.89 -8.46 9.83
CA LYS B 421 23.48 -9.83 9.47
C LYS B 421 23.15 -9.95 7.99
N THR B 422 22.52 -8.95 7.38
CA THR B 422 22.25 -8.96 5.94
C THR B 422 23.53 -8.91 5.12
N LEU B 423 24.48 -8.06 5.51
CA LEU B 423 25.78 -7.96 4.86
C LEU B 423 26.58 -9.27 4.99
N LEU B 424 26.45 -9.96 6.11
CA LEU B 424 27.09 -11.25 6.33
C LEU B 424 26.55 -12.36 5.41
N ARG B 425 25.23 -12.53 5.26
CA ARG B 425 24.67 -13.48 4.29
C ARG B 425 25.19 -13.20 2.87
N SER B 426 25.35 -11.93 2.52
CA SER B 426 25.85 -11.50 1.22
C SER B 426 27.31 -11.87 0.95
N THR B 427 28.20 -11.92 1.94
CA THR B 427 29.59 -12.37 1.71
C THR B 427 29.72 -13.85 1.34
N VAL B 428 28.81 -14.72 1.80
CA VAL B 428 28.85 -16.16 1.51
C VAL B 428 28.68 -16.41 0.01
N VAL B 429 28.10 -15.44 -0.71
CA VAL B 429 28.17 -15.38 -2.16
C VAL B 429 29.40 -14.57 -2.61
N PHE B 430 29.47 -13.27 -2.28
CA PHE B 430 30.36 -12.36 -2.99
C PHE B 430 31.85 -12.35 -2.59
N ILE B 431 32.30 -13.10 -1.58
CA ILE B 431 33.74 -13.30 -1.39
C ILE B 431 34.36 -13.99 -2.60
N PHE B 432 33.64 -14.91 -3.25
CA PHE B 432 34.12 -15.52 -4.48
C PHE B 432 34.12 -14.57 -5.69
N LEU B 433 33.51 -13.39 -5.58
CA LEU B 433 33.71 -12.30 -6.54
C LEU B 433 35.01 -11.57 -6.23
N LEU B 434 35.25 -11.21 -4.96
CA LEU B 434 36.52 -10.59 -4.53
C LEU B 434 37.72 -11.45 -4.90
N LEU B 435 37.64 -12.75 -4.67
CA LEU B 435 38.76 -13.65 -4.91
C LEU B 435 39.12 -13.76 -6.40
N ALA B 436 38.14 -13.55 -7.30
CA ALA B 436 38.40 -13.43 -8.73
C ALA B 436 39.26 -12.21 -9.04
N PHE B 437 38.89 -11.03 -8.55
CA PHE B 437 39.67 -9.82 -8.77
C PHE B 437 41.01 -9.86 -8.05
N GLY B 438 41.07 -10.33 -6.80
CA GLY B 438 42.31 -10.39 -6.03
C GLY B 438 43.37 -11.29 -6.65
N LEU B 439 42.99 -12.50 -7.09
CA LEU B 439 43.91 -13.39 -7.79
C LEU B 439 44.19 -12.90 -9.21
N SER B 440 43.26 -12.23 -9.90
CA SER B 440 43.53 -11.71 -11.25
C SER B 440 44.48 -10.52 -11.23
N PHE B 441 44.29 -9.53 -10.35
CA PHE B 441 45.23 -8.42 -10.22
C PHE B 441 46.59 -8.86 -9.70
N TYR B 442 46.68 -9.96 -8.95
CA TYR B 442 47.98 -10.54 -8.60
C TYR B 442 48.78 -10.97 -9.85
N ILE B 443 48.13 -11.46 -10.90
CA ILE B 443 48.80 -11.79 -12.17
C ILE B 443 49.17 -10.52 -12.94
N LEU B 444 48.20 -9.63 -13.13
CA LEU B 444 48.26 -8.49 -14.05
C LEU B 444 49.11 -7.32 -13.57
N LEU B 445 49.26 -7.13 -12.26
CA LEU B 445 49.94 -5.98 -11.66
C LEU B 445 51.12 -6.39 -10.77
N ASN B 446 51.65 -7.60 -10.96
CA ASN B 446 52.62 -8.21 -10.06
C ASN B 446 53.91 -7.40 -9.84
N LEU B 447 54.32 -6.60 -10.82
CA LEU B 447 55.54 -5.78 -10.73
C LEU B 447 55.40 -4.57 -9.79
N GLN B 448 54.25 -4.34 -9.16
CA GLN B 448 54.00 -3.18 -8.31
C GLN B 448 53.99 -3.55 -6.82
N ASP B 449 54.63 -2.75 -5.97
CA ASP B 449 54.60 -2.93 -4.51
C ASP B 449 53.20 -3.28 -3.96
N PRO B 450 52.13 -2.53 -4.26
CA PRO B 450 50.84 -2.67 -3.58
C PRO B 450 50.03 -3.91 -3.96
N PHE B 451 50.52 -4.75 -4.87
CA PHE B 451 49.94 -6.03 -5.27
C PHE B 451 50.97 -7.18 -5.20
N SER B 452 52.10 -6.99 -4.51
CA SER B 452 53.27 -7.89 -4.59
C SER B 452 53.04 -9.36 -4.23
N SER B 453 51.98 -9.70 -3.50
CA SER B 453 51.73 -11.04 -2.94
C SER B 453 50.23 -11.29 -2.98
N PRO B 454 49.74 -12.55 -3.05
CA PRO B 454 48.33 -12.80 -3.21
C PRO B 454 47.50 -12.22 -2.07
N LEU B 455 47.96 -12.33 -0.82
CA LEU B 455 47.28 -11.73 0.32
C LEU B 455 47.22 -10.19 0.24
N LEU B 456 48.34 -9.51 -0.07
CA LEU B 456 48.33 -8.05 -0.26
C LEU B 456 47.45 -7.62 -1.44
N SER B 457 47.34 -8.46 -2.48
CA SER B 457 46.49 -8.20 -3.63
C SER B 457 45.00 -8.31 -3.29
N ILE B 458 44.63 -9.29 -2.48
CA ILE B 458 43.25 -9.42 -2.02
C ILE B 458 42.92 -8.32 -1.00
N ILE B 459 43.86 -7.89 -0.13
CA ILE B 459 43.63 -6.73 0.76
C ILE B 459 43.49 -5.43 -0.03
N GLN B 460 44.26 -5.25 -1.10
CA GLN B 460 44.13 -4.09 -1.97
C GLN B 460 42.77 -4.06 -2.66
N THR B 461 42.36 -5.15 -3.32
CA THR B 461 41.06 -5.22 -3.99
C THR B 461 39.90 -5.15 -3.03
N PHE B 462 40.07 -5.61 -1.79
CA PHE B 462 39.18 -5.24 -0.71
C PHE B 462 39.17 -3.73 -0.48
N SER B 463 40.31 -3.06 -0.32
CA SER B 463 40.33 -1.62 -0.03
C SER B 463 39.85 -0.74 -1.20
N MET B 464 40.00 -1.19 -2.45
CA MET B 464 39.50 -0.49 -3.65
C MET B 464 37.97 -0.49 -3.77
N MET B 465 37.31 -1.45 -3.17
CA MET B 465 35.86 -1.65 -3.18
C MET B 465 35.02 -0.39 -3.01
N LEU B 466 35.44 0.51 -2.14
CA LEU B 466 34.69 1.74 -1.82
C LEU B 466 34.61 2.71 -2.99
N GLY B 467 35.35 2.47 -4.07
CA GLY B 467 35.48 3.37 -5.20
C GLY B 467 36.64 4.34 -5.05
N ASP B 468 37.81 3.82 -4.69
CA ASP B 468 39.08 4.55 -4.70
C ASP B 468 40.19 3.67 -5.28
N ILE B 469 40.17 3.54 -6.61
CA ILE B 469 40.92 2.50 -7.33
C ILE B 469 42.42 2.84 -7.47
N ASN B 470 42.86 4.03 -7.05
CA ASN B 470 44.21 4.56 -7.28
C ASN B 470 44.61 4.52 -8.76
N TYR B 471 43.66 4.81 -9.67
CA TYR B 471 43.81 4.60 -11.11
C TYR B 471 45.09 5.19 -11.71
N ARG B 472 45.39 6.46 -11.46
CA ARG B 472 46.59 7.07 -12.02
C ARG B 472 47.86 6.42 -11.48
N GLU B 473 47.86 5.97 -10.24
CA GLU B 473 49.04 5.56 -9.51
C GLU B 473 49.45 4.11 -9.78
N SER B 474 48.54 3.25 -10.24
CA SER B 474 48.82 1.83 -10.55
C SER B 474 48.31 1.31 -11.90
N PHE B 475 47.60 2.09 -12.71
CA PHE B 475 47.26 1.73 -14.10
C PHE B 475 47.86 2.71 -15.09
N LEU B 476 47.54 4.00 -15.04
CA LEU B 476 48.04 4.95 -16.03
C LEU B 476 49.53 5.21 -15.92
N GLU B 477 50.05 5.64 -14.78
CA GLU B 477 51.46 5.99 -14.69
C GLU B 477 52.36 4.79 -15.01
N PRO B 478 52.05 3.55 -14.60
CA PRO B 478 52.68 2.35 -15.13
C PRO B 478 52.53 2.16 -16.63
N TYR B 479 51.36 2.39 -17.22
CA TYR B 479 51.15 2.22 -18.66
C TYR B 479 52.03 3.16 -19.47
N LEU B 480 52.07 4.44 -19.12
CA LEU B 480 52.90 5.45 -19.77
C LEU B 480 54.41 5.29 -19.50
N ARG B 481 54.82 4.25 -18.76
CA ARG B 481 56.22 3.83 -18.56
C ARG B 481 56.46 2.37 -18.98
N ASN B 482 55.48 1.71 -19.60
CA ASN B 482 55.48 0.28 -19.95
C ASN B 482 55.70 -0.69 -18.78
N GLU B 483 55.42 -0.27 -17.54
CA GLU B 483 55.52 -1.11 -16.34
C GLU B 483 54.33 -2.09 -16.20
N LEU B 484 53.24 -1.91 -16.94
CA LEU B 484 52.20 -2.94 -17.08
C LEU B 484 52.71 -4.07 -18.00
N ALA B 485 52.66 -5.31 -17.53
CA ALA B 485 53.08 -6.46 -18.34
C ALA B 485 52.02 -6.89 -19.38
N HIS B 486 50.72 -6.67 -19.09
CA HIS B 486 49.59 -7.12 -19.91
C HIS B 486 48.59 -5.98 -20.16
N PRO B 487 48.96 -4.90 -20.89
CA PRO B 487 48.23 -3.65 -20.84
C PRO B 487 46.78 -3.78 -21.31
N VAL B 488 46.52 -4.39 -22.45
CA VAL B 488 45.16 -4.48 -23.02
C VAL B 488 44.19 -5.21 -22.09
N LEU B 489 44.68 -6.23 -21.39
CA LEU B 489 43.90 -7.00 -20.41
C LEU B 489 43.82 -6.31 -19.04
N SER B 490 44.85 -5.57 -18.65
CA SER B 490 44.93 -4.85 -17.38
C SER B 490 43.91 -3.72 -17.29
N PHE B 491 43.74 -2.92 -18.34
CA PHE B 491 42.63 -1.95 -18.40
C PHE B 491 41.26 -2.64 -18.53
N ALA B 492 41.15 -3.79 -19.20
CA ALA B 492 39.88 -4.52 -19.25
C ALA B 492 39.47 -5.06 -17.88
N GLN B 493 40.41 -5.43 -17.02
CA GLN B 493 40.14 -5.84 -15.64
C GLN B 493 39.84 -4.63 -14.72
N LEU B 494 40.46 -3.47 -14.95
CA LEU B 494 40.10 -2.22 -14.29
C LEU B 494 38.62 -1.88 -14.48
N VAL B 495 38.12 -1.90 -15.72
CA VAL B 495 36.72 -1.55 -15.96
C VAL B 495 35.80 -2.64 -15.48
N SER B 496 36.20 -3.90 -15.55
CA SER B 496 35.40 -4.99 -15.00
C SER B 496 35.25 -4.84 -13.49
N PHE B 497 36.30 -4.48 -12.75
CA PHE B 497 36.19 -4.18 -11.33
C PHE B 497 35.30 -2.97 -11.09
N THR B 498 35.52 -1.88 -11.82
CA THR B 498 34.80 -0.62 -11.61
C THR B 498 33.30 -0.77 -11.83
N ILE B 499 32.88 -1.57 -12.80
CA ILE B 499 31.48 -1.92 -13.05
C ILE B 499 30.97 -2.84 -11.95
N PHE B 500 31.64 -3.97 -11.69
CA PHE B 500 31.07 -4.99 -10.82
C PHE B 500 31.01 -4.58 -9.36
N VAL B 501 31.93 -3.77 -8.84
CA VAL B 501 32.06 -3.55 -7.38
C VAL B 501 31.72 -2.13 -6.89
N PRO B 502 32.47 -1.05 -7.16
CA PRO B 502 32.08 0.28 -6.73
C PRO B 502 30.70 0.73 -7.21
N ILE B 503 30.17 0.08 -8.25
CA ILE B 503 28.90 0.40 -8.90
C ILE B 503 27.90 -0.71 -8.66
N VAL B 504 28.08 -1.93 -9.14
CA VAL B 504 27.07 -2.98 -8.96
C VAL B 504 26.95 -3.46 -7.51
N LEU B 505 27.99 -4.04 -6.88
CA LEU B 505 27.83 -4.52 -5.50
C LEU B 505 27.51 -3.39 -4.51
N MET B 506 28.21 -2.26 -4.58
CA MET B 506 27.97 -1.19 -3.63
C MET B 506 26.63 -0.48 -3.84
N ASN B 507 25.94 -0.63 -4.98
CA ASN B 507 24.53 -0.26 -5.13
C ASN B 507 23.58 -1.37 -4.72
N LEU B 508 23.94 -2.65 -4.94
CA LEU B 508 23.18 -3.78 -4.43
C LEU B 508 23.04 -3.72 -2.92
N LEU B 509 24.11 -3.41 -2.20
CA LEU B 509 24.05 -3.23 -0.75
C LEU B 509 23.21 -2.03 -0.29
N ILE B 510 23.17 -0.92 -1.02
CA ILE B 510 22.22 0.14 -0.69
C ILE B 510 20.78 -0.35 -0.92
N GLY B 511 20.55 -1.20 -1.93
CA GLY B 511 19.25 -1.81 -2.18
C GLY B 511 18.75 -2.68 -1.03
N LEU B 512 19.62 -3.53 -0.48
CA LEU B 512 19.38 -4.33 0.73
C LEU B 512 19.17 -3.40 1.94
N ALA B 513 20.13 -2.54 2.25
CA ALA B 513 20.09 -1.69 3.43
C ALA B 513 18.84 -0.80 3.48
N VAL B 514 18.52 -0.08 2.41
CA VAL B 514 17.30 0.74 2.35
C VAL B 514 16.05 -0.10 2.45
N GLY B 515 16.04 -1.29 1.86
CA GLY B 515 14.89 -2.20 1.90
C GLY B 515 14.61 -2.74 3.30
N ASP B 516 15.64 -3.12 4.05
CA ASP B 516 15.52 -3.70 5.39
C ASP B 516 15.29 -2.64 6.46
N ILE B 517 16.00 -1.51 6.41
CA ILE B 517 15.90 -0.46 7.43
C ILE B 517 14.56 0.28 7.33
N ALA B 518 14.01 0.43 6.12
CA ALA B 518 12.63 0.87 5.94
C ALA B 518 11.59 -0.18 6.36
N ASP B 519 12.01 -1.40 6.72
CA ASP B 519 11.17 -2.42 7.36
C ASP B 519 11.34 -2.43 8.89
N VAL B 520 12.53 -2.16 9.44
CA VAL B 520 12.65 -1.88 10.89
C VAL B 520 11.82 -0.65 11.27
N GLN B 521 11.87 0.42 10.49
CA GLN B 521 11.00 1.59 10.68
C GLN B 521 9.50 1.33 10.46
N LYS B 522 9.08 0.17 9.96
CA LYS B 522 7.65 -0.25 9.98
C LYS B 522 7.21 -0.64 11.38
N HIS B 523 8.13 -1.24 12.14
CA HIS B 523 7.92 -1.81 13.47
C HIS B 523 8.39 -0.90 14.60
N ALA B 524 9.27 0.07 14.34
CA ALA B 524 10.06 0.79 15.35
C ALA B 524 9.24 1.32 16.54
N SER B 525 8.11 1.96 16.28
CA SER B 525 7.26 2.55 17.31
C SER B 525 6.65 1.52 18.26
N LEU B 526 6.51 0.26 17.83
CA LEU B 526 6.23 -0.88 18.70
C LEU B 526 7.50 -1.54 19.23
N LYS B 527 8.56 -1.69 18.42
CA LYS B 527 9.77 -2.42 18.83
C LYS B 527 10.46 -1.76 20.02
N ARG B 528 10.47 -0.43 20.12
CA ARG B 528 10.89 0.29 21.34
C ARG B 528 10.16 -0.23 22.57
N ILE B 529 8.83 -0.25 22.52
CA ILE B 529 8.01 -0.66 23.66
C ILE B 529 8.12 -2.16 23.92
N ALA B 530 8.26 -3.00 22.89
CA ALA B 530 8.49 -4.42 23.07
C ALA B 530 9.83 -4.71 23.77
N MET B 531 10.90 -3.97 23.44
CA MET B 531 12.17 -4.06 24.14
C MET B 531 12.04 -3.63 25.60
N GLN B 532 11.34 -2.51 25.88
CA GLN B 532 11.12 -2.07 27.25
C GLN B 532 10.30 -3.08 28.06
N VAL B 533 9.20 -3.60 27.53
CA VAL B 533 8.39 -4.61 28.21
C VAL B 533 9.20 -5.88 28.48
N GLU B 534 10.00 -6.35 27.52
CA GLU B 534 10.84 -7.54 27.71
C GLU B 534 11.95 -7.30 28.75
N LEU B 535 12.55 -6.11 28.79
CA LEU B 535 13.53 -5.71 29.80
C LEU B 535 12.90 -5.67 31.20
N HIS B 536 11.82 -4.92 31.37
CA HIS B 536 11.23 -4.74 32.69
C HIS B 536 10.63 -6.03 33.24
N THR B 537 10.05 -6.90 32.41
CA THR B 537 9.56 -8.20 32.87
C THR B 537 10.68 -9.18 33.18
N SER B 538 11.79 -9.15 32.44
CA SER B 538 12.95 -10.00 32.74
C SER B 538 13.55 -9.62 34.09
N LEU B 539 13.67 -8.33 34.38
CA LEU B 539 14.03 -7.86 35.73
C LEU B 539 12.96 -8.23 36.77
N GLU B 540 11.67 -8.13 36.47
CA GLU B 540 10.61 -8.48 37.42
C GLU B 540 10.65 -9.97 37.82
N LYS B 541 11.10 -10.85 36.90
CA LYS B 541 11.31 -12.28 37.15
C LYS B 541 12.58 -12.60 37.94
N LYS B 542 13.60 -11.73 37.88
CA LYS B 542 14.90 -11.95 38.54
C LYS B 542 15.06 -11.20 39.87
N LEU B 543 14.39 -10.06 40.07
CA LEU B 543 14.30 -9.42 41.39
C LEU B 543 13.54 -10.30 42.39
N PRO B 544 13.92 -10.34 43.68
CA PRO B 544 13.20 -11.09 44.71
C PRO B 544 11.84 -10.45 45.06
N LEU B 545 10.83 -11.29 45.29
CA LEU B 545 9.41 -10.89 45.27
C LEU B 545 9.05 -9.73 46.22
N TRP B 546 9.59 -9.73 47.44
CA TRP B 546 9.29 -8.68 48.44
C TRP B 546 9.73 -7.29 47.95
N PHE B 547 10.80 -7.22 47.14
CA PHE B 547 11.33 -5.97 46.64
C PHE B 547 10.34 -5.30 45.69
N LEU B 548 9.72 -6.06 44.78
CA LEU B 548 8.71 -5.52 43.87
C LEU B 548 7.53 -4.95 44.66
N ARG B 549 6.98 -5.72 45.62
CA ARG B 549 5.84 -5.28 46.43
C ARG B 549 6.17 -4.08 47.35
N LYS B 550 7.43 -3.87 47.71
CA LYS B 550 7.89 -2.66 48.41
C LYS B 550 8.07 -1.44 47.51
N VAL B 551 8.60 -1.63 46.30
CA VAL B 551 9.07 -0.55 45.40
C VAL B 551 8.04 -0.14 44.32
N ASP B 552 7.17 -1.05 43.88
CA ASP B 552 6.06 -0.77 42.94
C ASP B 552 5.00 0.16 43.55
N GLN B 553 4.10 0.69 42.73
CA GLN B 553 3.29 1.88 43.03
C GLN B 553 2.02 1.85 42.18
N LYS B 554 0.86 1.48 42.76
CA LYS B 554 -0.39 1.20 42.01
C LYS B 554 -1.05 2.43 41.38
N SER B 555 -0.65 3.65 41.74
CA SER B 555 -1.12 4.88 41.09
C SER B 555 -0.09 6.00 41.17
N THR B 556 -0.08 6.89 40.18
CA THR B 556 0.88 8.01 40.05
C THR B 556 0.20 9.31 39.60
N ILE B 557 0.55 10.44 40.21
CA ILE B 557 0.12 11.78 39.77
C ILE B 557 1.14 12.38 38.78
N VAL B 558 0.66 13.24 37.88
CA VAL B 558 1.46 14.07 36.96
C VAL B 558 0.99 15.53 37.02
N TYR B 559 1.92 16.48 36.94
CA TYR B 559 1.66 17.92 36.99
C TYR B 559 2.17 18.62 35.70
N PRO B 560 1.42 18.59 34.58
CA PRO B 560 1.82 19.17 33.29
C PRO B 560 2.28 20.64 33.38
N SER B 592 -6.71 1.77 8.33
CA SER B 592 -7.94 1.23 8.92
C SER B 592 -8.44 -0.04 8.21
N LEU B 593 -8.21 -0.16 6.90
CA LEU B 593 -8.89 -1.14 6.04
C LEU B 593 -8.77 -2.58 6.53
N GLU B 594 -7.62 -2.92 7.12
CA GLU B 594 -7.26 -4.25 7.61
C GLU B 594 -8.03 -4.71 8.87
N MET B 595 -8.96 -3.89 9.36
CA MET B 595 -10.01 -4.22 10.33
C MET B 595 -11.37 -3.61 9.97
N GLU B 596 -11.41 -2.53 9.20
CA GLU B 596 -12.66 -1.87 8.77
C GLU B 596 -13.47 -2.74 7.80
N ILE B 597 -12.80 -3.43 6.89
CA ILE B 597 -13.41 -4.47 6.04
C ILE B 597 -13.82 -5.68 6.88
N LEU B 598 -13.04 -6.07 7.88
CA LEU B 598 -13.41 -7.17 8.78
C LEU B 598 -14.68 -6.82 9.57
N LYS B 599 -14.87 -5.58 9.99
CA LYS B 599 -16.11 -5.13 10.64
C LYS B 599 -17.28 -5.11 9.67
N GLN B 600 -17.08 -4.68 8.42
CA GLN B 600 -18.06 -4.79 7.36
C GLN B 600 -18.49 -6.25 7.10
N LYS B 601 -17.56 -7.21 7.22
CA LYS B 601 -17.81 -8.65 7.11
C LYS B 601 -18.82 -9.11 8.16
N TYR B 602 -18.67 -8.69 9.41
CA TYR B 602 -19.62 -9.04 10.49
C TYR B 602 -20.98 -8.40 10.25
N ARG B 603 -21.01 -7.11 9.88
CA ARG B 603 -22.24 -6.37 9.59
C ARG B 603 -23.01 -6.97 8.42
N LEU B 604 -22.31 -7.51 7.41
CA LEU B 604 -22.89 -8.23 6.27
C LEU B 604 -23.30 -9.66 6.63
N LYS B 605 -22.54 -10.35 7.48
CA LYS B 605 -22.83 -11.72 7.94
C LYS B 605 -24.11 -11.78 8.76
N ASP B 606 -24.30 -10.88 9.72
CA ASP B 606 -25.54 -10.81 10.50
C ASP B 606 -26.65 -9.97 9.84
N LEU B 607 -26.43 -9.54 8.59
CA LEU B 607 -27.49 -9.16 7.64
C LEU B 607 -27.96 -10.38 6.85
N THR B 608 -27.07 -11.14 6.22
CA THR B 608 -27.47 -12.32 5.43
C THR B 608 -28.11 -13.39 6.31
N PHE B 609 -27.71 -13.53 7.57
CA PHE B 609 -28.39 -14.39 8.55
C PHE B 609 -29.79 -13.90 8.95
N LEU B 610 -30.01 -12.58 9.03
CA LEU B 610 -31.33 -12.00 9.28
C LEU B 610 -32.28 -12.20 8.09
N LEU B 611 -31.79 -12.08 6.87
CA LEU B 611 -32.59 -12.40 5.69
C LEU B 611 -32.91 -13.89 5.61
N GLU B 612 -31.97 -14.78 5.91
CA GLU B 612 -32.23 -16.23 5.93
C GLU B 612 -33.22 -16.63 7.04
N LYS B 613 -33.33 -15.88 8.15
CA LYS B 613 -34.42 -16.03 9.14
C LYS B 613 -35.76 -15.49 8.64
N GLN B 614 -35.76 -14.44 7.84
CA GLN B 614 -36.97 -13.78 7.32
C GLN B 614 -37.58 -14.48 6.11
N HIS B 615 -36.77 -15.03 5.21
CA HIS B 615 -37.25 -15.82 4.07
C HIS B 615 -38.14 -16.98 4.50
N GLU B 616 -37.90 -17.54 5.68
CA GLU B 616 -38.66 -18.64 6.26
C GLU B 616 -39.88 -18.19 7.08
N LEU B 617 -40.13 -16.88 7.23
CA LEU B 617 -41.47 -16.37 7.56
C LEU B 617 -42.30 -16.14 6.31
N ILE B 618 -41.72 -15.65 5.21
CA ILE B 618 -42.49 -15.44 3.99
C ILE B 618 -42.98 -16.76 3.39
N LYS B 619 -42.18 -17.82 3.40
CA LYS B 619 -42.65 -19.17 3.03
C LYS B 619 -43.79 -19.63 3.93
N LEU B 620 -43.72 -19.34 5.24
CA LEU B 620 -44.77 -19.73 6.19
C LEU B 620 -46.07 -18.98 5.96
N ILE B 621 -46.02 -17.71 5.54
CA ILE B 621 -47.24 -16.97 5.18
C ILE B 621 -47.95 -17.70 4.05
N ILE B 622 -47.29 -18.06 2.95
CA ILE B 622 -47.93 -18.76 1.82
C ILE B 622 -48.45 -20.15 2.24
N GLN B 623 -47.76 -20.79 3.17
CA GLN B 623 -48.15 -22.09 3.70
C GLN B 623 -49.46 -22.05 4.51
N LYS B 624 -49.71 -21.00 5.30
CA LYS B 624 -50.91 -20.89 6.16
C LYS B 624 -52.02 -20.01 5.60
N MET B 625 -51.70 -19.04 4.75
CA MET B 625 -52.61 -18.06 4.16
C MET B 625 -53.89 -18.67 3.61
N GLU B 626 -55.06 -18.14 3.97
CA GLU B 626 -56.34 -18.57 3.38
C GLU B 626 -56.44 -18.06 1.94
N ILE B 627 -56.62 -18.96 0.97
CA ILE B 627 -56.75 -18.65 -0.45
C ILE B 627 -58.13 -19.07 -0.94
N ILE B 628 -58.90 -18.12 -1.44
CA ILE B 628 -60.21 -18.36 -2.08
C ILE B 628 -60.35 -17.34 -3.23
N SER B 629 -60.98 -17.73 -4.33
CA SER B 629 -61.21 -16.86 -5.50
C SER B 629 -59.91 -16.37 -6.19
N GLU B 630 -58.86 -17.20 -6.15
CA GLU B 630 -57.56 -16.99 -6.83
C GLU B 630 -56.98 -18.31 -7.39
N THR B 631 -57.82 -19.34 -7.52
CA THR B 631 -57.44 -20.73 -7.82
C THR B 631 -58.57 -21.44 -8.59
N SER C 1 -58.22 2.20 20.75
CA SER C 1 -57.20 1.28 20.18
C SER C 1 -57.50 0.78 18.76
N PRO C 2 -58.68 0.22 18.40
CA PRO C 2 -58.90 -0.33 17.06
C PRO C 2 -58.61 0.60 15.87
N LEU C 3 -58.93 1.90 15.98
CA LEU C 3 -58.58 2.87 14.94
C LEU C 3 -57.08 3.15 14.87
N HIS C 4 -56.33 3.11 15.97
CA HIS C 4 -54.88 3.32 15.94
C HIS C 4 -54.19 2.30 15.04
N PHE C 5 -54.59 1.03 15.09
CA PHE C 5 -54.09 0.05 14.15
C PHE C 5 -54.53 0.36 12.71
N ALA C 6 -55.81 0.62 12.47
CA ALA C 6 -56.31 0.86 11.13
C ALA C 6 -55.69 2.11 10.47
N ALA C 7 -55.48 3.18 11.23
CA ALA C 7 -54.80 4.37 10.73
C ALA C 7 -53.30 4.11 10.56
N SER C 8 -52.66 3.36 11.45
CA SER C 8 -51.22 3.13 11.41
C SER C 8 -50.75 2.36 10.18
N TYR C 9 -51.62 1.55 9.58
CA TYR C 9 -51.28 0.75 8.40
C TYR C 9 -52.07 1.17 7.15
N GLY C 10 -52.54 2.42 7.11
CA GLY C 10 -53.12 3.00 5.91
C GLY C 10 -54.44 2.35 5.48
N ARG C 11 -55.14 1.70 6.42
CA ARG C 11 -56.30 0.84 6.17
C ARG C 11 -57.55 1.70 5.96
N ILE C 12 -57.51 2.49 4.89
CA ILE C 12 -58.42 3.60 4.64
C ILE C 12 -59.88 3.17 4.65
N ASN C 13 -60.21 2.05 4.00
CA ASN C 13 -61.59 1.54 3.97
C ASN C 13 -62.04 0.86 5.29
N THR C 14 -61.17 0.80 6.31
CA THR C 14 -61.56 0.54 7.71
C THR C 14 -61.75 1.84 8.50
N CYS C 15 -60.90 2.84 8.30
CA CYS C 15 -61.06 4.15 8.93
C CYS C 15 -62.40 4.79 8.55
N GLN C 16 -62.79 4.69 7.27
CA GLN C 16 -64.10 5.12 6.76
C GLN C 16 -65.30 4.38 7.38
N ARG C 17 -65.08 3.36 8.23
CA ARG C 17 -66.12 2.60 8.96
C ARG C 17 -66.06 2.88 10.46
N LEU C 18 -64.86 2.88 11.05
CA LEU C 18 -64.63 3.26 12.46
C LEU C 18 -65.08 4.71 12.72
N LEU C 19 -64.77 5.63 11.81
CA LEU C 19 -65.15 7.05 11.91
C LEU C 19 -66.55 7.35 11.35
N GLN C 20 -67.26 6.38 10.79
CA GLN C 20 -68.59 6.58 10.20
C GLN C 20 -69.65 6.95 11.25
N ASP C 21 -69.43 6.57 12.52
CA ASP C 21 -70.15 7.07 13.69
C ASP C 21 -69.69 8.49 14.08
N ILE C 22 -69.76 9.44 13.14
CA ILE C 22 -69.14 10.77 13.21
C ILE C 22 -69.73 11.76 14.24
N SER C 23 -70.62 11.30 15.12
CA SER C 23 -71.28 12.11 16.14
C SER C 23 -70.37 12.63 17.27
N ASP C 24 -69.17 12.08 17.44
CA ASP C 24 -68.19 12.54 18.44
C ASP C 24 -66.74 12.36 17.98
N THR C 25 -65.86 13.27 18.43
CA THR C 25 -64.43 13.29 18.07
C THR C 25 -63.54 12.59 19.11
N ARG C 26 -64.09 12.04 20.20
CA ARG C 26 -63.30 11.48 21.29
C ARG C 26 -62.35 10.36 20.86
N LEU C 27 -62.75 9.53 19.88
CA LEU C 27 -61.88 8.55 19.22
C LEU C 27 -60.90 9.22 18.23
N LEU C 28 -61.39 10.12 17.37
CA LEU C 28 -60.60 10.78 16.32
C LEU C 28 -59.46 11.66 16.87
N ASN C 29 -59.53 12.09 18.12
CA ASN C 29 -58.45 12.81 18.82
C ASN C 29 -57.90 12.00 20.01
N GLU C 30 -58.16 10.70 20.07
CA GLU C 30 -57.83 9.87 21.23
C GLU C 30 -56.33 9.83 21.55
N GLY C 31 -56.01 9.60 22.82
CA GLY C 31 -54.64 9.39 23.29
C GLY C 31 -54.10 8.00 22.96
N ASP C 32 -52.97 7.63 23.56
CA ASP C 32 -52.26 6.37 23.34
C ASP C 32 -51.29 6.08 24.50
N LEU C 33 -50.77 4.85 24.61
CA LEU C 33 -49.68 4.50 25.52
C LEU C 33 -48.45 5.41 25.38
N HIS C 34 -48.10 5.84 24.15
CA HIS C 34 -47.05 6.83 23.88
C HIS C 34 -47.61 8.26 23.66
N GLY C 35 -48.90 8.49 23.92
CA GLY C 35 -49.50 9.82 23.85
C GLY C 35 -49.71 10.37 22.45
N MET C 36 -49.55 9.52 21.43
CA MET C 36 -49.87 9.80 20.04
C MET C 36 -51.39 9.82 19.76
N THR C 37 -51.76 10.08 18.52
CA THR C 37 -53.14 10.13 18.01
C THR C 37 -53.22 9.42 16.65
N PRO C 38 -54.39 9.00 16.14
CA PRO C 38 -54.50 8.38 14.82
C PRO C 38 -53.81 9.15 13.70
N LEU C 39 -53.86 10.49 13.71
CA LEU C 39 -53.16 11.31 12.72
C LEU C 39 -51.64 11.18 12.82
N HIS C 40 -51.09 10.97 14.02
CA HIS C 40 -49.66 10.70 14.19
C HIS C 40 -49.30 9.31 13.70
N LEU C 41 -50.12 8.30 13.98
CA LEU C 41 -49.86 6.94 13.51
C LEU C 41 -49.87 6.89 11.99
N ALA C 42 -50.79 7.60 11.32
CA ALA C 42 -50.83 7.68 9.87
C ALA C 42 -49.61 8.42 9.30
N ALA C 43 -49.26 9.58 9.86
CA ALA C 43 -48.09 10.33 9.43
C ALA C 43 -46.79 9.53 9.62
N LYS C 44 -46.62 8.87 10.77
CA LYS C 44 -45.45 8.05 11.11
C LYS C 44 -45.14 6.97 10.09
N ASN C 45 -46.14 6.46 9.37
CA ASN C 45 -46.00 5.39 8.40
C ASN C 45 -46.21 5.86 6.94
N GLY C 46 -46.38 7.16 6.70
CA GLY C 46 -46.39 7.73 5.36
C GLY C 46 -47.70 7.57 4.58
N HIS C 47 -48.80 7.22 5.24
CA HIS C 47 -50.09 6.95 4.61
C HIS C 47 -50.86 8.23 4.29
N ASP C 48 -50.52 8.82 3.15
CA ASP C 48 -51.09 10.09 2.69
C ASP C 48 -52.62 10.12 2.62
N LYS C 49 -53.29 9.08 2.12
CA LYS C 49 -54.76 9.03 2.13
C LYS C 49 -55.36 9.06 3.53
N VAL C 50 -54.77 8.38 4.51
CA VAL C 50 -55.30 8.39 5.88
C VAL C 50 -54.98 9.69 6.61
N VAL C 51 -53.78 10.25 6.44
CA VAL C 51 -53.47 11.59 6.97
C VAL C 51 -54.47 12.60 6.43
N GLN C 52 -54.79 12.54 5.14
CA GLN C 52 -55.79 13.40 4.54
C GLN C 52 -57.20 13.13 5.08
N LEU C 53 -57.64 11.86 5.14
CA LEU C 53 -58.99 11.52 5.59
C LEU C 53 -59.24 11.96 7.04
N LEU C 54 -58.27 11.77 7.94
CA LEU C 54 -58.41 12.23 9.32
C LEU C 54 -58.45 13.76 9.40
N LEU C 55 -57.63 14.47 8.62
CA LEU C 55 -57.70 15.94 8.56
C LEU C 55 -59.01 16.44 7.93
N LYS C 56 -59.59 15.69 7.00
CA LYS C 56 -60.91 15.96 6.39
C LYS C 56 -62.05 15.71 7.37
N LYS C 57 -61.97 14.66 8.19
CA LYS C 57 -62.98 14.30 9.22
C LYS C 57 -62.99 15.24 10.42
N GLY C 58 -61.83 15.62 10.96
CA GLY C 58 -61.77 16.48 12.15
C GLY C 58 -60.59 16.28 13.10
N ALA C 59 -59.45 15.79 12.62
CA ALA C 59 -58.24 15.68 13.43
C ALA C 59 -57.69 17.04 13.88
N LEU C 60 -56.88 17.04 14.95
CA LEU C 60 -56.23 18.21 15.54
C LEU C 60 -54.72 17.99 15.64
N PHE C 61 -53.90 19.04 15.46
CA PHE C 61 -52.44 18.95 15.56
C PHE C 61 -51.92 18.91 17.01
N LEU C 62 -52.44 17.95 17.79
CA LEU C 62 -51.97 17.61 19.14
C LEU C 62 -50.55 17.01 19.09
N SER C 63 -49.96 16.65 20.23
CA SER C 63 -48.58 16.16 20.27
C SER C 63 -48.31 15.00 21.24
N ASP C 64 -47.33 14.19 20.87
CA ASP C 64 -46.80 13.01 21.58
C ASP C 64 -46.37 13.32 23.03
N HIS C 65 -46.14 12.33 23.89
CA HIS C 65 -45.50 12.56 25.20
C HIS C 65 -44.09 13.19 25.09
N ASN C 66 -43.40 12.94 23.98
CA ASN C 66 -42.14 13.60 23.60
C ASN C 66 -42.35 15.03 23.05
N GLY C 67 -43.59 15.46 22.86
CA GLY C 67 -43.96 16.76 22.27
C GLY C 67 -43.96 16.78 20.75
N TRP C 68 -43.74 15.65 20.08
CA TRP C 68 -43.71 15.56 18.62
C TRP C 68 -45.07 15.83 17.98
N THR C 69 -45.09 16.60 16.90
CA THR C 69 -46.28 16.91 16.09
C THR C 69 -46.49 15.85 15.00
N ALA C 70 -47.65 15.79 14.34
CA ALA C 70 -47.82 14.96 13.14
C ALA C 70 -46.74 15.24 12.09
N LEU C 71 -46.43 16.52 11.86
CA LEU C 71 -45.42 16.95 10.90
C LEU C 71 -44.01 16.51 11.28
N HIS C 72 -43.71 16.34 12.57
CA HIS C 72 -42.43 15.77 13.00
C HIS C 72 -42.33 14.30 12.60
N HIS C 73 -43.38 13.52 12.79
CA HIS C 73 -43.41 12.12 12.36
C HIS C 73 -43.37 12.00 10.82
N ALA C 74 -44.10 12.85 10.10
CA ALA C 74 -44.07 12.87 8.65
C ALA C 74 -42.66 13.15 8.14
N SER C 75 -41.99 14.15 8.71
CA SER C 75 -40.63 14.56 8.36
C SER C 75 -39.60 13.49 8.70
N MET C 76 -39.72 12.86 9.87
CA MET C 76 -38.80 11.81 10.33
C MET C 76 -38.68 10.65 9.35
N GLY C 77 -39.76 10.34 8.62
CA GLY C 77 -39.77 9.30 7.59
C GLY C 77 -39.49 9.79 6.16
N GLY C 78 -39.39 11.10 5.94
CA GLY C 78 -39.22 11.69 4.61
C GLY C 78 -40.46 11.56 3.70
N TYR C 79 -41.65 11.37 4.28
CA TYR C 79 -42.88 11.10 3.54
C TYR C 79 -43.49 12.37 2.95
N THR C 80 -42.90 12.88 1.87
CA THR C 80 -43.28 14.17 1.26
C THR C 80 -44.76 14.28 0.95
N GLN C 81 -45.47 13.22 0.59
CA GLN C 81 -46.93 13.28 0.40
C GLN C 81 -47.68 13.63 1.70
N THR C 82 -47.37 12.99 2.83
CA THR C 82 -48.02 13.34 4.10
C THR C 82 -47.70 14.76 4.55
N MET C 83 -46.47 15.25 4.31
CA MET C 83 -46.12 16.65 4.53
C MET C 83 -46.95 17.56 3.63
N LYS C 84 -47.03 17.26 2.34
CA LYS C 84 -47.73 18.07 1.34
C LYS C 84 -49.26 18.09 1.56
N VAL C 85 -49.80 17.11 2.28
CA VAL C 85 -51.16 17.13 2.84
C VAL C 85 -51.25 17.99 4.11
N ILE C 86 -50.36 17.80 5.10
CA ILE C 86 -50.40 18.54 6.36
C ILE C 86 -50.22 20.05 6.15
N LEU C 87 -49.25 20.46 5.33
CA LEU C 87 -48.94 21.87 5.04
C LEU C 87 -50.10 22.61 4.33
N ASP C 88 -51.08 21.90 3.76
CA ASP C 88 -52.28 22.49 3.20
C ASP C 88 -53.39 22.76 4.23
N THR C 89 -53.23 22.34 5.50
CA THR C 89 -54.22 22.59 6.55
C THR C 89 -53.86 23.80 7.42
N ASN C 90 -53.03 23.66 8.45
CA ASN C 90 -52.68 24.76 9.37
C ASN C 90 -51.21 25.17 9.25
N LEU C 91 -50.96 26.45 8.95
CA LEU C 91 -49.61 27.00 8.86
C LEU C 91 -48.84 26.85 10.18
N LYS C 92 -49.50 27.05 11.33
CA LYS C 92 -48.94 26.90 12.67
C LYS C 92 -48.52 25.47 13.05
N CYS C 93 -48.70 24.48 12.18
CA CYS C 93 -48.07 23.17 12.30
C CYS C 93 -46.57 23.22 11.94
N THR C 94 -46.16 24.16 11.08
CA THR C 94 -44.83 24.14 10.42
C THR C 94 -43.67 24.43 11.37
N ASP C 95 -43.84 25.35 12.32
CA ASP C 95 -42.77 25.84 13.20
C ASP C 95 -42.76 25.24 14.62
N ARG C 96 -43.56 24.19 14.87
CA ARG C 96 -43.77 23.62 16.21
C ARG C 96 -42.51 22.96 16.78
N LEU C 97 -42.29 23.09 18.09
CA LEU C 97 -41.09 22.63 18.81
C LEU C 97 -41.40 21.39 19.69
N ASP C 98 -40.57 20.34 19.66
CA ASP C 98 -40.69 19.23 20.62
C ASP C 98 -40.03 19.54 21.99
N GLU C 99 -39.88 18.56 22.88
CA GLU C 99 -39.28 18.78 24.21
C GLU C 99 -37.80 19.19 24.21
N ASP C 100 -37.07 19.03 23.09
CA ASP C 100 -35.68 19.50 22.92
C ASP C 100 -35.60 20.75 22.04
N GLY C 101 -36.72 21.27 21.57
CA GLY C 101 -36.78 22.40 20.65
C GLY C 101 -36.45 22.02 19.20
N ASN C 102 -36.50 20.75 18.82
CA ASN C 102 -36.34 20.38 17.41
C ASN C 102 -37.57 20.81 16.60
N THR C 103 -37.37 21.63 15.58
CA THR C 103 -38.42 21.97 14.60
C THR C 103 -38.56 20.85 13.58
N ALA C 104 -39.67 20.76 12.83
CA ALA C 104 -39.86 19.71 11.83
C ALA C 104 -38.68 19.57 10.85
N LEU C 105 -38.17 20.71 10.39
CA LEU C 105 -37.01 20.80 9.50
C LEU C 105 -35.72 20.24 10.10
N HIS C 106 -35.60 20.12 11.42
CA HIS C 106 -34.43 19.45 12.02
C HIS C 106 -34.47 17.96 11.76
N PHE C 107 -35.64 17.33 11.82
CA PHE C 107 -35.75 15.89 11.61
C PHE C 107 -35.53 15.53 10.15
N ALA C 108 -36.17 16.24 9.22
CA ALA C 108 -35.97 15.99 7.80
C ALA C 108 -34.49 16.08 7.41
N ALA C 109 -33.74 17.00 8.04
CA ALA C 109 -32.32 17.13 7.83
C ALA C 109 -31.50 16.02 8.51
N ARG C 110 -31.70 15.79 9.82
CA ARG C 110 -30.94 14.81 10.61
C ARG C 110 -31.04 13.39 10.05
N GLU C 111 -32.23 13.00 9.60
CA GLU C 111 -32.50 11.67 9.05
C GLU C 111 -32.10 11.53 7.58
N GLY C 112 -31.60 12.58 6.94
CA GLY C 112 -31.07 12.54 5.57
C GLY C 112 -32.09 12.64 4.43
N HIS C 113 -33.33 13.05 4.70
CA HIS C 113 -34.42 13.07 3.71
C HIS C 113 -34.43 14.36 2.89
N ALA C 114 -33.52 14.49 1.93
CA ALA C 114 -33.30 15.73 1.20
C ALA C 114 -34.56 16.33 0.56
N LYS C 115 -35.44 15.53 -0.06
CA LYS C 115 -36.68 16.05 -0.66
C LYS C 115 -37.72 16.52 0.35
N ALA C 116 -37.67 16.04 1.59
CA ALA C 116 -38.48 16.62 2.67
C ALA C 116 -37.89 17.96 3.13
N VAL C 117 -36.56 18.07 3.21
CA VAL C 117 -35.89 19.36 3.48
C VAL C 117 -36.19 20.36 2.39
N ALA C 118 -36.12 20.00 1.12
CA ALA C 118 -36.45 20.88 0.01
C ALA C 118 -37.88 21.43 0.13
N LEU C 119 -38.84 20.58 0.51
CA LEU C 119 -40.22 21.00 0.70
C LEU C 119 -40.37 21.97 1.87
N LEU C 120 -39.94 21.60 3.08
CA LEU C 120 -40.09 22.49 4.25
C LEU C 120 -39.27 23.78 4.10
N LEU C 121 -38.11 23.75 3.45
CA LEU C 121 -37.25 24.91 3.27
C LEU C 121 -37.80 25.86 2.19
N SER C 122 -38.54 25.33 1.20
CA SER C 122 -39.24 26.12 0.17
C SER C 122 -40.48 26.84 0.72
N HIS C 123 -41.29 26.16 1.53
CA HIS C 123 -42.25 26.83 2.41
C HIS C 123 -41.51 27.68 3.46
N ASN C 124 -42.22 28.59 4.13
CA ASN C 124 -41.59 29.52 5.07
C ASN C 124 -41.34 28.88 6.46
N ALA C 125 -40.72 27.70 6.52
CA ALA C 125 -40.31 27.11 7.79
C ALA C 125 -39.23 27.96 8.47
N ASP C 126 -39.36 28.15 9.78
CA ASP C 126 -38.42 28.93 10.57
C ASP C 126 -37.11 28.18 10.78
N ILE C 127 -36.01 28.72 10.27
CA ILE C 127 -34.66 28.24 10.61
C ILE C 127 -34.36 28.74 12.03
N VAL C 128 -34.29 27.84 13.00
CA VAL C 128 -34.22 28.16 14.43
C VAL C 128 -33.40 27.13 15.18
N LEU C 129 -32.78 27.53 16.30
CA LEU C 129 -31.89 26.66 17.06
C LEU C 129 -32.64 25.61 17.89
N ASN C 130 -32.13 24.38 17.83
CA ASN C 130 -32.32 23.29 18.80
C ASN C 130 -31.88 23.80 20.18
N LYS C 131 -32.49 23.39 21.29
CA LYS C 131 -32.10 23.87 22.63
C LYS C 131 -30.74 23.31 23.12
N GLN C 132 -30.07 22.48 22.32
CA GLN C 132 -28.62 22.22 22.35
C GLN C 132 -27.77 23.24 21.55
N GLN C 133 -28.34 24.39 21.18
CA GLN C 133 -27.76 25.45 20.33
C GLN C 133 -27.21 24.92 18.99
N ALA C 134 -28.07 24.30 18.18
CA ALA C 134 -27.72 23.76 16.86
C ALA C 134 -28.77 24.13 15.79
N SER C 135 -28.33 24.48 14.58
CA SER C 135 -29.24 24.62 13.43
C SER C 135 -29.48 23.27 12.76
N PHE C 136 -30.52 23.18 11.92
CA PHE C 136 -30.76 22.00 11.09
C PHE C 136 -29.53 21.61 10.26
N LEU C 137 -28.77 22.58 9.76
CA LEU C 137 -27.52 22.37 9.04
C LEU C 137 -26.45 21.68 9.91
N HIS C 138 -26.31 22.03 11.19
CA HIS C 138 -25.42 21.27 12.09
C HIS C 138 -25.88 19.84 12.27
N LEU C 139 -27.18 19.60 12.44
CA LEU C 139 -27.73 18.26 12.59
C LEU C 139 -27.52 17.40 11.34
N ALA C 140 -27.54 17.99 10.14
CA ALA C 140 -27.17 17.30 8.92
C ALA C 140 -25.68 16.97 8.88
N LEU C 141 -24.82 17.95 9.20
CA LEU C 141 -23.36 17.82 9.10
C LEU C 141 -22.80 16.79 10.08
N HIS C 142 -23.17 16.83 11.36
CA HIS C 142 -22.75 15.82 12.34
C HIS C 142 -23.19 14.38 11.98
N ASN C 143 -24.12 14.21 11.03
CA ASN C 143 -24.58 12.92 10.53
C ASN C 143 -24.15 12.65 9.07
N LYS C 144 -23.26 13.46 8.50
CA LYS C 144 -22.73 13.34 7.12
C LYS C 144 -23.82 13.20 6.06
N ARG C 145 -24.95 13.92 6.21
CA ARG C 145 -26.10 13.87 5.28
C ARG C 145 -25.85 14.69 4.01
N LYS C 146 -25.04 14.17 3.09
CA LYS C 146 -24.58 14.87 1.89
C LYS C 146 -25.70 15.52 1.09
N GLU C 147 -26.72 14.76 0.68
CA GLU C 147 -27.75 15.29 -0.23
C GLU C 147 -28.66 16.33 0.45
N VAL C 148 -28.79 16.30 1.78
CA VAL C 148 -29.45 17.36 2.56
C VAL C 148 -28.62 18.63 2.54
N VAL C 149 -27.33 18.55 2.89
CA VAL C 149 -26.45 19.73 2.95
C VAL C 149 -26.29 20.35 1.57
N LEU C 150 -26.12 19.51 0.55
CA LEU C 150 -26.07 19.92 -0.83
C LEU C 150 -27.40 20.55 -1.27
N THR C 151 -28.56 20.00 -0.90
CA THR C 151 -29.87 20.62 -1.17
C THR C 151 -30.02 21.97 -0.50
N ILE C 152 -29.54 22.14 0.74
CA ILE C 152 -29.54 23.43 1.43
C ILE C 152 -28.67 24.45 0.68
N ILE C 153 -27.48 24.07 0.23
CA ILE C 153 -26.56 24.93 -0.54
C ILE C 153 -27.12 25.30 -1.92
N ARG C 154 -27.76 24.35 -2.61
CA ARG C 154 -28.42 24.58 -3.91
C ARG C 154 -29.64 25.50 -3.77
N SER C 155 -30.33 25.46 -2.64
CA SER C 155 -31.60 26.18 -2.40
C SER C 155 -31.46 27.70 -2.30
N LYS C 156 -32.58 28.41 -2.50
CA LYS C 156 -32.70 29.87 -2.52
C LYS C 156 -32.38 30.57 -1.18
N ARG C 157 -32.19 29.82 -0.08
CA ARG C 157 -32.10 30.34 1.30
C ARG C 157 -30.74 30.14 1.99
N TRP C 158 -29.72 29.66 1.30
CA TRP C 158 -28.39 29.38 1.88
C TRP C 158 -27.81 30.57 2.66
N ASP C 159 -27.94 31.78 2.15
CA ASP C 159 -27.48 33.02 2.76
C ASP C 159 -28.25 33.41 4.05
N GLU C 160 -29.35 32.76 4.38
CA GLU C 160 -29.94 32.80 5.72
C GLU C 160 -29.41 31.66 6.60
N CYS C 161 -29.25 30.46 6.02
CA CYS C 161 -28.84 29.25 6.74
C CYS C 161 -27.46 29.38 7.40
N LEU C 162 -26.51 30.04 6.74
CA LEU C 162 -25.14 30.22 7.22
C LEU C 162 -25.02 31.16 8.43
N LYS C 163 -25.94 32.12 8.60
CA LYS C 163 -25.85 33.16 9.66
C LYS C 163 -26.23 32.66 11.06
N ILE C 164 -26.85 31.50 11.18
CA ILE C 164 -27.64 31.12 12.36
C ILE C 164 -26.91 30.08 13.21
N PHE C 165 -26.08 30.57 14.13
CA PHE C 165 -25.48 29.81 15.24
C PHE C 165 -24.98 30.75 16.34
N SER C 166 -24.71 30.23 17.54
CA SER C 166 -24.14 30.98 18.67
C SER C 166 -22.69 30.58 18.96
N HIS C 167 -21.80 31.57 18.96
CA HIS C 167 -20.34 31.38 19.06
C HIS C 167 -19.88 30.69 20.35
N ASN C 168 -20.70 30.79 21.41
CA ASN C 168 -20.38 30.25 22.73
C ASN C 168 -20.46 28.71 22.83
N SER C 169 -21.00 28.01 21.83
CA SER C 169 -21.07 26.55 21.84
C SER C 169 -19.70 25.90 21.61
N PRO C 170 -19.26 24.95 22.46
CA PRO C 170 -18.07 24.14 22.21
C PRO C 170 -18.32 23.03 21.17
N GLY C 171 -19.58 22.65 20.94
CA GLY C 171 -19.97 21.59 20.01
C GLY C 171 -20.27 22.07 18.58
N ASN C 172 -20.83 23.28 18.41
CA ASN C 172 -21.22 23.81 17.11
C ASN C 172 -20.44 25.09 16.74
N LYS C 173 -19.63 25.01 15.68
CA LYS C 173 -18.86 26.12 15.08
C LYS C 173 -19.57 26.71 13.85
N CYS C 174 -18.96 27.72 13.22
CA CYS C 174 -19.43 28.26 11.93
C CYS C 174 -19.59 27.12 10.92
N PRO C 175 -20.74 26.97 10.24
CA PRO C 175 -21.02 25.83 9.38
C PRO C 175 -19.92 25.51 8.38
N ILE C 176 -19.22 26.49 7.79
CA ILE C 176 -18.14 26.19 6.84
C ILE C 176 -17.02 25.37 7.49
N THR C 177 -16.68 25.68 8.74
CA THR C 177 -15.69 24.93 9.52
C THR C 177 -16.21 23.61 10.07
N GLU C 178 -17.52 23.32 9.92
CA GLU C 178 -18.10 21.99 10.12
C GLU C 178 -18.14 21.21 8.79
N MET C 179 -18.50 21.83 7.66
CA MET C 179 -18.40 21.21 6.34
C MET C 179 -16.98 20.73 6.05
N ILE C 180 -15.98 21.53 6.36
CA ILE C 180 -14.58 21.13 6.16
C ILE C 180 -14.21 19.94 7.06
N GLU C 181 -14.79 19.84 8.26
CA GLU C 181 -14.51 18.75 9.19
C GLU C 181 -15.23 17.44 8.83
N TYR C 182 -16.41 17.51 8.17
CA TYR C 182 -17.27 16.35 7.91
C TYR C 182 -17.58 16.02 6.44
N LEU C 183 -17.79 17.03 5.58
CA LEU C 183 -18.27 16.89 4.20
C LEU C 183 -17.47 17.76 3.21
N PRO C 184 -16.21 17.42 2.94
CA PRO C 184 -15.37 18.20 2.04
C PRO C 184 -15.88 18.18 0.59
N GLU C 185 -16.59 17.13 0.17
CA GLU C 185 -17.18 17.10 -1.17
C GLU C 185 -18.37 18.07 -1.32
N CYS C 186 -19.05 18.44 -0.22
CA CYS C 186 -19.97 19.58 -0.22
C CYS C 186 -19.23 20.91 -0.26
N MET C 187 -18.09 21.04 0.43
CA MET C 187 -17.28 22.26 0.39
C MET C 187 -16.74 22.52 -1.02
N LYS C 188 -16.36 21.48 -1.76
CA LYS C 188 -16.04 21.55 -3.19
C LYS C 188 -17.22 22.09 -4.00
N VAL C 189 -18.42 21.53 -3.78
CA VAL C 189 -19.66 21.98 -4.44
C VAL C 189 -19.98 23.43 -4.11
N LEU C 190 -19.74 23.88 -2.87
CA LEU C 190 -19.93 25.27 -2.45
C LEU C 190 -18.93 26.22 -3.10
N LEU C 191 -17.63 25.91 -3.08
CA LEU C 191 -16.60 26.74 -3.69
C LEU C 191 -16.77 26.87 -5.21
N ASP C 192 -17.38 25.90 -5.89
CA ASP C 192 -17.67 26.03 -7.32
C ASP C 192 -18.62 27.20 -7.64
N PHE C 193 -19.53 27.59 -6.75
CA PHE C 193 -20.35 28.81 -6.93
C PHE C 193 -19.47 30.07 -6.95
N CYS C 194 -18.33 30.04 -6.24
CA CYS C 194 -17.43 31.17 -6.09
C CYS C 194 -16.53 31.43 -7.31
N MET C 195 -16.54 30.55 -8.31
CA MET C 195 -15.85 30.76 -9.59
C MET C 195 -16.84 31.25 -10.65
N LEU C 196 -16.54 32.37 -11.30
CA LEU C 196 -17.35 32.95 -12.37
C LEU C 196 -16.50 33.10 -13.65
N HIS C 197 -17.11 32.94 -14.82
CA HIS C 197 -16.43 32.95 -16.12
C HIS C 197 -17.08 33.96 -17.05
N SER C 198 -16.29 34.84 -17.67
CA SER C 198 -16.81 35.98 -18.43
C SER C 198 -17.49 35.61 -19.76
N THR C 199 -16.88 34.71 -20.54
CA THR C 199 -17.19 34.59 -21.97
C THR C 199 -17.17 33.16 -22.55
N GLU C 200 -17.10 32.12 -21.72
CA GLU C 200 -17.21 30.70 -22.14
C GLU C 200 -16.21 30.21 -23.22
N ASP C 201 -15.10 30.93 -23.43
CA ASP C 201 -14.08 30.61 -24.44
C ASP C 201 -12.71 31.15 -24.03
N LYS C 202 -11.92 30.33 -23.32
CA LYS C 202 -10.65 30.72 -22.71
C LYS C 202 -9.53 31.09 -23.70
N SER C 203 -9.70 30.83 -25.01
CA SER C 203 -8.79 31.29 -26.05
C SER C 203 -8.86 32.80 -26.34
N CYS C 204 -9.97 33.46 -26.02
CA CYS C 204 -10.21 34.87 -26.36
C CYS C 204 -9.40 35.85 -25.49
N ARG C 205 -8.86 36.91 -26.09
CA ARG C 205 -8.11 37.95 -25.35
C ARG C 205 -9.00 38.76 -24.37
N ASP C 206 -10.31 38.87 -24.65
CA ASP C 206 -11.29 39.50 -23.76
C ASP C 206 -11.76 38.62 -22.59
N TYR C 207 -11.33 37.35 -22.51
CA TYR C 207 -11.74 36.41 -21.46
C TYR C 207 -11.19 36.79 -20.08
N TYR C 208 -11.96 36.51 -19.03
CA TYR C 208 -11.49 36.51 -17.65
C TYR C 208 -12.30 35.54 -16.79
N ILE C 209 -11.73 35.17 -15.65
CA ILE C 209 -12.39 34.39 -14.59
C ILE C 209 -12.24 35.12 -13.26
N GLU C 210 -13.27 35.06 -12.41
CA GLU C 210 -13.33 35.79 -11.15
C GLU C 210 -13.60 34.84 -9.98
N TYR C 211 -12.96 35.11 -8.85
CA TYR C 211 -13.05 34.36 -7.60
C TYR C 211 -13.67 35.23 -6.51
N ASN C 212 -14.64 34.73 -5.77
CA ASN C 212 -15.21 35.38 -4.59
C ASN C 212 -14.83 34.62 -3.31
N PHE C 213 -14.36 35.31 -2.27
CA PHE C 213 -13.81 34.67 -1.08
C PHE C 213 -14.73 34.60 0.15
N LYS C 214 -16.02 34.95 0.06
CA LYS C 214 -16.84 35.16 1.26
C LYS C 214 -16.92 33.98 2.25
N TYR C 215 -16.80 32.74 1.78
CA TYR C 215 -16.81 31.55 2.64
C TYR C 215 -15.46 31.20 3.27
N LEU C 216 -14.33 31.76 2.82
CA LEU C 216 -13.02 31.42 3.39
C LEU C 216 -12.67 32.26 4.64
N GLN C 217 -13.21 33.48 4.74
CA GLN C 217 -13.10 34.34 5.92
C GLN C 217 -14.05 33.87 7.04
N CYS C 218 -14.05 34.61 8.16
CA CYS C 218 -15.04 34.43 9.23
C CYS C 218 -16.47 34.52 8.69
N LEU C 236 -7.32 33.30 9.04
CA LEU C 236 -7.64 32.42 7.90
C LEU C 236 -8.50 31.21 8.34
N THR C 237 -9.69 31.48 8.87
CA THR C 237 -10.52 30.51 9.61
C THR C 237 -10.89 29.26 8.82
N ALA C 238 -11.19 29.36 7.53
CA ALA C 238 -11.47 28.17 6.72
C ALA C 238 -10.21 27.35 6.44
N LEU C 239 -9.13 27.98 5.95
CA LEU C 239 -7.93 27.23 5.53
C LEU C 239 -7.20 26.58 6.72
N ASN C 240 -7.21 27.19 7.90
CA ASN C 240 -6.72 26.51 9.11
C ASN C 240 -7.53 25.23 9.38
N ALA C 241 -8.86 25.27 9.24
CA ALA C 241 -9.67 24.07 9.39
C ALA C 241 -9.40 23.05 8.28
N MET C 242 -9.09 23.48 7.06
CA MET C 242 -8.74 22.55 5.99
C MET C 242 -7.41 21.85 6.27
N VAL C 243 -6.41 22.57 6.79
CA VAL C 243 -5.11 21.98 7.18
C VAL C 243 -5.25 21.05 8.38
N GLN C 244 -5.97 21.47 9.43
CA GLN C 244 -6.17 20.64 10.62
C GLN C 244 -6.94 19.34 10.32
N ASN C 245 -7.75 19.34 9.26
CA ASN C 245 -8.47 18.17 8.73
C ASN C 245 -7.84 17.56 7.47
N ASN C 246 -6.58 17.91 7.15
CA ASN C 246 -5.79 17.29 6.09
C ASN C 246 -6.42 17.33 4.67
N ARG C 247 -7.23 18.35 4.36
CA ARG C 247 -8.02 18.43 3.11
C ARG C 247 -7.20 18.88 1.89
N ILE C 248 -6.19 18.12 1.52
CA ILE C 248 -5.30 18.43 0.39
C ILE C 248 -6.05 18.76 -0.92
N GLU C 249 -7.18 18.12 -1.19
CA GLU C 249 -7.94 18.35 -2.43
C GLU C 249 -8.78 19.64 -2.42
N LEU C 250 -8.99 20.25 -1.24
CA LEU C 250 -9.58 21.59 -1.11
C LEU C 250 -8.48 22.66 -1.14
N LEU C 251 -7.34 22.41 -0.50
CA LEU C 251 -6.15 23.28 -0.56
C LEU C 251 -5.70 23.49 -2.01
N ASN C 252 -5.80 22.45 -2.85
CA ASN C 252 -5.51 22.51 -4.28
C ASN C 252 -6.66 23.05 -5.14
N HIS C 253 -7.83 23.38 -4.57
CA HIS C 253 -8.95 23.93 -5.34
C HIS C 253 -8.65 25.36 -5.82
N PRO C 254 -8.92 25.75 -7.07
CA PRO C 254 -8.53 27.06 -7.58
C PRO C 254 -8.94 28.26 -6.73
N VAL C 255 -10.10 28.23 -6.06
CA VAL C 255 -10.52 29.31 -5.16
C VAL C 255 -9.58 29.45 -3.95
N CYS C 256 -9.08 28.34 -3.40
CA CYS C 256 -8.12 28.36 -2.31
C CYS C 256 -6.72 28.79 -2.76
N LYS C 257 -6.26 28.35 -3.94
CA LYS C 257 -4.97 28.83 -4.47
C LYS C 257 -5.00 30.33 -4.73
N GLU C 258 -6.05 30.84 -5.36
CA GLU C 258 -6.21 32.27 -5.59
C GLU C 258 -6.41 33.06 -4.30
N TYR C 259 -7.03 32.48 -3.27
CA TYR C 259 -7.12 33.14 -1.96
C TYR C 259 -5.75 33.30 -1.30
N LEU C 260 -4.93 32.25 -1.27
CA LEU C 260 -3.57 32.35 -0.72
C LEU C 260 -2.67 33.25 -1.56
N LEU C 261 -2.73 33.17 -2.89
CA LEU C 261 -1.97 34.07 -3.76
C LEU C 261 -2.37 35.53 -3.51
N MET C 262 -3.67 35.81 -3.39
CA MET C 262 -4.15 37.14 -3.02
C MET C 262 -3.57 37.56 -1.67
N LYS C 263 -3.58 36.69 -0.65
CA LYS C 263 -3.10 37.02 0.70
C LYS C 263 -1.58 37.30 0.72
N TRP C 264 -0.81 36.53 -0.05
CA TRP C 264 0.63 36.73 -0.23
C TRP C 264 0.92 38.04 -0.95
N LEU C 265 0.23 38.36 -2.05
CA LEU C 265 0.39 39.67 -2.72
C LEU C 265 -0.10 40.84 -1.87
N ALA C 266 -1.11 40.63 -1.02
CA ALA C 266 -1.73 41.67 -0.20
C ALA C 266 -0.78 42.20 0.89
N TYR C 267 -0.30 41.32 1.77
CA TYR C 267 0.68 41.68 2.80
C TYR C 267 1.76 40.63 3.06
N GLY C 268 1.54 39.35 2.75
CA GLY C 268 2.49 38.29 3.11
C GLY C 268 3.89 38.52 2.53
N PHE C 269 3.96 38.86 1.23
CA PHE C 269 5.19 39.22 0.56
C PHE C 269 5.81 40.50 1.13
N ARG C 270 5.03 41.56 1.37
CA ARG C 270 5.59 42.81 1.89
C ARG C 270 6.19 42.64 3.28
N ALA C 271 5.47 42.00 4.19
CA ALA C 271 5.97 41.77 5.54
C ALA C 271 7.12 40.76 5.56
N HIS C 272 7.16 39.80 4.64
CA HIS C 272 8.31 38.91 4.51
C HIS C 272 9.56 39.67 4.01
N MET C 273 9.45 40.41 2.90
CA MET C 273 10.58 41.14 2.33
C MET C 273 11.08 42.26 3.25
N MET C 274 10.23 42.85 4.10
CA MET C 274 10.68 43.73 5.18
C MET C 274 11.56 42.97 6.17
N ASN C 275 11.15 41.77 6.59
CA ASN C 275 11.91 40.97 7.54
C ASN C 275 13.23 40.45 6.95
N LEU C 276 13.19 39.86 5.76
CA LEU C 276 14.37 39.37 5.04
C LEU C 276 15.31 40.50 4.65
N GLY C 277 14.80 41.63 4.16
CA GLY C 277 15.61 42.79 3.79
C GLY C 277 16.40 43.36 4.97
N SER C 278 15.83 43.39 6.17
CA SER C 278 16.57 43.80 7.36
C SER C 278 17.77 42.90 7.71
N TYR C 279 17.76 41.65 7.25
CA TYR C 279 18.87 40.71 7.38
C TYR C 279 19.82 40.77 6.19
N CYS C 280 19.28 40.83 4.97
CA CYS C 280 20.04 40.91 3.73
C CYS C 280 20.95 42.14 3.70
N LEU C 281 20.49 43.24 4.32
CA LEU C 281 21.22 44.49 4.54
C LEU C 281 22.42 44.35 5.50
N GLY C 282 22.62 43.19 6.13
CA GLY C 282 23.87 42.80 6.79
C GLY C 282 24.63 41.71 6.04
N LEU C 283 23.93 40.69 5.55
CA LEU C 283 24.46 39.54 4.81
C LEU C 283 25.35 39.95 3.63
N ILE C 284 24.87 40.89 2.80
CA ILE C 284 25.57 41.30 1.59
C ILE C 284 26.74 42.24 1.91
N PRO C 285 26.58 43.35 2.66
CA PRO C 285 27.71 44.16 3.08
C PRO C 285 28.83 43.40 3.78
N MET C 286 28.56 42.43 4.67
CA MET C 286 29.65 41.63 5.24
C MET C 286 30.35 40.77 4.19
N THR C 287 29.61 40.16 3.27
CA THR C 287 30.21 39.34 2.21
C THR C 287 31.08 40.17 1.27
N ILE C 288 30.65 41.39 0.92
CA ILE C 288 31.43 42.35 0.13
C ILE C 288 32.71 42.74 0.88
N LEU C 289 32.60 42.93 2.19
CA LEU C 289 33.73 43.29 3.06
C LEU C 289 34.75 42.17 3.20
N VAL C 290 34.37 40.91 3.03
CA VAL C 290 35.31 39.79 2.90
C VAL C 290 36.06 39.86 1.57
N VAL C 291 35.39 39.80 0.44
CA VAL C 291 36.06 39.54 -0.84
C VAL C 291 36.94 40.70 -1.34
N ASN C 292 36.79 41.90 -0.80
CA ASN C 292 37.63 43.06 -1.12
C ASN C 292 38.86 43.26 -0.21
N ILE C 293 39.00 42.49 0.90
CA ILE C 293 40.13 42.59 1.83
C ILE C 293 40.81 41.23 1.97
N LYS C 294 42.13 41.13 1.77
CA LYS C 294 42.83 39.84 1.93
C LYS C 294 42.71 39.34 3.37
N PRO C 295 42.14 38.15 3.64
CA PRO C 295 41.95 37.63 4.99
C PRO C 295 43.25 37.57 5.79
N GLY C 296 43.23 38.13 7.00
CA GLY C 296 44.39 38.28 7.88
C GLY C 296 44.97 39.69 7.94
N MET C 297 44.67 40.58 6.99
CA MET C 297 45.02 42.00 7.10
C MET C 297 44.11 42.72 8.08
N ALA C 298 44.64 43.49 9.03
CA ALA C 298 43.81 44.40 9.83
C ALA C 298 43.19 45.49 8.94
N PHE C 299 42.02 46.01 9.31
CA PHE C 299 41.42 47.11 8.55
C PHE C 299 40.61 48.08 9.41
N ASN C 300 40.43 49.29 8.90
CA ASN C 300 39.70 50.42 9.47
C ASN C 300 38.90 51.10 8.35
N SER C 301 38.02 52.04 8.67
CA SER C 301 37.32 52.83 7.63
C SER C 301 38.29 53.58 6.69
N THR C 302 39.46 53.96 7.20
CA THR C 302 40.52 54.63 6.42
C THR C 302 41.18 53.74 5.37
N GLY C 303 40.99 52.42 5.39
CA GLY C 303 41.54 51.47 4.42
C GLY C 303 42.05 50.17 5.04
N ILE C 304 42.93 49.49 4.31
CA ILE C 304 43.49 48.19 4.69
C ILE C 304 44.94 48.41 5.15
N ILE C 305 45.30 47.93 6.34
CA ILE C 305 46.67 47.99 6.86
C ILE C 305 47.53 46.91 6.18
N ASN C 306 48.83 47.18 5.99
CA ASN C 306 49.80 46.26 5.38
C ASN C 306 51.18 46.35 6.05
N ILE C 314 51.75 50.97 7.82
CA ILE C 314 51.34 51.40 6.48
C ILE C 314 49.89 50.94 6.20
N LEU C 315 49.13 51.72 5.42
CA LEU C 315 47.79 51.37 4.96
C LEU C 315 47.51 51.97 3.58
N ASP C 316 46.59 51.38 2.82
CA ASP C 316 46.20 51.88 1.47
C ASP C 316 44.69 52.08 1.31
N THR C 317 44.35 53.14 0.57
CA THR C 317 43.01 53.79 0.54
C THR C 317 42.10 53.32 -0.61
N THR C 318 42.54 52.35 -1.41
CA THR C 318 41.97 51.96 -2.72
C THR C 318 40.52 51.50 -2.73
N ASN C 319 39.93 51.22 -1.57
CA ASN C 319 38.52 50.81 -1.41
C ASN C 319 37.83 51.56 -0.25
N SER C 320 38.36 52.71 0.19
CA SER C 320 37.97 53.30 1.48
C SER C 320 36.48 53.59 1.62
N TYR C 321 35.81 54.13 0.60
CA TYR C 321 34.36 54.41 0.69
C TYR C 321 33.52 53.12 0.74
N LEU C 322 33.93 52.06 0.04
CA LEU C 322 33.28 50.75 0.12
C LEU C 322 33.47 50.13 1.51
N ILE C 323 34.68 50.15 2.06
CA ILE C 323 34.97 49.54 3.37
C ILE C 323 34.28 50.30 4.50
N LYS C 324 34.30 51.65 4.47
CA LYS C 324 33.60 52.49 5.45
C LYS C 324 32.10 52.25 5.44
N THR C 325 31.47 52.25 4.27
CA THR C 325 30.01 52.03 4.17
C THR C 325 29.60 50.62 4.54
N CYS C 326 30.33 49.58 4.10
CA CYS C 326 30.00 48.21 4.46
C CYS C 326 30.16 47.94 5.95
N MET C 327 31.18 48.50 6.60
CA MET C 327 31.33 48.39 8.05
C MET C 327 30.20 49.06 8.81
N ILE C 328 29.82 50.28 8.45
CA ILE C 328 28.72 50.96 9.15
C ILE C 328 27.41 50.17 8.96
N LEU C 329 27.12 49.66 7.75
CA LEU C 329 25.94 48.84 7.50
C LEU C 329 25.93 47.53 8.31
N VAL C 330 27.06 46.83 8.41
CA VAL C 330 27.18 45.62 9.27
C VAL C 330 27.01 45.96 10.74
N PHE C 331 27.57 47.08 11.20
CA PHE C 331 27.43 47.50 12.59
C PHE C 331 25.97 47.81 12.93
N LEU C 332 25.30 48.64 12.12
CA LEU C 332 23.87 48.95 12.28
C LEU C 332 23.01 47.68 12.25
N SER C 333 23.23 46.80 11.27
CA SER C 333 22.49 45.53 11.18
C SER C 333 22.68 44.67 12.44
N SER C 334 23.86 44.70 13.05
CA SER C 334 24.14 43.98 14.30
C SER C 334 23.53 44.63 15.54
N ILE C 335 23.59 45.96 15.72
CA ILE C 335 22.95 46.60 16.89
C ILE C 335 21.42 46.55 16.82
N PHE C 336 20.82 46.61 15.62
CA PHE C 336 19.39 46.36 15.45
C PHE C 336 19.05 44.86 15.59
N GLY C 337 19.95 43.97 15.17
CA GLY C 337 19.73 42.53 15.23
C GLY C 337 19.41 41.99 16.62
N TYR C 338 20.11 42.46 17.66
CA TYR C 338 19.79 42.13 19.06
C TYR C 338 18.38 42.53 19.46
N CYS C 339 17.83 43.61 18.90
CA CYS C 339 16.52 44.13 19.24
C CYS C 339 15.41 43.33 18.58
N LYS C 340 15.56 42.94 17.30
CA LYS C 340 14.56 42.12 16.59
C LYS C 340 14.40 40.73 17.21
N GLU C 341 15.52 40.08 17.57
CA GLU C 341 15.52 38.98 18.53
C GLU C 341 15.65 39.55 19.96
N ILE C 356 16.56 26.53 16.39
CA ILE C 356 17.90 27.06 16.70
C ILE C 356 18.11 28.50 16.20
N SER C 357 17.15 29.05 15.46
CA SER C 357 17.21 30.39 14.87
C SER C 357 17.53 31.47 15.90
N ASN C 358 16.88 31.43 17.06
CA ASN C 358 17.13 32.37 18.16
C ASN C 358 18.58 32.31 18.72
N VAL C 359 19.31 31.21 18.51
CA VAL C 359 20.71 31.02 18.94
C VAL C 359 21.69 31.47 17.86
N LEU C 360 21.47 31.09 16.60
CA LEU C 360 22.33 31.49 15.48
C LEU C 360 22.38 33.02 15.32
N GLU C 361 21.26 33.71 15.55
CA GLU C 361 21.20 35.17 15.49
C GLU C 361 22.12 35.82 16.55
N TRP C 362 22.29 35.21 17.74
CA TRP C 362 23.27 35.71 18.72
C TRP C 362 24.71 35.38 18.34
N ILE C 363 24.99 34.23 17.75
CA ILE C 363 26.33 33.88 17.26
C ILE C 363 26.75 34.85 16.14
N ILE C 364 25.83 35.24 15.27
CA ILE C 364 26.06 36.27 14.26
C ILE C 364 26.29 37.62 14.92
N TYR C 365 25.32 38.18 15.65
CA TYR C 365 25.41 39.58 16.08
C TYR C 365 26.50 39.83 17.12
N THR C 366 26.78 38.88 18.04
CA THR C 366 27.90 39.02 18.98
C THR C 366 29.28 38.89 18.32
N THR C 367 29.35 38.48 17.04
CA THR C 367 30.62 38.24 16.32
C THR C 367 30.82 39.16 15.13
N GLY C 368 29.76 39.50 14.41
CA GLY C 368 29.78 40.52 13.37
C GLY C 368 30.11 41.91 13.90
N ILE C 369 29.79 42.20 15.18
CA ILE C 369 30.36 43.36 15.87
C ILE C 369 31.87 43.23 15.98
N ILE C 370 32.42 42.12 16.46
CA ILE C 370 33.88 41.98 16.67
C ILE C 370 34.66 42.10 15.36
N PHE C 371 34.11 41.62 14.25
CA PHE C 371 34.70 41.78 12.91
C PHE C 371 34.80 43.24 12.45
N VAL C 372 34.03 44.15 13.06
CA VAL C 372 33.86 45.54 12.62
C VAL C 372 34.20 46.56 13.72
N LEU C 373 34.49 46.14 14.95
CA LEU C 373 34.91 47.01 16.07
C LEU C 373 35.98 48.03 15.69
N PRO C 374 36.94 47.77 14.78
CA PRO C 374 37.85 48.77 14.23
C PRO C 374 37.26 50.03 13.57
N LEU C 375 35.94 50.21 13.51
CA LEU C 375 35.35 51.55 13.37
C LEU C 375 35.70 52.47 14.55
N PHE C 376 35.89 51.90 15.74
CA PHE C 376 36.00 52.61 17.01
C PHE C 376 37.20 52.15 17.84
N VAL C 377 37.45 50.84 17.90
CA VAL C 377 38.45 50.21 18.77
C VAL C 377 39.41 49.37 17.93
N GLU C 378 40.71 49.70 17.94
CA GLU C 378 41.71 48.88 17.28
C GLU C 378 41.88 47.53 18.00
N ILE C 379 41.92 46.42 17.25
CA ILE C 379 41.82 45.04 17.76
C ILE C 379 42.84 44.14 17.03
N PRO C 380 43.35 43.06 17.64
CA PRO C 380 44.29 42.17 16.97
C PRO C 380 43.75 41.63 15.65
N ALA C 381 44.56 41.68 14.59
CA ALA C 381 44.15 41.21 13.26
C ALA C 381 43.67 39.76 13.28
N HIS C 382 44.33 38.93 14.09
CA HIS C 382 43.96 37.53 14.30
C HIS C 382 42.56 37.38 14.88
N LEU C 383 42.19 38.20 15.89
CA LEU C 383 40.86 38.17 16.48
C LEU C 383 39.80 38.73 15.53
N GLN C 384 40.14 39.76 14.75
CA GLN C 384 39.20 40.29 13.77
C GLN C 384 38.80 39.21 12.77
N TRP C 385 39.77 38.53 12.13
CA TRP C 385 39.44 37.49 11.14
C TRP C 385 39.00 36.16 11.75
N GLN C 386 39.43 35.79 12.96
CA GLN C 386 38.87 34.61 13.63
C GLN C 386 37.38 34.81 13.92
N CYS C 387 36.96 36.03 14.26
CA CYS C 387 35.54 36.38 14.34
C CYS C 387 34.89 36.46 12.96
N GLY C 388 35.55 37.05 11.97
CA GLY C 388 35.05 37.09 10.60
C GLY C 388 34.74 35.71 10.02
N ALA C 389 35.60 34.71 10.23
CA ALA C 389 35.38 33.34 9.77
C ALA C 389 34.14 32.67 10.38
N ILE C 390 33.73 33.09 11.58
CA ILE C 390 32.52 32.62 12.27
C ILE C 390 31.29 33.41 11.82
N ALA C 391 31.38 34.74 11.78
CA ALA C 391 30.27 35.59 11.40
C ALA C 391 29.87 35.36 9.94
N VAL C 392 30.84 35.30 9.03
CA VAL C 392 30.62 35.07 7.60
C VAL C 392 30.04 33.70 7.32
N TYR C 393 30.42 32.69 8.10
CA TYR C 393 29.80 31.37 8.04
C TYR C 393 28.34 31.41 8.48
N PHE C 394 28.07 31.86 9.71
CA PHE C 394 26.71 31.81 10.25
C PHE C 394 25.72 32.75 9.57
N TYR C 395 26.12 33.92 9.04
CA TYR C 395 25.24 34.67 8.13
C TYR C 395 24.67 33.85 6.97
N TRP C 396 25.49 33.10 6.25
CA TRP C 396 25.00 32.32 5.12
C TRP C 396 24.30 31.03 5.55
N MET C 397 24.73 30.35 6.62
CA MET C 397 23.98 29.19 7.16
C MET C 397 22.56 29.58 7.56
N ASN C 398 22.43 30.62 8.37
CA ASN C 398 21.15 31.10 8.87
C ASN C 398 20.31 31.77 7.77
N PHE C 399 20.86 32.06 6.59
CA PHE C 399 20.04 32.55 5.47
C PHE C 399 19.10 31.46 4.96
N LEU C 400 19.46 30.17 5.04
CA LEU C 400 18.55 29.07 4.72
C LEU C 400 17.27 29.13 5.55
N LEU C 401 17.37 29.51 6.82
CA LEU C 401 16.24 29.59 7.74
C LEU C 401 15.33 30.80 7.45
N TYR C 402 15.76 31.77 6.63
CA TYR C 402 14.88 32.78 6.04
C TYR C 402 14.20 32.30 4.76
N LEU C 403 14.70 31.27 4.08
CA LEU C 403 14.05 30.74 2.88
C LEU C 403 12.81 29.89 3.16
N GLN C 404 12.60 29.43 4.40
CA GLN C 404 11.45 28.59 4.77
C GLN C 404 10.07 29.19 4.43
N ARG C 405 10.02 30.51 4.20
CA ARG C 405 8.78 31.25 3.91
C ARG C 405 8.44 31.33 2.43
N PHE C 406 9.38 31.04 1.53
CA PHE C 406 9.11 30.94 0.10
C PHE C 406 8.50 29.57 -0.23
N GLU C 407 7.44 29.54 -1.04
CA GLU C 407 6.66 28.33 -1.34
C GLU C 407 7.54 27.17 -1.84
N ASN C 408 8.43 27.46 -2.79
CA ASN C 408 9.22 26.45 -3.50
C ASN C 408 10.55 26.08 -2.80
N CYS C 409 11.01 26.87 -1.84
CA CYS C 409 12.23 26.59 -1.07
C CYS C 409 11.96 25.75 0.18
N GLY C 410 10.90 26.04 0.93
CA GLY C 410 10.80 25.62 2.32
C GLY C 410 10.85 24.12 2.54
N ILE C 411 10.28 23.33 1.63
CA ILE C 411 10.26 21.86 1.76
C ILE C 411 11.66 21.25 1.78
N PHE C 412 12.67 21.85 1.14
CA PHE C 412 14.04 21.34 1.23
C PHE C 412 14.69 21.65 2.57
N ILE C 413 14.31 22.73 3.26
CA ILE C 413 14.72 22.96 4.65
C ILE C 413 13.96 22.02 5.60
N VAL C 414 12.70 21.68 5.33
CA VAL C 414 11.99 20.63 6.10
C VAL C 414 12.71 19.29 5.98
N MET C 415 13.09 18.88 4.78
CA MET C 415 13.85 17.65 4.55
C MET C 415 15.26 17.70 5.15
N LEU C 416 15.91 18.87 5.18
CA LEU C 416 17.20 19.05 5.85
C LEU C 416 17.08 18.94 7.36
N GLU C 417 16.06 19.55 7.97
CA GLU C 417 15.82 19.46 9.41
C GLU C 417 15.47 18.03 9.84
N VAL C 418 14.66 17.32 9.04
CA VAL C 418 14.30 15.92 9.30
C VAL C 418 15.51 15.00 9.25
N ILE C 419 16.35 15.06 8.21
CA ILE C 419 17.54 14.19 8.14
C ILE C 419 18.60 14.59 9.17
N LEU C 420 18.77 15.88 9.48
CA LEU C 420 19.75 16.30 10.47
C LEU C 420 19.37 15.84 11.88
N LYS C 421 18.09 15.99 12.28
CA LYS C 421 17.63 15.45 13.58
C LYS C 421 17.73 13.94 13.63
N THR C 422 17.45 13.25 12.52
CA THR C 422 17.65 11.79 12.40
C THR C 422 19.10 11.39 12.59
N LEU C 423 20.06 12.21 12.15
CA LEU C 423 21.48 11.95 12.31
C LEU C 423 21.98 12.25 13.72
N LEU C 424 21.45 13.29 14.37
CA LEU C 424 21.74 13.59 15.78
C LEU C 424 21.32 12.46 16.71
N ARG C 425 20.10 11.88 16.57
CA ARG C 425 19.70 10.69 17.33
C ARG C 425 20.69 9.54 17.13
N SER C 426 21.28 9.43 15.94
CA SER C 426 22.22 8.37 15.61
C SER C 426 23.65 8.56 16.14
N THR C 427 24.08 9.77 16.52
CA THR C 427 25.39 9.95 17.20
C THR C 427 25.41 9.45 18.63
N VAL C 428 24.32 9.62 19.36
CA VAL C 428 24.19 9.19 20.76
C VAL C 428 24.44 7.69 20.91
N VAL C 429 24.27 6.91 19.84
CA VAL C 429 24.78 5.55 19.73
C VAL C 429 26.19 5.52 19.14
N PHE C 430 26.38 5.92 17.87
CA PHE C 430 27.60 5.57 17.14
C PHE C 430 28.84 6.42 17.42
N ILE C 431 28.81 7.43 18.28
CA ILE C 431 30.05 8.08 18.74
C ILE C 431 30.97 7.07 19.42
N PHE C 432 30.41 6.15 20.20
CA PHE C 432 31.20 5.10 20.83
C PHE C 432 31.78 4.11 19.82
N LEU C 433 31.14 3.94 18.67
CA LEU C 433 31.69 3.15 17.57
C LEU C 433 32.89 3.86 16.94
N LEU C 434 32.86 5.20 16.80
CA LEU C 434 34.02 5.99 16.39
C LEU C 434 35.14 5.91 17.43
N LEU C 435 34.82 6.07 18.71
CA LEU C 435 35.80 6.14 19.78
C LEU C 435 36.59 4.84 19.93
N ALA C 436 35.98 3.69 19.61
CA ALA C 436 36.66 2.41 19.49
C ALA C 436 37.77 2.45 18.43
N PHE C 437 37.46 2.84 17.19
CA PHE C 437 38.47 2.94 16.13
C PHE C 437 39.50 4.04 16.41
N GLY C 438 39.07 5.20 16.92
CA GLY C 438 39.96 6.32 17.20
C GLY C 438 41.02 5.99 18.24
N LEU C 439 40.63 5.39 19.37
CA LEU C 439 41.58 4.96 20.38
C LEU C 439 42.36 3.72 19.93
N SER C 440 41.81 2.82 19.12
CA SER C 440 42.57 1.65 18.65
C SER C 440 43.63 2.02 17.62
N PHE C 441 43.33 2.86 16.64
CA PHE C 441 44.34 3.34 15.70
C PHE C 441 45.39 4.23 16.36
N TYR C 442 45.08 4.90 17.47
CA TYR C 442 46.10 5.58 18.26
C TYR C 442 47.15 4.60 18.81
N ILE C 443 46.76 3.37 19.19
CA ILE C 443 47.73 2.34 19.62
C ILE C 443 48.51 1.79 18.43
N LEU C 444 47.79 1.35 17.40
CA LEU C 444 48.32 0.54 16.29
C LEU C 444 49.15 1.31 15.27
N LEU C 445 48.95 2.62 15.13
CA LEU C 445 49.58 3.46 14.11
C LEU C 445 50.37 4.63 14.71
N ASN C 446 50.71 4.57 16.00
CA ASN C 446 51.27 5.70 16.75
C ASN C 446 52.51 6.35 16.13
N LEU C 447 53.35 5.56 15.44
CA LEU C 447 54.59 6.06 14.82
C LEU C 447 54.37 6.95 13.59
N GLN C 448 53.12 7.23 13.17
CA GLN C 448 52.81 8.04 12.00
C GLN C 448 52.29 9.43 12.36
N ASP C 449 52.77 10.48 11.69
CA ASP C 449 52.25 11.85 11.86
C ASP C 449 50.72 11.94 11.96
N PRO C 450 49.91 11.37 11.05
CA PRO C 450 48.49 11.62 10.98
C PRO C 450 47.64 10.97 12.08
N PHE C 451 48.24 10.21 12.98
CA PHE C 451 47.62 9.62 14.17
C PHE C 451 48.40 9.94 15.46
N SER C 452 49.27 10.96 15.46
CA SER C 452 50.25 11.22 16.53
C SER C 452 49.72 11.44 17.95
N SER C 453 48.44 11.72 18.12
CA SER C 453 47.80 12.10 19.39
C SER C 453 46.39 11.53 19.42
N PRO C 454 45.78 11.26 20.59
CA PRO C 454 44.45 10.65 20.61
C PRO C 454 43.41 11.54 19.92
N LEU C 455 43.46 12.85 20.10
CA LEU C 455 42.57 13.77 19.41
C LEU C 455 42.76 13.76 17.88
N LEU C 456 43.99 13.84 17.38
CA LEU C 456 44.25 13.72 15.93
C LEU C 456 43.86 12.35 15.38
N SER C 457 43.96 11.29 16.18
CA SER C 457 43.57 9.94 15.79
C SER C 457 42.06 9.80 15.64
N ILE C 458 41.31 10.43 16.54
CA ILE C 458 39.85 10.47 16.42
C ILE C 458 39.42 11.42 15.29
N ILE C 459 40.10 12.55 15.04
CA ILE C 459 39.81 13.40 13.86
C ILE C 459 40.08 12.65 12.56
N GLN C 460 41.18 11.90 12.48
CA GLN C 460 41.51 11.10 11.30
C GLN C 460 40.46 10.03 11.06
N THR C 461 40.09 9.26 12.07
CA THR C 461 39.08 8.18 11.94
C THR C 461 37.68 8.70 11.76
N PHE C 462 37.37 9.92 12.14
CA PHE C 462 36.22 10.64 11.61
C PHE C 462 36.43 10.95 10.12
N SER C 463 37.51 11.57 9.69
CA SER C 463 37.66 11.95 8.29
C SER C 463 37.81 10.75 7.32
N MET C 464 38.19 9.56 7.79
CA MET C 464 38.23 8.32 6.99
C MET C 464 36.84 7.76 6.68
N MET C 465 35.86 8.04 7.52
CA MET C 465 34.48 7.57 7.51
C MET C 465 33.83 7.51 6.14
N LEU C 466 34.06 8.52 5.31
CA LEU C 466 33.42 8.65 4.00
C LEU C 466 33.83 7.54 3.02
N GLY C 467 34.84 6.74 3.37
CA GLY C 467 35.48 5.76 2.51
C GLY C 467 36.70 6.36 1.82
N ASP C 468 37.56 6.98 2.63
CA ASP C 468 38.72 7.75 2.18
C ASP C 468 39.96 7.40 3.02
N ILE C 469 40.26 6.10 3.08
CA ILE C 469 41.08 5.48 4.14
C ILE C 469 42.57 5.89 4.11
N ASN C 470 43.07 6.40 2.98
CA ASN C 470 44.51 6.60 2.74
C ASN C 470 45.31 5.31 2.96
N TYR C 471 44.79 4.18 2.46
CA TYR C 471 45.32 2.83 2.69
C TYR C 471 46.80 2.70 2.31
N ARG C 472 47.19 3.03 1.09
CA ARG C 472 48.60 2.87 0.70
C ARG C 472 49.51 3.76 1.51
N GLU C 473 49.09 4.98 1.81
CA GLU C 473 49.92 5.97 2.48
C GLU C 473 50.13 5.70 3.98
N SER C 474 49.32 4.85 4.61
CA SER C 474 49.37 4.63 6.08
C SER C 474 49.19 3.20 6.58
N PHE C 475 48.87 2.24 5.72
CA PHE C 475 48.90 0.82 6.05
C PHE C 475 49.94 0.09 5.21
N LEU C 476 49.82 0.11 3.88
CA LEU C 476 50.69 -0.73 3.05
C LEU C 476 52.10 -0.18 2.87
N GLU C 477 52.29 1.11 2.59
CA GLU C 477 53.66 1.62 2.46
C GLU C 477 54.43 1.49 3.78
N PRO C 478 53.86 1.79 4.97
CA PRO C 478 54.45 1.44 6.24
C PRO C 478 54.72 -0.06 6.42
N TYR C 479 53.82 -0.95 6.01
CA TYR C 479 54.04 -2.40 6.15
C TYR C 479 55.27 -2.86 5.37
N LEU C 480 55.40 -2.43 4.12
CA LEU C 480 56.55 -2.78 3.26
C LEU C 480 57.86 -2.07 3.67
N ARG C 481 57.88 -1.34 4.78
CA ARG C 481 59.07 -0.76 5.43
C ARG C 481 59.19 -1.13 6.91
N ASN C 482 58.35 -2.04 7.40
CA ASN C 482 58.24 -2.44 8.81
C ASN C 482 57.94 -1.28 9.79
N GLU C 483 57.35 -0.18 9.32
CA GLU C 483 56.95 0.95 10.17
C GLU C 483 55.65 0.70 10.95
N LEU C 484 54.87 -0.32 10.60
CA LEU C 484 53.79 -0.83 11.45
C LEU C 484 54.37 -1.62 12.61
N ALA C 485 54.02 -1.28 13.85
CA ALA C 485 54.46 -2.04 15.03
C ALA C 485 53.71 -3.37 15.20
N HIS C 486 52.43 -3.44 14.78
CA HIS C 486 51.53 -4.58 14.99
C HIS C 486 50.88 -5.03 13.66
N PRO C 487 51.62 -5.57 12.70
CA PRO C 487 51.14 -5.66 11.32
C PRO C 487 49.90 -6.54 11.15
N VAL C 488 49.84 -7.71 11.80
CA VAL C 488 48.69 -8.63 11.68
C VAL C 488 47.41 -7.98 12.21
N LEU C 489 47.48 -7.35 13.37
CA LEU C 489 46.35 -6.69 14.01
C LEU C 489 45.96 -5.37 13.34
N SER C 490 46.93 -4.64 12.78
CA SER C 490 46.70 -3.38 12.08
C SER C 490 45.87 -3.56 10.81
N PHE C 491 46.10 -4.60 10.01
CA PHE C 491 45.22 -4.90 8.89
C PHE C 491 43.86 -5.46 9.35
N ALA C 492 43.76 -6.18 10.47
CA ALA C 492 42.45 -6.58 10.99
C ALA C 492 41.62 -5.37 11.44
N GLN C 493 42.27 -4.31 11.96
CA GLN C 493 41.60 -3.06 12.31
C GLN C 493 41.24 -2.22 11.07
N LEU C 494 42.04 -2.23 10.01
CA LEU C 494 41.68 -1.66 8.70
C LEU C 494 40.42 -2.32 8.12
N VAL C 495 40.32 -3.64 8.22
CA VAL C 495 39.22 -4.40 7.66
C VAL C 495 37.96 -4.18 8.47
N SER C 496 38.01 -4.35 9.78
CA SER C 496 36.84 -4.11 10.62
C SER C 496 36.40 -2.65 10.62
N PHE C 497 37.27 -1.67 10.34
CA PHE C 497 36.82 -0.33 9.96
C PHE C 497 36.11 -0.35 8.61
N THR C 498 36.74 -0.84 7.55
CA THR C 498 36.17 -0.78 6.20
C THR C 498 34.81 -1.50 6.08
N ILE C 499 34.56 -2.50 6.91
CA ILE C 499 33.26 -3.16 7.06
C ILE C 499 32.27 -2.29 7.83
N PHE C 500 32.60 -1.87 9.05
CA PHE C 500 31.62 -1.25 9.95
C PHE C 500 31.25 0.16 9.55
N VAL C 501 32.14 0.98 8.96
CA VAL C 501 31.88 2.45 8.95
C VAL C 501 31.90 3.18 7.63
N PRO C 502 32.66 2.86 6.56
CA PRO C 502 32.28 3.31 5.22
C PRO C 502 31.08 2.56 4.66
N ILE C 503 30.87 1.31 5.10
CA ILE C 503 29.88 0.40 4.52
C ILE C 503 28.67 0.26 5.41
N VAL C 504 28.75 -0.40 6.57
CA VAL C 504 27.57 -0.59 7.41
C VAL C 504 26.96 0.74 7.85
N LEU C 505 27.71 1.67 8.46
CA LEU C 505 27.10 2.92 8.90
C LEU C 505 26.61 3.79 7.75
N MET C 506 27.36 3.97 6.66
CA MET C 506 26.85 4.84 5.60
C MET C 506 25.67 4.22 4.86
N ASN C 507 25.57 2.89 4.76
CA ASN C 507 24.37 2.26 4.22
C ASN C 507 23.22 2.30 5.23
N LEU C 508 23.49 2.29 6.53
CA LEU C 508 22.49 2.55 7.56
C LEU C 508 21.96 3.97 7.47
N LEU C 509 22.83 4.99 7.35
CA LEU C 509 22.39 6.38 7.19
C LEU C 509 21.63 6.61 5.88
N ILE C 510 21.98 5.99 4.76
CA ILE C 510 21.16 6.05 3.56
C ILE C 510 19.80 5.36 3.79
N GLY C 511 19.74 4.29 4.59
CA GLY C 511 18.49 3.64 4.99
C GLY C 511 17.55 4.58 5.74
N LEU C 512 18.07 5.30 6.74
CA LEU C 512 17.36 6.36 7.49
C LEU C 512 16.98 7.53 6.58
N ALA C 513 17.90 8.01 5.75
CA ALA C 513 17.67 9.16 4.89
C ALA C 513 16.56 8.90 3.87
N VAL C 514 16.64 7.81 3.09
CA VAL C 514 15.59 7.44 2.14
C VAL C 514 14.29 7.15 2.87
N GLY C 515 14.35 6.45 4.00
CA GLY C 515 13.17 6.08 4.78
C GLY C 515 12.35 7.29 5.23
N ASP C 516 13.01 8.32 5.74
CA ASP C 516 12.38 9.53 6.28
C ASP C 516 12.08 10.60 5.22
N ILE C 517 12.92 10.78 4.20
CA ILE C 517 12.67 11.79 3.17
C ILE C 517 11.52 11.37 2.25
N ALA C 518 11.34 10.07 1.99
CA ALA C 518 10.14 9.56 1.35
C ALA C 518 8.87 9.70 2.22
N ASP C 519 9.02 9.97 3.52
CA ASP C 519 7.91 10.25 4.45
C ASP C 519 7.61 11.76 4.54
N VAL C 520 8.56 12.64 4.23
CA VAL C 520 8.27 14.06 3.96
C VAL C 520 7.58 14.22 2.61
N GLN C 521 8.08 13.61 1.53
CA GLN C 521 7.43 13.65 0.22
C GLN C 521 5.99 13.11 0.22
N LYS C 522 5.63 12.22 1.16
CA LYS C 522 4.24 11.75 1.37
C LYS C 522 3.28 12.88 1.78
N HIS C 523 3.78 13.95 2.39
CA HIS C 523 3.02 15.12 2.83
C HIS C 523 3.37 16.41 2.09
N ALA C 524 4.44 16.47 1.29
CA ALA C 524 5.00 17.71 0.75
C ALA C 524 4.01 18.63 0.01
N SER C 525 3.18 18.07 -0.87
CA SER C 525 2.10 18.78 -1.56
C SER C 525 1.12 19.48 -0.60
N LEU C 526 0.87 18.93 0.59
CA LEU C 526 0.14 19.62 1.65
C LEU C 526 1.06 20.55 2.44
N LYS C 527 2.26 20.12 2.81
CA LYS C 527 3.16 20.85 3.72
C LYS C 527 3.55 22.21 3.16
N ARG C 528 3.73 22.35 1.84
CA ARG C 528 3.85 23.64 1.15
C ARG C 528 2.72 24.59 1.57
N ILE C 529 1.49 24.14 1.41
CA ILE C 529 0.29 24.95 1.69
C ILE C 529 0.09 25.18 3.18
N ALA C 530 0.44 24.21 4.02
CA ALA C 530 0.41 24.38 5.46
C ALA C 530 1.42 25.45 5.94
N MET C 531 2.64 25.47 5.39
CA MET C 531 3.61 26.51 5.75
C MET C 531 3.12 27.88 5.31
N GLN C 532 2.48 27.98 4.15
CA GLN C 532 1.83 29.23 3.73
C GLN C 532 0.70 29.66 4.66
N VAL C 533 -0.29 28.82 4.96
CA VAL C 533 -1.39 29.25 5.84
C VAL C 533 -0.89 29.66 7.23
N GLU C 534 0.09 28.93 7.78
CA GLU C 534 0.65 29.22 9.11
C GLU C 534 1.46 30.53 9.11
N LEU C 535 2.16 30.86 8.04
CA LEU C 535 2.88 32.13 7.92
C LEU C 535 1.90 33.29 7.76
N HIS C 536 0.93 33.19 6.84
CA HIS C 536 -0.02 34.28 6.61
C HIS C 536 -0.92 34.52 7.81
N THR C 537 -1.34 33.49 8.54
CA THR C 537 -2.16 33.67 9.75
C THR C 537 -1.36 34.22 10.92
N SER C 538 -0.08 33.89 11.06
CA SER C 538 0.76 34.48 12.11
C SER C 538 0.97 35.97 11.87
N LEU C 539 1.18 36.38 10.61
CA LEU C 539 1.14 37.80 10.26
C LEU C 539 -0.25 38.43 10.49
N GLU C 540 -1.35 37.75 10.15
CA GLU C 540 -2.70 38.31 10.33
C GLU C 540 -3.01 38.60 11.81
N LYS C 541 -2.42 37.84 12.75
CA LYS C 541 -2.53 38.08 14.19
C LYS C 541 -1.67 39.24 14.69
N LYS C 542 -0.62 39.62 13.96
CA LYS C 542 0.38 40.62 14.38
C LYS C 542 0.32 41.95 13.62
N LEU C 543 -0.21 41.98 12.40
CA LEU C 543 -0.55 43.24 11.73
C LEU C 543 -1.72 43.93 12.47
N PRO C 544 -1.74 45.27 12.55
CA PRO C 544 -2.86 46.01 13.14
C PRO C 544 -4.12 45.96 12.26
N LEU C 545 -5.28 45.89 12.89
CA LEU C 545 -6.56 45.53 12.27
C LEU C 545 -7.00 46.48 11.14
N TRP C 546 -6.80 47.80 11.31
CA TRP C 546 -7.16 48.78 10.28
C TRP C 546 -6.36 48.57 8.99
N PHE C 547 -5.08 48.22 9.11
CA PHE C 547 -4.21 47.99 7.97
C PHE C 547 -4.65 46.73 7.22
N LEU C 548 -4.96 45.66 7.96
CA LEU C 548 -5.53 44.44 7.39
C LEU C 548 -6.80 44.73 6.59
N ARG C 549 -7.75 45.49 7.14
CA ARG C 549 -8.98 45.90 6.43
C ARG C 549 -8.72 46.76 5.19
N LYS C 550 -7.73 47.67 5.22
CA LYS C 550 -7.34 48.47 4.06
C LYS C 550 -6.67 47.65 2.95
N VAL C 551 -5.97 46.59 3.32
CA VAL C 551 -5.20 45.70 2.43
C VAL C 551 -6.00 44.55 1.83
N ASP C 552 -6.90 43.93 2.59
CA ASP C 552 -7.70 42.78 2.13
C ASP C 552 -8.67 43.15 0.97
N GLN C 553 -9.18 42.14 0.27
CA GLN C 553 -9.77 42.27 -1.06
C GLN C 553 -10.70 41.07 -1.33
N LYS C 554 -12.01 41.23 -1.09
CA LYS C 554 -12.97 40.10 -0.99
C LYS C 554 -13.22 39.33 -2.30
N SER C 555 -12.83 39.86 -3.45
CA SER C 555 -12.87 39.16 -4.73
C SER C 555 -11.75 39.59 -5.65
N THR C 556 -11.28 38.70 -6.53
CA THR C 556 -10.13 38.92 -7.42
C THR C 556 -10.33 38.26 -8.79
N ILE C 557 -9.64 38.79 -9.81
CA ILE C 557 -9.83 38.43 -11.23
C ILE C 557 -8.52 37.88 -11.81
N VAL C 558 -8.61 36.94 -12.75
CA VAL C 558 -7.49 36.35 -13.50
C VAL C 558 -7.78 36.39 -15.00
N TYR C 559 -6.74 36.65 -15.80
CA TYR C 559 -6.81 36.73 -17.26
C TYR C 559 -5.83 35.70 -17.90
N PRO C 560 -6.17 34.40 -17.94
CA PRO C 560 -5.29 33.34 -18.46
C PRO C 560 -4.72 33.63 -19.86
N SER C 592 -8.87 6.28 -2.94
CA SER C 592 -9.98 6.75 -2.09
C SER C 592 -10.50 5.70 -1.09
N LEU C 593 -9.94 4.49 -1.07
CA LEU C 593 -10.48 3.34 -0.32
C LEU C 593 -10.69 3.59 1.17
N GLU C 594 -9.84 4.42 1.79
CA GLU C 594 -9.96 4.82 3.21
C GLU C 594 -11.12 5.78 3.51
N MET C 595 -11.97 6.04 2.52
CA MET C 595 -13.35 6.56 2.69
C MET C 595 -14.37 5.86 1.80
N GLU C 596 -13.96 5.21 0.70
CA GLU C 596 -14.85 4.42 -0.16
C GLU C 596 -15.50 3.27 0.63
N ILE C 597 -14.72 2.58 1.46
CA ILE C 597 -15.25 1.53 2.35
C ILE C 597 -16.06 2.12 3.50
N LEU C 598 -15.75 3.34 3.97
CA LEU C 598 -16.57 4.01 4.96
C LEU C 598 -17.95 4.37 4.38
N LYS C 599 -18.03 4.75 3.10
CA LYS C 599 -19.31 4.96 2.42
C LYS C 599 -20.05 3.64 2.20
N GLN C 600 -19.35 2.58 1.81
CA GLN C 600 -19.89 1.22 1.72
C GLN C 600 -20.45 0.73 3.06
N LYS C 601 -19.79 1.05 4.18
CA LYS C 601 -20.30 0.88 5.54
C LYS C 601 -21.58 1.63 5.81
N TYR C 602 -21.66 2.92 5.52
CA TYR C 602 -22.91 3.68 5.70
C TYR C 602 -24.06 3.08 4.89
N ARG C 603 -23.79 2.67 3.64
CA ARG C 603 -24.79 2.03 2.78
C ARG C 603 -25.27 0.70 3.35
N LEU C 604 -24.36 -0.13 3.85
CA LEU C 604 -24.70 -1.41 4.49
C LEU C 604 -25.43 -1.23 5.82
N LYS C 605 -25.05 -0.22 6.62
CA LYS C 605 -25.65 0.08 7.93
C LYS C 605 -27.11 0.48 7.78
N ASP C 606 -27.44 1.38 6.86
CA ASP C 606 -28.84 1.80 6.67
C ASP C 606 -29.65 0.82 5.80
N LEU C 607 -29.00 -0.15 5.17
CA LEU C 607 -29.64 -1.35 4.61
C LEU C 607 -30.05 -2.34 5.71
N THR C 608 -29.15 -2.70 6.64
CA THR C 608 -29.51 -3.64 7.71
C THR C 608 -30.53 -3.03 8.67
N PHE C 609 -30.57 -1.70 8.84
CA PHE C 609 -31.66 -1.02 9.53
C PHE C 609 -32.99 -1.10 8.78
N LEU C 610 -33.01 -0.96 7.46
CA LEU C 610 -34.22 -1.15 6.65
C LEU C 610 -34.73 -2.59 6.72
N LEU C 611 -33.87 -3.60 6.66
CA LEU C 611 -34.29 -4.99 6.81
C LEU C 611 -34.80 -5.29 8.22
N GLU C 612 -34.19 -4.73 9.27
CA GLU C 612 -34.66 -4.91 10.65
C GLU C 612 -36.01 -4.20 10.89
N LYS C 613 -36.33 -3.13 10.15
CA LYS C 613 -37.68 -2.54 10.11
C LYS C 613 -38.69 -3.40 9.34
N GLN C 614 -38.28 -4.02 8.23
CA GLN C 614 -39.12 -4.88 7.39
C GLN C 614 -39.43 -6.23 8.04
N HIS C 615 -38.46 -6.85 8.71
CA HIS C 615 -38.67 -8.11 9.44
C HIS C 615 -39.83 -8.03 10.41
N GLU C 616 -40.01 -6.86 11.02
CA GLU C 616 -41.04 -6.59 12.03
C GLU C 616 -42.38 -6.13 11.43
N LEU C 617 -42.51 -6.02 10.10
CA LEU C 617 -43.80 -6.04 9.40
C LEU C 617 -44.19 -7.48 9.03
N ILE C 618 -43.26 -8.33 8.62
CA ILE C 618 -43.58 -9.72 8.26
C ILE C 618 -44.08 -10.48 9.49
N LYS C 619 -43.46 -10.30 10.65
CA LYS C 619 -44.00 -10.85 11.91
C LYS C 619 -45.40 -10.34 12.21
N LEU C 620 -45.71 -9.08 11.92
CA LEU C 620 -47.03 -8.52 12.13
C LEU C 620 -48.06 -9.09 11.15
N ILE C 621 -47.69 -9.42 9.92
CA ILE C 621 -48.59 -10.11 8.98
C ILE C 621 -48.99 -11.45 9.57
N ILE C 622 -48.07 -12.29 10.05
CA ILE C 622 -48.45 -13.60 10.61
C ILE C 622 -49.30 -13.43 11.88
N GLN C 623 -49.04 -12.40 12.67
CA GLN C 623 -49.81 -12.11 13.87
C GLN C 623 -51.26 -11.69 13.58
N LYS C 624 -51.54 -10.98 12.48
CA LYS C 624 -52.89 -10.47 12.14
C LYS C 624 -53.61 -11.23 11.01
N MET C 625 -52.91 -12.07 10.26
CA MET C 625 -53.44 -12.83 9.12
C MET C 625 -54.66 -13.69 9.47
N GLU C 626 -55.68 -13.72 8.63
CA GLU C 626 -56.82 -14.64 8.83
C GLU C 626 -56.46 -16.04 8.32
N ILE C 627 -56.46 -17.03 9.22
CA ILE C 627 -56.26 -18.45 8.89
C ILE C 627 -57.55 -19.21 9.20
N ILE C 628 -58.16 -19.85 8.19
CA ILE C 628 -59.35 -20.70 8.35
C ILE C 628 -59.25 -21.88 7.38
N SER C 629 -59.45 -23.11 7.87
CA SER C 629 -59.59 -24.34 7.08
C SER C 629 -58.43 -24.71 6.14
N GLU C 630 -57.31 -24.03 6.25
CA GLU C 630 -56.04 -24.28 5.54
C GLU C 630 -54.85 -24.22 6.51
N THR C 631 -55.12 -24.47 7.80
CA THR C 631 -54.16 -24.46 8.91
C THR C 631 -53.01 -25.43 8.69
N SER D 1 -60.90 2.70 -11.31
CA SER D 1 -59.81 2.34 -10.39
C SER D 1 -59.67 0.83 -10.15
N PRO D 2 -60.68 0.03 -9.72
CA PRO D 2 -60.46 -1.34 -9.25
C PRO D 2 -59.67 -2.27 -10.18
N LEU D 3 -59.89 -2.24 -11.49
CA LEU D 3 -59.12 -3.08 -12.42
C LEU D 3 -57.63 -2.70 -12.44
N HIS D 4 -57.25 -1.44 -12.26
CA HIS D 4 -55.85 -1.05 -12.21
C HIS D 4 -55.12 -1.76 -11.08
N PHE D 5 -55.77 -1.96 -9.93
CA PHE D 5 -55.17 -2.77 -8.87
C PHE D 5 -55.09 -4.25 -9.26
N ALA D 6 -56.19 -4.83 -9.74
CA ALA D 6 -56.21 -6.24 -10.13
C ALA D 6 -55.21 -6.58 -11.23
N ALA D 7 -55.00 -5.69 -12.20
CA ALA D 7 -54.00 -5.86 -13.23
C ALA D 7 -52.59 -5.59 -12.69
N SER D 8 -52.40 -4.56 -11.87
CA SER D 8 -51.08 -4.17 -11.36
C SER D 8 -50.37 -5.28 -10.62
N TYR D 9 -51.12 -6.08 -9.85
CA TYR D 9 -50.56 -7.16 -9.05
C TYR D 9 -50.89 -8.56 -9.60
N GLY D 10 -51.16 -8.67 -10.90
CA GLY D 10 -51.23 -9.97 -11.57
C GLY D 10 -52.44 -10.80 -11.18
N ARG D 11 -53.49 -10.19 -10.65
CA ARG D 11 -54.65 -10.85 -10.02
C ARG D 11 -55.60 -11.39 -11.08
N ILE D 12 -55.11 -12.34 -11.86
CA ILE D 12 -55.72 -12.80 -13.11
C ILE D 12 -57.18 -13.23 -12.92
N ASN D 13 -57.49 -13.99 -11.88
CA ASN D 13 -58.86 -14.45 -11.62
C ASN D 13 -59.79 -13.36 -11.04
N THR D 14 -59.30 -12.13 -10.82
CA THR D 14 -60.12 -10.93 -10.64
C THR D 14 -60.33 -10.18 -11.96
N CYS D 15 -59.31 -10.09 -12.81
CA CYS D 15 -59.45 -9.51 -14.14
C CYS D 15 -60.50 -10.28 -14.97
N GLN D 16 -60.49 -11.62 -14.91
CA GLN D 16 -61.51 -12.49 -15.52
C GLN D 16 -62.94 -12.26 -14.97
N ARG D 17 -63.13 -11.41 -13.96
CA ARG D 17 -64.44 -11.03 -13.38
C ARG D 17 -64.77 -9.57 -13.66
N LEU D 18 -63.81 -8.66 -13.51
CA LEU D 18 -63.95 -7.24 -13.88
C LEU D 18 -64.23 -7.08 -15.39
N LEU D 19 -63.53 -7.82 -16.26
CA LEU D 19 -63.77 -7.83 -17.71
C LEU D 19 -64.88 -8.80 -18.14
N GLN D 20 -65.53 -9.54 -17.23
CA GLN D 20 -66.61 -10.47 -17.58
C GLN D 20 -67.84 -9.75 -18.15
N ASP D 21 -68.06 -8.48 -17.77
CA ASP D 21 -69.00 -7.57 -18.38
C ASP D 21 -68.48 -6.98 -19.71
N ILE D 22 -68.11 -7.85 -20.65
CA ILE D 22 -67.39 -7.55 -21.89
C ILE D 22 -68.16 -6.74 -22.96
N SER D 23 -69.26 -6.09 -22.60
CA SER D 23 -70.11 -5.33 -23.52
C SER D 23 -69.46 -4.03 -24.06
N ASP D 24 -68.47 -3.46 -23.37
CA ASP D 24 -67.70 -2.31 -23.84
C ASP D 24 -66.27 -2.30 -23.29
N THR D 25 -65.31 -1.82 -24.09
CA THR D 25 -63.88 -1.75 -23.71
C THR D 25 -63.53 -0.47 -22.95
N ARG D 26 -64.48 0.43 -22.70
CA ARG D 26 -64.21 1.76 -22.12
C ARG D 26 -63.48 1.72 -20.77
N LEU D 27 -63.73 0.69 -19.93
CA LEU D 27 -63.00 0.45 -18.68
C LEU D 27 -61.62 -0.18 -18.93
N LEU D 28 -61.54 -1.15 -19.84
CA LEU D 28 -60.30 -1.82 -20.24
C LEU D 28 -59.27 -0.81 -20.79
N ASN D 29 -59.72 0.19 -21.56
CA ASN D 29 -58.88 1.24 -22.13
C ASN D 29 -58.74 2.48 -21.23
N GLU D 30 -59.11 2.42 -19.95
CA GLU D 30 -59.24 3.59 -19.08
C GLU D 30 -57.92 4.34 -18.80
N GLY D 31 -58.03 5.59 -18.34
CA GLY D 31 -56.90 6.43 -17.93
C GLY D 31 -56.54 6.32 -16.45
N ASP D 32 -55.69 7.21 -15.94
CA ASP D 32 -55.17 7.19 -14.57
C ASP D 32 -54.63 8.59 -14.16
N LEU D 33 -54.38 8.81 -12.87
CA LEU D 33 -53.66 9.98 -12.35
C LEU D 33 -52.30 10.21 -13.04
N HIS D 34 -51.53 9.14 -13.27
CA HIS D 34 -50.29 9.15 -14.05
C HIS D 34 -50.50 8.80 -15.54
N GLY D 35 -51.75 8.74 -16.02
CA GLY D 35 -52.08 8.64 -17.44
C GLY D 35 -51.87 7.27 -18.06
N MET D 36 -51.62 6.24 -17.24
CA MET D 36 -51.50 4.84 -17.66
C MET D 36 -52.86 4.16 -17.89
N THR D 37 -52.83 2.93 -18.37
CA THR D 37 -54.00 2.07 -18.63
C THR D 37 -53.71 0.65 -18.14
N PRO D 38 -54.68 -0.23 -17.83
CA PRO D 38 -54.42 -1.54 -17.24
C PRO D 38 -53.32 -2.37 -17.89
N LEU D 39 -53.17 -2.34 -19.21
CA LEU D 39 -52.09 -3.05 -19.91
C LEU D 39 -50.70 -2.53 -19.50
N HIS D 40 -50.55 -1.24 -19.19
CA HIS D 40 -49.30 -0.69 -18.65
C HIS D 40 -49.07 -1.16 -17.23
N LEU D 41 -50.09 -1.20 -16.38
CA LEU D 41 -49.93 -1.67 -15.01
C LEU D 41 -49.50 -3.14 -15.00
N ALA D 42 -50.09 -3.98 -15.86
CA ALA D 42 -49.71 -5.38 -16.00
C ALA D 42 -48.28 -5.55 -16.52
N ALA D 43 -47.90 -4.81 -17.56
CA ALA D 43 -46.54 -4.86 -18.08
C ALA D 43 -45.52 -4.35 -17.06
N LYS D 44 -45.80 -3.26 -16.36
CA LYS D 44 -44.89 -2.59 -15.41
C LYS D 44 -44.39 -3.51 -14.30
N ASN D 45 -45.18 -4.48 -13.87
CA ASN D 45 -44.83 -5.42 -12.80
C ASN D 45 -44.52 -6.85 -13.29
N GLY D 46 -44.50 -7.08 -14.60
CA GLY D 46 -44.03 -8.33 -15.19
C GLY D 46 -45.04 -9.48 -15.25
N HIS D 47 -46.34 -9.20 -15.12
CA HIS D 47 -47.39 -10.20 -15.06
C HIS D 47 -47.81 -10.74 -16.42
N ASP D 48 -47.06 -11.74 -16.89
CA ASP D 48 -47.21 -12.34 -18.22
C ASP D 48 -48.62 -12.88 -18.52
N LYS D 49 -49.32 -13.50 -17.58
CA LYS D 49 -50.72 -13.92 -17.80
C LYS D 49 -51.68 -12.75 -17.97
N VAL D 50 -51.56 -11.69 -17.17
CA VAL D 50 -52.49 -10.54 -17.25
C VAL D 50 -52.25 -9.71 -18.50
N VAL D 51 -51.00 -9.40 -18.86
CA VAL D 51 -50.73 -8.65 -20.08
C VAL D 51 -51.19 -9.44 -21.31
N GLN D 52 -51.14 -10.78 -21.27
CA GLN D 52 -51.74 -11.61 -22.31
C GLN D 52 -53.27 -11.54 -22.30
N LEU D 53 -53.91 -11.69 -21.15
CA LEU D 53 -55.37 -11.67 -21.02
C LEU D 53 -55.94 -10.34 -21.51
N LEU D 54 -55.34 -9.21 -21.16
CA LEU D 54 -55.79 -7.90 -21.65
C LEU D 54 -55.61 -7.78 -23.17
N LEU D 55 -54.50 -8.26 -23.74
CA LEU D 55 -54.33 -8.29 -25.21
C LEU D 55 -55.34 -9.21 -25.89
N LYS D 56 -55.72 -10.33 -25.25
CA LYS D 56 -56.76 -11.25 -25.74
C LYS D 56 -58.16 -10.63 -25.67
N LYS D 57 -58.49 -9.90 -24.60
CA LYS D 57 -59.80 -9.27 -24.39
C LYS D 57 -60.03 -8.06 -25.29
N GLY D 58 -59.10 -7.10 -25.36
CA GLY D 58 -59.32 -5.89 -26.15
C GLY D 58 -58.44 -4.68 -25.82
N ALA D 59 -57.22 -4.88 -25.32
CA ALA D 59 -56.30 -3.78 -25.03
C ALA D 59 -55.76 -3.09 -26.29
N LEU D 60 -55.24 -1.87 -26.10
CA LEU D 60 -54.69 -0.97 -27.12
C LEU D 60 -53.33 -0.44 -26.67
N PHE D 61 -52.34 -0.31 -27.55
CA PHE D 61 -51.00 0.21 -27.25
C PHE D 61 -50.94 1.74 -27.10
N LEU D 62 -51.84 2.29 -26.28
CA LEU D 62 -51.87 3.68 -25.82
C LEU D 62 -50.64 4.03 -24.97
N SER D 63 -50.51 5.27 -24.49
CA SER D 63 -49.30 5.71 -23.77
C SER D 63 -49.52 6.64 -22.58
N ASP D 64 -48.58 6.55 -21.63
CA ASP D 64 -48.47 7.33 -20.39
C ASP D 64 -48.48 8.86 -20.62
N HIS D 65 -48.65 9.70 -19.59
CA HIS D 65 -48.41 11.15 -19.72
C HIS D 65 -46.97 11.48 -20.15
N ASN D 66 -46.01 10.63 -19.80
CA ASN D 66 -44.62 10.65 -20.28
C ASN D 66 -44.46 10.10 -21.70
N GLY D 67 -45.51 9.51 -22.29
CA GLY D 67 -45.49 8.94 -23.64
C GLY D 67 -45.04 7.48 -23.72
N TRP D 68 -44.78 6.83 -22.60
CA TRP D 68 -44.33 5.43 -22.56
C TRP D 68 -45.40 4.43 -23.00
N THR D 69 -45.01 3.48 -23.86
CA THR D 69 -45.83 2.34 -24.29
C THR D 69 -45.85 1.22 -23.22
N ALA D 70 -46.71 0.21 -23.34
CA ALA D 70 -46.59 -1.00 -22.52
C ALA D 70 -45.21 -1.65 -22.64
N LEU D 71 -44.67 -1.74 -23.87
CA LEU D 71 -43.36 -2.34 -24.11
C LEU D 71 -42.23 -1.54 -23.47
N HIS D 72 -42.37 -0.23 -23.27
CA HIS D 72 -41.39 0.54 -22.50
C HIS D 72 -41.40 0.13 -21.04
N HIS D 73 -42.58 -0.01 -20.43
CA HIS D 73 -42.68 -0.50 -19.06
C HIS D 73 -42.18 -1.94 -18.90
N ALA D 74 -42.48 -2.82 -19.85
CA ALA D 74 -42.02 -4.19 -19.85
C ALA D 74 -40.49 -4.27 -19.94
N SER D 75 -39.90 -3.45 -20.83
CA SER D 75 -38.45 -3.35 -21.00
C SER D 75 -37.77 -2.77 -19.78
N MET D 76 -38.34 -1.72 -19.19
CA MET D 76 -37.79 -1.05 -18.01
C MET D 76 -37.60 -2.02 -16.83
N GLY D 77 -38.46 -3.03 -16.70
CA GLY D 77 -38.31 -4.08 -15.70
C GLY D 77 -37.51 -5.31 -16.15
N GLY D 78 -37.15 -5.40 -17.43
CA GLY D 78 -36.47 -6.56 -18.00
C GLY D 78 -37.34 -7.83 -18.06
N TYR D 79 -38.66 -7.68 -18.08
CA TYR D 79 -39.62 -8.79 -17.98
C TYR D 79 -39.83 -9.46 -19.34
N THR D 80 -38.85 -10.23 -19.81
CA THR D 80 -38.85 -10.88 -21.13
C THR D 80 -40.13 -11.66 -21.45
N GLN D 81 -40.78 -12.32 -20.48
CA GLN D 81 -42.07 -12.96 -20.74
C GLN D 81 -43.14 -11.96 -21.20
N THR D 82 -43.32 -10.83 -20.51
CA THR D 82 -44.29 -9.82 -20.94
C THR D 82 -43.91 -9.18 -22.28
N MET D 83 -42.62 -8.99 -22.56
CA MET D 83 -42.20 -8.50 -23.87
C MET D 83 -42.53 -9.50 -24.96
N LYS D 84 -42.25 -10.79 -24.75
CA LYS D 84 -42.51 -11.85 -25.71
C LYS D 84 -44.01 -12.02 -26.00
N VAL D 85 -44.85 -11.84 -24.98
CA VAL D 85 -46.31 -11.78 -25.10
C VAL D 85 -46.80 -10.53 -25.86
N ILE D 86 -46.17 -9.37 -25.68
CA ILE D 86 -46.48 -8.16 -26.45
C ILE D 86 -46.06 -8.31 -27.91
N LEU D 87 -44.82 -8.72 -28.18
CA LEU D 87 -44.23 -8.85 -29.53
C LEU D 87 -44.96 -9.88 -30.42
N ASP D 88 -45.70 -10.82 -29.84
CA ASP D 88 -46.61 -11.71 -30.59
C ASP D 88 -47.93 -11.04 -31.04
N THR D 89 -48.11 -9.73 -30.83
CA THR D 89 -49.22 -8.95 -31.37
C THR D 89 -48.74 -7.62 -31.94
N ASN D 90 -49.50 -7.02 -32.87
CA ASN D 90 -49.37 -5.62 -33.31
C ASN D 90 -47.92 -5.17 -33.57
N LEU D 91 -47.17 -5.96 -34.34
CA LEU D 91 -45.70 -6.00 -34.33
C LEU D 91 -44.97 -4.70 -34.73
N LYS D 92 -45.67 -3.71 -35.30
CA LYS D 92 -45.15 -2.36 -35.48
C LYS D 92 -44.87 -1.62 -34.16
N CYS D 93 -45.29 -2.15 -33.01
CA CYS D 93 -45.13 -1.56 -31.68
C CYS D 93 -43.67 -1.18 -31.34
N THR D 94 -42.69 -2.03 -31.68
CA THR D 94 -41.33 -1.97 -31.13
C THR D 94 -40.60 -0.64 -31.33
N ASP D 95 -40.87 0.08 -32.42
CA ASP D 95 -40.18 1.33 -32.76
C ASP D 95 -40.66 2.59 -32.01
N ARG D 96 -41.70 2.51 -31.19
CA ARG D 96 -42.39 3.69 -30.60
C ARG D 96 -41.47 4.52 -29.70
N LEU D 97 -41.57 5.86 -29.81
CA LEU D 97 -40.77 6.87 -29.11
C LEU D 97 -41.57 7.52 -27.95
N ASP D 98 -40.97 7.71 -26.77
CA ASP D 98 -41.56 8.53 -25.71
C ASP D 98 -41.30 10.05 -25.89
N GLU D 99 -41.59 10.88 -24.88
CA GLU D 99 -41.38 12.34 -24.97
C GLU D 99 -39.91 12.80 -25.08
N ASP D 100 -38.93 11.96 -24.77
CA ASP D 100 -37.49 12.23 -25.00
C ASP D 100 -36.96 11.50 -26.25
N GLY D 101 -37.76 10.64 -26.85
CA GLY D 101 -37.36 9.82 -28.00
C GLY D 101 -36.62 8.55 -27.62
N ASN D 102 -36.77 8.05 -26.39
CA ASN D 102 -36.22 6.74 -26.01
C ASN D 102 -37.08 5.62 -26.62
N THR D 103 -36.56 4.91 -27.63
CA THR D 103 -37.16 3.67 -28.13
C THR D 103 -37.11 2.59 -27.04
N ALA D 104 -37.97 1.57 -27.08
CA ALA D 104 -38.04 0.56 -26.03
C ALA D 104 -36.68 -0.05 -25.64
N LEU D 105 -35.85 -0.32 -26.64
CA LEU D 105 -34.48 -0.83 -26.50
C LEU D 105 -33.55 0.08 -25.69
N HIS D 106 -33.81 1.38 -25.62
CA HIS D 106 -33.03 2.29 -24.78
C HIS D 106 -33.21 1.97 -23.29
N PHE D 107 -34.42 1.59 -22.87
CA PHE D 107 -34.68 1.29 -21.47
C PHE D 107 -34.08 -0.05 -21.09
N ALA D 108 -34.27 -1.09 -21.89
CA ALA D 108 -33.67 -2.39 -21.61
C ALA D 108 -32.16 -2.29 -21.45
N ALA D 109 -31.51 -1.44 -22.25
CA ALA D 109 -30.08 -1.19 -22.15
C ALA D 109 -29.71 -0.34 -20.94
N ARG D 110 -30.36 0.82 -20.73
CA ARG D 110 -30.04 1.76 -19.63
C ARG D 110 -30.17 1.11 -18.27
N GLU D 111 -31.22 0.31 -18.06
CA GLU D 111 -31.48 -0.38 -16.80
C GLU D 111 -30.63 -1.64 -16.60
N GLY D 112 -29.86 -2.07 -17.60
CA GLY D 112 -28.92 -3.18 -17.48
C GLY D 112 -29.50 -4.58 -17.68
N HIS D 113 -30.65 -4.72 -18.34
CA HIS D 113 -31.35 -5.99 -18.51
C HIS D 113 -30.92 -6.70 -19.80
N ALA D 114 -29.78 -7.37 -19.77
CA ALA D 114 -29.15 -7.92 -20.96
C ALA D 114 -30.06 -8.86 -21.78
N LYS D 115 -30.82 -9.77 -21.15
CA LYS D 115 -31.71 -10.68 -21.88
C LYS D 115 -32.93 -9.97 -22.50
N ALA D 116 -33.33 -8.82 -21.96
CA ALA D 116 -34.33 -7.97 -22.60
C ALA D 116 -33.75 -7.25 -23.81
N VAL D 117 -32.50 -6.79 -23.74
CA VAL D 117 -31.78 -6.24 -24.89
C VAL D 117 -31.61 -7.30 -25.96
N ALA D 118 -31.20 -8.52 -25.62
CA ALA D 118 -31.04 -9.61 -26.57
C ALA D 118 -32.34 -9.89 -27.33
N LEU D 119 -33.48 -9.92 -26.64
CA LEU D 119 -34.76 -10.17 -27.28
C LEU D 119 -35.14 -9.05 -28.27
N LEU D 120 -35.14 -7.78 -27.84
CA LEU D 120 -35.48 -6.68 -28.75
C LEU D 120 -34.46 -6.53 -29.89
N LEU D 121 -33.18 -6.77 -29.65
CA LEU D 121 -32.13 -6.63 -30.66
C LEU D 121 -32.18 -7.78 -31.69
N SER D 122 -32.65 -8.97 -31.29
CA SER D 122 -32.87 -10.12 -32.18
C SER D 122 -34.08 -9.94 -33.09
N HIS D 123 -35.19 -9.42 -32.56
CA HIS D 123 -36.26 -8.83 -33.38
C HIS D 123 -35.75 -7.56 -34.07
N ASN D 124 -36.51 -7.01 -35.01
CA ASN D 124 -36.08 -5.82 -35.76
C ASN D 124 -36.33 -4.50 -35.01
N ALA D 125 -35.89 -4.39 -33.75
CA ALA D 125 -35.93 -3.10 -33.06
C ALA D 125 -35.04 -2.07 -33.79
N ASP D 126 -35.59 -0.88 -34.01
CA ASP D 126 -34.90 0.20 -34.69
C ASP D 126 -33.81 0.82 -33.80
N ILE D 127 -32.54 0.61 -34.13
CA ILE D 127 -31.44 1.32 -33.49
C ILE D 127 -31.49 2.78 -33.94
N VAL D 128 -31.86 3.68 -33.04
CA VAL D 128 -32.16 5.09 -33.36
C VAL D 128 -31.80 6.00 -32.19
N LEU D 129 -31.50 7.26 -32.47
CA LEU D 129 -31.07 8.22 -31.47
C LEU D 129 -32.21 8.73 -30.59
N ASN D 130 -31.94 8.78 -29.28
CA ASN D 130 -32.61 9.62 -28.28
C ASN D 130 -32.47 11.09 -28.72
N LYS D 131 -33.47 11.96 -28.47
CA LYS D 131 -33.40 13.37 -28.89
C LYS D 131 -32.34 14.20 -28.14
N GLN D 132 -31.65 13.60 -27.16
CA GLN D 132 -30.37 14.05 -26.60
C GLN D 132 -29.13 13.58 -27.41
N GLN D 133 -29.32 13.10 -28.64
CA GLN D 133 -28.32 12.51 -29.53
C GLN D 133 -27.49 11.39 -28.88
N ALA D 134 -28.17 10.34 -28.40
CA ALA D 134 -27.55 9.15 -27.81
C ALA D 134 -28.16 7.85 -28.37
N SER D 135 -27.32 6.85 -28.64
CA SER D 135 -27.77 5.51 -28.99
C SER D 135 -27.99 4.68 -27.73
N PHE D 136 -28.71 3.56 -27.85
CA PHE D 136 -28.90 2.64 -26.73
C PHE D 136 -27.58 2.16 -26.14
N LEU D 137 -26.54 1.97 -26.96
CA LEU D 137 -25.19 1.65 -26.52
C LEU D 137 -24.54 2.76 -25.68
N HIS D 138 -24.76 4.04 -25.97
CA HIS D 138 -24.31 5.12 -25.07
C HIS D 138 -25.04 5.05 -23.73
N LEU D 139 -26.33 4.79 -23.73
CA LEU D 139 -27.12 4.66 -22.51
C LEU D 139 -26.65 3.47 -21.65
N ALA D 140 -26.20 2.37 -22.26
CA ALA D 140 -25.59 1.27 -21.53
C ALA D 140 -24.23 1.66 -20.94
N LEU D 141 -23.37 2.30 -21.75
CA LEU D 141 -22.00 2.64 -21.38
C LEU D 141 -21.93 3.68 -20.26
N HIS D 142 -22.66 4.79 -20.35
CA HIS D 142 -22.72 5.79 -19.26
C HIS D 142 -23.24 5.22 -17.94
N ASN D 143 -23.89 4.05 -17.95
CA ASN D 143 -24.39 3.35 -16.77
C ASN D 143 -23.56 2.09 -16.42
N LYS D 144 -22.41 1.87 -17.06
CA LYS D 144 -21.51 0.73 -16.83
C LYS D 144 -22.20 -0.65 -16.89
N ARG D 145 -23.18 -0.83 -17.80
CA ARG D 145 -23.97 -2.07 -17.90
C ARG D 145 -23.22 -3.18 -18.64
N LYS D 146 -22.28 -3.85 -17.97
CA LYS D 146 -21.39 -4.86 -18.58
C LYS D 146 -22.14 -5.89 -19.41
N GLU D 147 -23.13 -6.60 -18.83
CA GLU D 147 -23.82 -7.69 -19.54
C GLU D 147 -24.60 -7.20 -20.78
N VAL D 148 -25.12 -5.97 -20.78
CA VAL D 148 -25.79 -5.38 -21.94
C VAL D 148 -24.78 -5.09 -23.05
N VAL D 149 -23.68 -4.41 -22.73
CA VAL D 149 -22.67 -4.03 -23.72
C VAL D 149 -21.99 -5.27 -24.31
N LEU D 150 -21.67 -6.24 -23.46
CA LEU D 150 -21.12 -7.52 -23.86
C LEU D 150 -22.12 -8.33 -24.71
N THR D 151 -23.41 -8.28 -24.41
CA THR D 151 -24.45 -8.89 -25.26
C THR D 151 -24.60 -8.19 -26.60
N ILE D 152 -24.51 -6.86 -26.66
CA ILE D 152 -24.52 -6.11 -27.92
C ILE D 152 -23.30 -6.48 -28.78
N ILE D 153 -22.10 -6.56 -28.20
CA ILE D 153 -20.86 -6.91 -28.90
C ILE D 153 -20.90 -8.35 -29.43
N ARG D 154 -21.45 -9.30 -28.68
CA ARG D 154 -21.62 -10.70 -29.12
C ARG D 154 -22.75 -10.86 -30.15
N SER D 155 -23.73 -9.96 -30.21
CA SER D 155 -24.89 -10.05 -31.09
C SER D 155 -24.55 -9.92 -32.58
N LYS D 156 -25.39 -10.51 -33.43
CA LYS D 156 -25.31 -10.46 -34.90
C LYS D 156 -25.36 -9.04 -35.50
N ARG D 157 -25.74 -8.03 -34.71
CA ARG D 157 -25.98 -6.64 -35.16
C ARG D 157 -24.93 -5.62 -34.70
N TRP D 158 -23.84 -6.03 -34.06
CA TRP D 158 -22.79 -5.11 -33.56
C TRP D 158 -22.28 -4.13 -34.63
N ASP D 159 -22.06 -4.62 -35.85
CA ASP D 159 -21.60 -3.83 -37.00
C ASP D 159 -22.65 -2.83 -37.54
N GLU D 160 -23.90 -2.86 -37.08
CA GLU D 160 -24.85 -1.75 -37.23
C GLU D 160 -24.79 -0.82 -36.01
N CYS D 161 -24.69 -1.39 -34.80
CA CYS D 161 -24.71 -0.65 -33.54
C CYS D 161 -23.58 0.38 -33.41
N LEU D 162 -22.39 0.06 -33.89
CA LEU D 162 -21.21 0.94 -33.80
C LEU D 162 -21.31 2.20 -34.69
N LYS D 163 -21.95 2.12 -35.85
CA LYS D 163 -21.99 3.20 -36.86
C LYS D 163 -22.86 4.40 -36.47
N ILE D 164 -23.74 4.23 -35.48
CA ILE D 164 -24.87 5.13 -35.24
C ILE D 164 -24.57 6.06 -34.06
N PHE D 165 -24.04 7.24 -34.37
CA PHE D 165 -23.91 8.41 -33.48
C PHE D 165 -23.67 9.69 -34.31
N SER D 166 -23.82 10.86 -33.70
CA SER D 166 -23.53 12.16 -34.33
C SER D 166 -22.23 12.77 -33.81
N HIS D 167 -21.29 13.05 -34.71
CA HIS D 167 -19.93 13.55 -34.40
C HIS D 167 -19.94 14.88 -33.65
N ASN D 168 -20.99 15.67 -33.81
CA ASN D 168 -21.15 16.97 -33.15
C ASN D 168 -21.46 16.88 -31.65
N SER D 169 -21.78 15.71 -31.09
CA SER D 169 -22.07 15.58 -29.66
C SER D 169 -20.81 15.71 -28.79
N PRO D 170 -20.76 16.63 -27.80
CA PRO D 170 -19.66 16.70 -26.84
C PRO D 170 -19.74 15.59 -25.78
N GLY D 171 -20.92 15.02 -25.56
CA GLY D 171 -21.18 13.99 -24.52
C GLY D 171 -21.09 12.56 -25.03
N ASN D 172 -21.35 12.31 -26.31
CA ASN D 172 -21.42 10.97 -26.92
C ASN D 172 -20.42 10.85 -28.08
N LYS D 173 -19.19 10.40 -27.79
CA LYS D 173 -18.13 10.12 -28.78
C LYS D 173 -18.34 8.77 -29.49
N CYS D 174 -17.47 8.44 -30.44
CA CYS D 174 -17.42 7.11 -31.09
C CYS D 174 -17.39 6.03 -30.00
N PRO D 175 -18.32 5.05 -29.99
CA PRO D 175 -18.51 4.13 -28.87
C PRO D 175 -17.25 3.44 -28.40
N ILE D 176 -16.28 3.11 -29.25
CA ILE D 176 -15.02 2.50 -28.81
C ILE D 176 -14.30 3.41 -27.80
N THR D 177 -14.27 4.71 -28.06
CA THR D 177 -13.68 5.72 -27.15
C THR D 177 -14.58 6.04 -25.95
N GLU D 178 -15.79 5.48 -25.87
CA GLU D 178 -16.61 5.44 -24.64
C GLU D 178 -16.39 4.13 -23.87
N MET D 179 -16.28 2.97 -24.52
CA MET D 179 -15.90 1.70 -23.88
C MET D 179 -14.55 1.80 -23.18
N ILE D 180 -13.55 2.37 -23.84
CA ILE D 180 -12.21 2.54 -23.25
C ILE D 180 -12.27 3.46 -22.02
N GLU D 181 -13.19 4.42 -22.00
CA GLU D 181 -13.37 5.32 -20.88
C GLU D 181 -14.10 4.65 -19.71
N TYR D 182 -15.17 3.89 -19.97
CA TYR D 182 -16.08 3.34 -18.95
C TYR D 182 -15.96 1.84 -18.64
N LEU D 183 -15.78 0.98 -19.64
CA LEU D 183 -15.84 -0.48 -19.56
C LEU D 183 -14.67 -1.16 -20.30
N PRO D 184 -13.45 -1.13 -19.77
CA PRO D 184 -12.30 -1.67 -20.46
C PRO D 184 -12.34 -3.19 -20.61
N GLU D 185 -13.05 -3.92 -19.75
CA GLU D 185 -13.19 -5.37 -19.91
C GLU D 185 -14.10 -5.74 -21.09
N CYS D 186 -15.08 -4.91 -21.46
CA CYS D 186 -15.78 -5.05 -22.72
C CYS D 186 -14.86 -4.78 -23.92
N MET D 187 -13.94 -3.81 -23.82
CA MET D 187 -12.97 -3.54 -24.88
C MET D 187 -11.99 -4.69 -25.07
N LYS D 188 -11.53 -5.32 -23.99
CA LYS D 188 -10.79 -6.59 -24.03
C LYS D 188 -11.59 -7.68 -24.76
N VAL D 189 -12.86 -7.86 -24.40
CA VAL D 189 -13.76 -8.83 -25.05
C VAL D 189 -13.93 -8.52 -26.54
N LEU D 190 -14.02 -7.25 -26.93
CA LEU D 190 -14.10 -6.83 -28.33
C LEU D 190 -12.79 -7.10 -29.10
N LEU D 191 -11.63 -6.81 -28.51
CA LEU D 191 -10.34 -7.07 -29.14
C LEU D 191 -10.02 -8.57 -29.26
N ASP D 192 -10.57 -9.44 -28.42
CA ASP D 192 -10.39 -10.89 -28.59
C ASP D 192 -10.88 -11.38 -29.95
N PHE D 193 -11.99 -10.83 -30.49
CA PHE D 193 -12.46 -11.14 -31.85
C PHE D 193 -11.42 -10.79 -32.92
N CYS D 194 -10.58 -9.80 -32.67
CA CYS D 194 -9.58 -9.30 -33.61
C CYS D 194 -8.33 -10.17 -33.71
N MET D 195 -8.15 -11.15 -32.82
CA MET D 195 -7.10 -12.16 -32.92
C MET D 195 -7.65 -13.44 -33.57
N LEU D 196 -7.03 -13.89 -34.65
CA LEU D 196 -7.35 -15.15 -35.34
C LEU D 196 -6.15 -16.10 -35.32
N HIS D 197 -6.40 -17.40 -35.29
CA HIS D 197 -5.37 -18.44 -35.22
C HIS D 197 -5.57 -19.43 -36.37
N SER D 198 -4.51 -19.74 -37.12
CA SER D 198 -4.63 -20.44 -38.41
C SER D 198 -5.11 -21.89 -38.31
N THR D 199 -4.58 -22.67 -37.36
CA THR D 199 -4.75 -24.13 -37.36
C THR D 199 -4.73 -24.82 -35.98
N GLU D 200 -4.85 -24.06 -34.87
CA GLU D 200 -4.89 -24.60 -33.50
C GLU D 200 -3.73 -25.54 -33.12
N ASP D 201 -2.54 -25.31 -33.66
CA ASP D 201 -1.35 -26.16 -33.54
C ASP D 201 -0.09 -25.32 -33.37
N LYS D 202 0.02 -24.65 -32.23
CA LYS D 202 0.95 -23.52 -32.01
C LYS D 202 2.45 -23.84 -32.13
N SER D 203 2.84 -25.11 -32.07
CA SER D 203 4.23 -25.54 -32.26
C SER D 203 4.66 -25.70 -33.73
N CYS D 204 3.73 -25.76 -34.68
CA CYS D 204 4.02 -26.10 -36.08
C CYS D 204 4.68 -24.95 -36.85
N ARG D 205 5.56 -25.26 -37.81
CA ARG D 205 6.16 -24.25 -38.70
C ARG D 205 5.13 -23.58 -39.63
N ASP D 206 4.04 -24.28 -39.97
CA ASP D 206 2.90 -23.74 -40.72
C ASP D 206 1.93 -22.87 -39.90
N TYR D 207 2.15 -22.71 -38.58
CA TYR D 207 1.29 -21.90 -37.71
C TYR D 207 1.39 -20.41 -38.05
N TYR D 208 0.27 -19.70 -37.97
CA TYR D 208 0.26 -18.23 -37.91
C TYR D 208 -0.90 -17.71 -37.06
N ILE D 209 -0.76 -16.48 -36.57
CA ILE D 209 -1.79 -15.72 -35.88
C ILE D 209 -1.94 -14.35 -36.52
N GLU D 210 -3.15 -13.81 -36.54
CA GLU D 210 -3.51 -12.64 -37.36
C GLU D 210 -4.31 -11.63 -36.55
N TYR D 211 -3.99 -10.36 -36.77
CA TYR D 211 -4.56 -9.22 -36.05
C TYR D 211 -5.33 -8.32 -37.02
N ASN D 212 -6.59 -8.00 -36.72
CA ASN D 212 -7.38 -7.02 -37.47
C ASN D 212 -7.54 -5.73 -36.66
N PHE D 213 -7.26 -4.56 -37.25
CA PHE D 213 -7.21 -3.31 -36.50
C PHE D 213 -8.47 -2.43 -36.56
N LYS D 214 -9.60 -2.88 -37.12
CA LYS D 214 -10.72 -1.97 -37.47
C LYS D 214 -11.29 -1.11 -36.33
N TYR D 215 -11.18 -1.53 -35.07
CA TYR D 215 -11.64 -0.76 -33.90
C TYR D 215 -10.62 0.23 -33.33
N LEU D 216 -9.33 0.12 -33.67
CA LEU D 216 -8.27 0.92 -33.01
C LEU D 216 -8.16 2.36 -33.56
N GLN D 217 -8.79 2.66 -34.69
CA GLN D 217 -8.82 4.00 -35.27
C GLN D 217 -10.15 4.26 -35.95
N CYS D 218 -10.60 5.53 -35.99
CA CYS D 218 -11.85 5.96 -36.61
C CYS D 218 -13.07 5.13 -36.19
N LEU D 236 -4.34 8.13 -33.90
CA LEU D 236 -4.48 6.91 -33.11
C LEU D 236 -5.62 7.04 -32.08
N THR D 237 -6.86 7.18 -32.53
CA THR D 237 -7.98 7.62 -31.67
C THR D 237 -8.28 6.69 -30.49
N ALA D 238 -8.23 5.37 -30.67
CA ALA D 238 -8.46 4.45 -29.56
C ALA D 238 -7.31 4.48 -28.56
N LEU D 239 -6.06 4.42 -29.02
CA LEU D 239 -4.91 4.39 -28.12
C LEU D 239 -4.73 5.70 -27.35
N ASN D 240 -5.01 6.85 -27.94
CA ASN D 240 -5.02 8.10 -27.16
C ASN D 240 -6.08 8.04 -26.05
N ALA D 241 -7.27 7.51 -26.33
CA ALA D 241 -8.28 7.33 -25.29
C ALA D 241 -7.83 6.32 -24.22
N MET D 242 -7.07 5.29 -24.59
CA MET D 242 -6.54 4.34 -23.61
C MET D 242 -5.48 4.98 -22.72
N VAL D 243 -4.57 5.78 -23.27
CA VAL D 243 -3.54 6.50 -22.49
C VAL D 243 -4.18 7.54 -21.57
N GLN D 244 -5.11 8.35 -22.07
CA GLN D 244 -5.79 9.38 -21.30
C GLN D 244 -6.64 8.81 -20.15
N ASN D 245 -7.05 7.54 -20.25
CA ASN D 245 -7.75 6.78 -19.22
C ASN D 245 -6.88 5.70 -18.53
N ASN D 246 -5.55 5.75 -18.71
CA ASN D 246 -4.58 4.90 -18.01
C ASN D 246 -4.80 3.38 -18.18
N ARG D 247 -5.35 2.93 -19.32
CA ARG D 247 -5.71 1.53 -19.59
C ARG D 247 -4.52 0.63 -19.94
N ILE D 248 -3.54 0.55 -19.04
CA ILE D 248 -2.31 -0.23 -19.22
C ILE D 248 -2.57 -1.69 -19.62
N GLU D 249 -3.64 -2.33 -19.13
CA GLU D 249 -3.94 -3.74 -19.44
C GLU D 249 -4.57 -3.93 -20.83
N LEU D 250 -5.02 -2.86 -21.49
CA LEU D 250 -5.39 -2.86 -22.90
C LEU D 250 -4.17 -2.57 -23.78
N LEU D 251 -3.29 -1.68 -23.34
CA LEU D 251 -2.07 -1.37 -24.07
C LEU D 251 -1.07 -2.55 -24.07
N ASN D 252 -1.13 -3.44 -23.07
CA ASN D 252 -0.44 -4.72 -23.06
C ASN D 252 -1.20 -5.84 -23.78
N HIS D 253 -2.40 -5.61 -24.32
CA HIS D 253 -3.12 -6.62 -25.09
C HIS D 253 -2.45 -6.84 -26.45
N PRO D 254 -2.22 -8.07 -26.91
CA PRO D 254 -1.47 -8.33 -28.14
C PRO D 254 -1.92 -7.54 -29.36
N VAL D 255 -3.21 -7.26 -29.53
CA VAL D 255 -3.72 -6.44 -30.65
C VAL D 255 -3.19 -5.01 -30.60
N CYS D 256 -3.06 -4.42 -29.42
CA CYS D 256 -2.48 -3.08 -29.26
C CYS D 256 -0.96 -3.08 -29.45
N LYS D 257 -0.25 -4.09 -28.94
CA LYS D 257 1.20 -4.22 -29.20
C LYS D 257 1.48 -4.38 -30.68
N GLU D 258 0.74 -5.24 -31.37
CA GLU D 258 0.86 -5.39 -32.83
C GLU D 258 0.42 -4.16 -33.60
N TYR D 259 -0.61 -3.42 -33.16
CA TYR D 259 -1.00 -2.18 -33.80
C TYR D 259 0.11 -1.11 -33.73
N LEU D 260 0.73 -0.91 -32.57
CA LEU D 260 1.86 0.01 -32.44
C LEU D 260 3.10 -0.47 -33.19
N LEU D 261 3.47 -1.74 -33.07
CA LEU D 261 4.62 -2.30 -33.79
C LEU D 261 4.42 -2.17 -35.30
N MET D 262 3.21 -2.42 -35.79
CA MET D 262 2.86 -2.20 -37.18
C MET D 262 3.02 -0.72 -37.56
N LYS D 263 2.51 0.22 -36.77
CA LYS D 263 2.57 1.66 -37.06
C LYS D 263 4.03 2.16 -37.09
N TRP D 264 4.87 1.64 -36.19
CA TRP D 264 6.31 1.91 -36.15
C TRP D 264 7.04 1.33 -37.36
N LEU D 265 6.88 0.05 -37.70
CA LEU D 265 7.45 -0.53 -38.92
C LEU D 265 6.94 0.16 -40.19
N ALA D 266 5.69 0.60 -40.22
CA ALA D 266 5.07 1.15 -41.41
C ALA D 266 5.60 2.53 -41.78
N TYR D 267 5.70 3.46 -40.82
CA TYR D 267 6.31 4.78 -41.06
C TYR D 267 7.05 5.38 -39.86
N GLY D 268 6.70 5.03 -38.62
CA GLY D 268 7.28 5.69 -37.45
C GLY D 268 8.81 5.56 -37.37
N PHE D 269 9.34 4.37 -37.66
CA PHE D 269 10.78 4.15 -37.77
C PHE D 269 11.40 4.94 -38.92
N ARG D 270 10.81 4.93 -40.11
CA ARG D 270 11.38 5.64 -41.27
C ARG D 270 11.48 7.13 -41.01
N ALA D 271 10.42 7.75 -40.52
CA ALA D 271 10.39 9.18 -40.22
C ALA D 271 11.28 9.54 -39.02
N HIS D 272 11.50 8.63 -38.07
CA HIS D 272 12.46 8.86 -37.00
C HIS D 272 13.90 8.81 -37.51
N MET D 273 14.28 7.76 -38.24
CA MET D 273 15.64 7.61 -38.77
C MET D 273 15.98 8.67 -39.81
N MET D 274 15.02 9.24 -40.53
CA MET D 274 15.24 10.43 -41.35
C MET D 274 15.66 11.62 -40.50
N ASN D 275 15.00 11.84 -39.36
CA ASN D 275 15.30 12.95 -38.46
C ASN D 275 16.64 12.76 -37.73
N LEU D 276 16.85 11.60 -37.11
CA LEU D 276 18.10 11.23 -36.45
C LEU D 276 19.26 11.19 -37.42
N GLY D 277 19.09 10.65 -38.63
CA GLY D 277 20.14 10.59 -39.65
C GLY D 277 20.63 11.97 -40.08
N SER D 278 19.73 12.96 -40.20
CA SER D 278 20.14 14.34 -40.52
C SER D 278 21.03 14.97 -39.45
N TYR D 279 20.92 14.52 -38.20
CA TYR D 279 21.76 14.92 -37.07
C TYR D 279 23.03 14.05 -36.98
N CYS D 280 22.89 12.74 -37.13
CA CYS D 280 23.99 11.79 -37.05
C CYS D 280 25.07 12.09 -38.12
N LEU D 281 24.64 12.59 -39.28
CA LEU D 281 25.47 13.07 -40.39
C LEU D 281 26.30 14.32 -40.05
N GLY D 282 26.06 14.96 -38.92
CA GLY D 282 26.96 15.95 -38.30
C GLY D 282 27.71 15.40 -37.09
N LEU D 283 27.03 14.66 -36.21
CA LEU D 283 27.57 14.07 -35.00
C LEU D 283 28.83 13.25 -35.24
N ILE D 284 28.80 12.33 -36.19
CA ILE D 284 29.90 11.40 -36.44
C ILE D 284 31.09 12.11 -37.10
N PRO D 285 30.95 12.79 -38.25
CA PRO D 285 32.04 13.55 -38.86
C PRO D 285 32.74 14.53 -37.92
N MET D 286 32.04 15.21 -37.01
CA MET D 286 32.75 16.07 -36.05
C MET D 286 33.67 15.27 -35.12
N THR D 287 33.28 14.11 -34.60
CA THR D 287 34.23 13.31 -33.80
C THR D 287 35.39 12.77 -34.63
N ILE D 288 35.16 12.41 -35.88
CA ILE D 288 36.23 11.93 -36.78
C ILE D 288 37.24 13.06 -37.01
N LEU D 289 36.75 14.30 -37.14
CA LEU D 289 37.52 15.52 -37.29
C LEU D 289 38.27 15.90 -36.00
N VAL D 290 37.80 15.50 -34.81
CA VAL D 290 38.55 15.57 -33.56
C VAL D 290 39.69 14.56 -33.56
N VAL D 291 39.38 13.26 -33.56
CA VAL D 291 40.37 12.26 -33.15
C VAL D 291 41.50 12.04 -34.16
N ASN D 292 41.35 12.52 -35.41
CA ASN D 292 42.41 12.50 -36.42
C ASN D 292 43.30 13.76 -36.45
N ILE D 293 43.09 14.74 -35.55
CA ILE D 293 43.87 15.98 -35.45
C ILE D 293 44.29 16.19 -33.99
N LYS D 294 45.55 16.53 -33.69
CA LYS D 294 45.95 16.82 -32.30
C LYS D 294 45.29 18.12 -31.82
N PRO D 295 44.51 18.12 -30.73
CA PRO D 295 43.84 19.32 -30.22
C PRO D 295 44.79 20.49 -29.97
N GLY D 296 44.42 21.67 -30.44
CA GLY D 296 45.24 22.89 -30.38
C GLY D 296 46.02 23.18 -31.67
N MET D 297 46.20 22.23 -32.59
CA MET D 297 46.74 22.52 -33.92
C MET D 297 45.70 23.23 -34.79
N ALA D 298 46.07 24.31 -35.48
CA ALA D 298 45.20 24.89 -36.51
C ALA D 298 45.03 23.92 -37.69
N PHE D 299 43.88 23.95 -38.35
CA PHE D 299 43.67 23.12 -39.54
C PHE D 299 42.76 23.78 -40.58
N ASN D 300 42.91 23.34 -41.83
CA ASN D 300 42.22 23.79 -43.03
C ASN D 300 41.85 22.57 -43.86
N SER D 301 41.04 22.71 -44.91
CA SER D 301 40.74 21.59 -45.82
C SER D 301 42.00 20.98 -46.45
N THR D 302 43.08 21.73 -46.62
CA THR D 302 44.36 21.22 -47.13
C THR D 302 45.12 20.31 -46.16
N GLY D 303 44.73 20.25 -44.88
CA GLY D 303 45.36 19.40 -43.87
C GLY D 303 45.62 20.09 -42.52
N ILE D 304 46.61 19.60 -41.78
CA ILE D 304 46.91 20.03 -40.42
C ILE D 304 48.19 20.88 -40.43
N ILE D 305 48.17 22.06 -39.82
CA ILE D 305 49.37 22.88 -39.60
C ILE D 305 50.12 22.31 -38.39
N ASN D 306 51.42 22.05 -38.50
CA ASN D 306 52.21 21.36 -37.47
C ASN D 306 52.55 22.26 -36.27
N ILE D 314 54.98 24.91 -41.30
CA ILE D 314 54.83 23.56 -41.84
C ILE D 314 53.37 23.11 -41.74
N LEU D 315 52.84 22.46 -42.78
CA LEU D 315 51.56 21.74 -42.78
C LEU D 315 51.66 20.48 -43.63
N ASP D 316 50.87 19.45 -43.34
CA ASP D 316 50.97 18.15 -44.02
C ASP D 316 49.62 17.45 -44.27
N THR D 317 49.64 16.56 -45.27
CA THR D 317 48.46 16.14 -46.07
C THR D 317 47.92 14.76 -45.72
N THR D 318 48.44 14.10 -44.68
CA THR D 318 48.25 12.66 -44.40
C THR D 318 46.81 12.22 -44.19
N ASN D 319 45.91 13.12 -43.79
CA ASN D 319 44.47 12.88 -43.64
C ASN D 319 43.62 13.79 -44.54
N SER D 320 44.17 14.37 -45.60
CA SER D 320 43.57 15.50 -46.32
C SER D 320 42.14 15.24 -46.81
N TYR D 321 41.87 14.13 -47.51
CA TYR D 321 40.52 13.86 -48.00
C TYR D 321 39.50 13.61 -46.88
N LEU D 322 39.93 12.99 -45.78
CA LEU D 322 39.09 12.80 -44.60
C LEU D 322 38.76 14.13 -43.91
N ILE D 323 39.74 15.02 -43.73
CA ILE D 323 39.52 16.33 -43.08
C ILE D 323 38.65 17.23 -43.95
N LYS D 324 38.91 17.31 -45.26
CA LYS D 324 38.10 18.09 -46.21
C LYS D 324 36.65 17.63 -46.24
N THR D 325 36.40 16.33 -46.33
CA THR D 325 35.02 15.80 -46.36
C THR D 325 34.31 15.95 -45.01
N CYS D 326 34.98 15.75 -43.87
CA CYS D 326 34.36 16.01 -42.57
C CYS D 326 34.06 17.49 -42.33
N MET D 327 34.95 18.40 -42.73
CA MET D 327 34.74 19.85 -42.68
C MET D 327 33.47 20.24 -43.46
N ILE D 328 33.31 19.76 -44.69
CA ILE D 328 32.15 20.08 -45.52
C ILE D 328 30.87 19.49 -44.92
N LEU D 329 30.86 18.22 -44.49
CA LEU D 329 29.70 17.59 -43.86
C LEU D 329 29.26 18.30 -42.56
N VAL D 330 30.18 18.68 -41.69
CA VAL D 330 29.82 19.45 -40.47
C VAL D 330 29.28 20.83 -40.82
N PHE D 331 29.85 21.51 -41.82
CA PHE D 331 29.36 22.80 -42.26
C PHE D 331 27.92 22.70 -42.81
N LEU D 332 27.66 21.76 -43.74
CA LEU D 332 26.34 21.49 -44.28
C LEU D 332 25.34 21.14 -43.17
N SER D 333 25.69 20.22 -42.27
CA SER D 333 24.82 19.83 -41.15
C SER D 333 24.46 21.03 -40.26
N SER D 334 25.36 22.01 -40.12
CA SER D 334 25.11 23.23 -39.35
C SER D 334 24.24 24.25 -40.09
N ILE D 335 24.44 24.50 -41.39
CA ILE D 335 23.56 25.43 -42.12
C ILE D 335 22.16 24.87 -42.35
N PHE D 336 22.01 23.56 -42.56
CA PHE D 336 20.71 22.91 -42.55
C PHE D 336 20.12 22.86 -41.14
N GLY D 337 20.96 22.70 -40.12
CA GLY D 337 20.55 22.70 -38.71
C GLY D 337 19.81 23.97 -38.30
N TYR D 338 20.32 25.15 -38.65
CA TYR D 338 19.62 26.43 -38.44
C TYR D 338 18.24 26.46 -39.09
N CYS D 339 18.08 25.85 -40.27
CA CYS D 339 16.84 25.89 -41.02
C CYS D 339 15.76 24.98 -40.42
N LYS D 340 16.13 23.77 -39.98
CA LYS D 340 15.20 22.89 -39.25
C LYS D 340 14.79 23.53 -37.91
N GLU D 341 15.72 24.19 -37.24
CA GLU D 341 15.43 25.17 -36.18
C GLU D 341 14.93 26.49 -36.76
N ILE D 356 14.82 22.11 -23.12
CA ILE D 356 16.06 22.82 -23.46
C ILE D 356 16.59 22.43 -24.86
N SER D 357 15.98 21.44 -25.51
CA SER D 357 16.40 20.90 -26.81
C SER D 357 16.56 22.01 -27.86
N ASN D 358 15.60 22.94 -27.94
CA ASN D 358 15.65 24.09 -28.84
C ASN D 358 16.86 25.01 -28.60
N VAL D 359 17.41 25.07 -27.38
CA VAL D 359 18.57 25.89 -27.01
C VAL D 359 19.89 25.20 -27.33
N LEU D 360 20.01 23.90 -27.06
CA LEU D 360 21.21 23.13 -27.36
C LEU D 360 21.51 23.11 -28.86
N GLU D 361 20.48 23.05 -29.71
CA GLU D 361 20.65 23.11 -31.16
C GLU D 361 21.23 24.46 -31.62
N TRP D 362 20.94 25.59 -30.96
CA TRP D 362 21.64 26.85 -31.24
C TRP D 362 23.10 26.82 -30.77
N ILE D 363 23.38 26.27 -29.59
CA ILE D 363 24.76 26.19 -29.06
C ILE D 363 25.63 25.30 -29.96
N ILE D 364 25.09 24.20 -30.46
CA ILE D 364 25.78 23.35 -31.44
C ILE D 364 26.01 24.11 -32.74
N TYR D 365 24.97 24.58 -33.44
CA TYR D 365 25.15 25.09 -34.79
C TYR D 365 25.89 26.43 -34.85
N THR D 366 25.74 27.31 -33.86
CA THR D 366 26.55 28.55 -33.80
C THR D 366 28.02 28.31 -33.48
N THR D 367 28.40 27.10 -33.03
CA THR D 367 29.76 26.78 -32.57
C THR D 367 30.47 25.74 -33.43
N GLY D 368 29.75 24.74 -33.92
CA GLY D 368 30.25 23.80 -34.92
C GLY D 368 30.60 24.48 -36.24
N ILE D 369 29.96 25.60 -36.57
CA ILE D 369 30.44 26.50 -37.63
C ILE D 369 31.81 27.06 -37.27
N ILE D 370 32.03 27.65 -36.08
CA ILE D 370 33.31 28.29 -35.76
C ILE D 370 34.47 27.29 -35.75
N PHE D 371 34.24 26.05 -35.31
CA PHE D 371 35.23 24.95 -35.38
C PHE D 371 35.68 24.60 -36.81
N VAL D 372 34.90 25.00 -37.82
CA VAL D 372 35.05 24.61 -39.22
C VAL D 372 35.21 25.82 -40.15
N LEU D 373 34.97 27.06 -39.69
CA LEU D 373 35.15 28.29 -40.48
C LEU D 373 36.49 28.37 -41.23
N PRO D 374 37.62 27.85 -40.72
CA PRO D 374 38.86 27.65 -41.49
C PRO D 374 38.75 26.85 -42.81
N LEU D 375 37.58 26.36 -43.18
CA LEU D 375 37.24 25.94 -44.55
C LEU D 375 37.25 27.13 -45.55
N PHE D 376 37.01 28.34 -45.05
CA PHE D 376 36.90 29.59 -45.82
C PHE D 376 37.71 30.75 -45.21
N VAL D 377 37.66 30.93 -43.89
CA VAL D 377 38.21 32.08 -43.15
C VAL D 377 39.23 31.61 -42.11
N GLU D 378 40.48 32.04 -42.20
CA GLU D 378 41.51 31.67 -41.21
C GLU D 378 41.21 32.31 -39.83
N ILE D 379 41.20 31.51 -38.77
CA ILE D 379 40.84 31.87 -37.39
C ILE D 379 41.92 31.37 -36.41
N PRO D 380 42.22 32.10 -35.31
CA PRO D 380 43.15 31.67 -34.28
C PRO D 380 42.87 30.26 -33.77
N ALA D 381 43.91 29.43 -33.68
CA ALA D 381 43.78 28.03 -33.27
C ALA D 381 43.08 27.89 -31.91
N HIS D 382 43.34 28.82 -30.99
CA HIS D 382 42.73 28.87 -29.68
C HIS D 382 41.20 29.01 -29.77
N LEU D 383 40.67 29.90 -30.61
CA LEU D 383 39.23 30.05 -30.81
C LEU D 383 38.64 28.85 -31.54
N GLN D 384 39.37 28.28 -32.50
CA GLN D 384 38.88 27.08 -33.20
C GLN D 384 38.65 25.94 -32.21
N TRP D 385 39.63 25.58 -31.38
CA TRP D 385 39.47 24.49 -30.43
C TRP D 385 38.66 24.85 -29.18
N GLN D 386 38.64 26.11 -28.73
CA GLN D 386 37.73 26.51 -27.65
C GLN D 386 36.27 26.37 -28.10
N CYS D 387 35.97 26.62 -29.37
CA CYS D 387 34.67 26.29 -29.96
C CYS D 387 34.50 24.77 -30.15
N GLY D 388 35.52 24.07 -30.64
CA GLY D 388 35.46 22.61 -30.78
C GLY D 388 35.12 21.88 -29.49
N ALA D 389 35.73 22.27 -28.35
CA ALA D 389 35.46 21.67 -27.05
C ALA D 389 34.01 21.87 -26.56
N ILE D 390 33.32 22.91 -27.03
CA ILE D 390 31.90 23.17 -26.77
C ILE D 390 31.02 22.42 -27.76
N ALA D 391 31.33 22.46 -29.05
CA ALA D 391 30.55 21.80 -30.09
C ALA D 391 30.57 20.28 -29.93
N VAL D 392 31.76 19.70 -29.72
CA VAL D 392 31.94 18.25 -29.53
C VAL D 392 31.22 17.75 -28.30
N TYR D 393 31.20 18.53 -27.23
CA TYR D 393 30.44 18.22 -26.03
C TYR D 393 28.93 18.25 -26.30
N PHE D 394 28.38 19.37 -26.77
CA PHE D 394 26.94 19.49 -26.92
C PHE D 394 26.35 18.60 -28.02
N TYR D 395 27.06 18.27 -29.11
CA TYR D 395 26.63 17.19 -30.00
C TYR D 395 26.28 15.87 -29.31
N TRP D 396 27.07 15.41 -28.34
CA TRP D 396 26.77 14.17 -27.64
C TRP D 396 25.78 14.35 -26.49
N MET D 397 25.83 15.44 -25.71
CA MET D 397 24.81 15.70 -24.69
C MET D 397 23.41 15.72 -25.30
N ASN D 398 23.24 16.40 -26.43
CA ASN D 398 21.99 16.50 -27.16
C ASN D 398 21.67 15.24 -27.98
N PHE D 399 22.60 14.30 -28.14
CA PHE D 399 22.27 13.03 -28.80
C PHE D 399 21.37 12.17 -27.92
N LEU D 400 21.48 12.25 -26.59
CA LEU D 400 20.53 11.61 -25.67
C LEU D 400 19.09 11.99 -26.01
N LEU D 401 18.83 13.26 -26.28
CA LEU D 401 17.48 13.76 -26.55
C LEU D 401 16.90 13.27 -27.89
N TYR D 402 17.72 12.72 -28.80
CA TYR D 402 17.22 11.94 -29.94
C TYR D 402 16.91 10.48 -29.59
N LEU D 403 17.42 9.93 -28.49
CA LEU D 403 17.09 8.57 -28.05
C LEU D 403 15.73 8.45 -27.38
N GLN D 404 15.11 9.54 -26.92
CA GLN D 404 13.76 9.51 -26.34
C GLN D 404 12.69 8.91 -27.27
N ARG D 405 12.94 8.91 -28.57
CA ARG D 405 12.03 8.40 -29.60
C ARG D 405 12.13 6.87 -29.77
N PHE D 406 13.12 6.21 -29.19
CA PHE D 406 13.17 4.75 -29.12
C PHE D 406 12.38 4.20 -27.92
N GLU D 407 11.90 2.96 -28.01
CA GLU D 407 11.08 2.34 -26.96
C GLU D 407 11.84 2.14 -25.63
N ASN D 408 13.01 1.48 -25.68
CA ASN D 408 13.73 1.01 -24.49
C ASN D 408 14.69 2.03 -23.85
N CYS D 409 15.02 3.11 -24.57
CA CYS D 409 15.89 4.19 -24.10
C CYS D 409 15.13 5.30 -23.35
N GLY D 410 13.92 5.65 -23.78
CA GLY D 410 13.27 6.88 -23.35
C GLY D 410 13.03 6.97 -21.86
N ILE D 411 12.64 5.88 -21.21
CA ILE D 411 12.34 5.89 -19.78
C ILE D 411 13.56 6.25 -18.92
N PHE D 412 14.78 5.92 -19.33
CA PHE D 412 15.99 6.33 -18.62
C PHE D 412 16.26 7.82 -18.75
N ILE D 413 15.78 8.46 -19.80
CA ILE D 413 15.88 9.91 -19.98
C ILE D 413 14.75 10.64 -19.24
N VAL D 414 13.57 10.03 -19.10
CA VAL D 414 12.58 10.52 -18.13
C VAL D 414 13.19 10.49 -16.73
N MET D 415 13.79 9.38 -16.31
CA MET D 415 14.44 9.28 -15.01
C MET D 415 15.60 10.26 -14.85
N LEU D 416 16.34 10.60 -15.92
CA LEU D 416 17.39 11.61 -15.90
C LEU D 416 16.84 13.02 -15.73
N GLU D 417 15.86 13.43 -16.51
CA GLU D 417 15.39 14.82 -16.42
C GLU D 417 14.45 15.06 -15.23
N VAL D 418 13.85 14.02 -14.65
CA VAL D 418 13.17 14.09 -13.35
C VAL D 418 14.13 14.35 -12.20
N ILE D 419 15.27 13.63 -12.10
CA ILE D 419 16.25 13.91 -11.05
C ILE D 419 17.00 15.22 -11.30
N LEU D 420 17.32 15.55 -12.56
CA LEU D 420 18.04 16.79 -12.86
C LEU D 420 17.22 18.02 -12.46
N LYS D 421 15.92 18.06 -12.79
CA LYS D 421 15.02 19.14 -12.36
C LYS D 421 14.87 19.17 -10.84
N THR D 422 14.81 18.01 -10.19
CA THR D 422 14.73 17.96 -8.72
C THR D 422 15.98 18.54 -8.07
N LEU D 423 17.16 18.23 -8.58
CA LEU D 423 18.43 18.76 -8.09
C LEU D 423 18.55 20.26 -8.35
N LEU D 424 18.03 20.75 -9.47
CA LEU D 424 17.97 22.18 -9.78
C LEU D 424 17.09 22.94 -8.78
N ARG D 425 15.89 22.48 -8.47
CA ARG D 425 15.02 23.09 -7.44
C ARG D 425 15.69 23.11 -6.08
N SER D 426 16.52 22.12 -5.78
CA SER D 426 17.31 22.04 -4.55
C SER D 426 18.49 23.04 -4.48
N THR D 427 19.13 23.41 -5.60
CA THR D 427 20.17 24.48 -5.57
C THR D 427 19.63 25.84 -5.14
N VAL D 428 18.39 26.17 -5.48
CA VAL D 428 17.79 27.45 -5.12
C VAL D 428 17.77 27.64 -3.60
N VAL D 429 17.82 26.55 -2.84
CA VAL D 429 18.10 26.57 -1.41
C VAL D 429 19.60 26.42 -1.13
N PHE D 430 20.20 25.29 -1.49
CA PHE D 430 21.50 24.91 -0.92
C PHE D 430 22.74 25.58 -1.53
N ILE D 431 22.64 26.46 -2.53
CA ILE D 431 23.78 27.30 -2.93
C ILE D 431 24.27 28.14 -1.76
N PHE D 432 23.38 28.64 -0.92
CA PHE D 432 23.79 29.40 0.28
C PHE D 432 24.47 28.53 1.33
N LEU D 433 24.20 27.23 1.35
CA LEU D 433 24.93 26.28 2.18
C LEU D 433 26.35 26.06 1.66
N LEU D 434 26.57 26.07 0.33
CA LEU D 434 27.92 26.06 -0.25
C LEU D 434 28.64 27.36 0.05
N LEU D 435 28.00 28.50 -0.18
CA LEU D 435 28.65 29.80 -0.09
C LEU D 435 29.15 30.11 1.33
N ALA D 436 28.45 29.61 2.35
CA ALA D 436 28.88 29.64 3.73
C ALA D 436 30.25 28.97 3.92
N PHE D 437 30.43 27.75 3.42
CA PHE D 437 31.72 27.07 3.48
C PHE D 437 32.76 27.71 2.55
N GLY D 438 32.39 28.11 1.35
CA GLY D 438 33.32 28.71 0.39
C GLY D 438 33.96 29.99 0.91
N LEU D 439 33.17 30.88 1.51
CA LEU D 439 33.69 32.10 2.14
C LEU D 439 34.35 31.78 3.49
N SER D 440 33.88 30.80 4.28
CA SER D 440 34.53 30.48 5.54
C SER D 440 35.91 29.85 5.36
N PHE D 441 36.08 28.90 4.43
CA PHE D 441 37.38 28.34 4.10
C PHE D 441 38.29 29.35 3.41
N TYR D 442 37.76 30.35 2.70
CA TYR D 442 38.58 31.45 2.20
C TYR D 442 39.27 32.21 3.34
N ILE D 443 38.61 32.43 4.49
CA ILE D 443 39.24 33.06 5.66
C ILE D 443 40.24 32.12 6.32
N LEU D 444 39.80 30.90 6.65
CA LEU D 444 40.52 29.95 7.50
C LEU D 444 41.75 29.30 6.86
N LEU D 445 41.76 29.13 5.53
CA LEU D 445 42.81 28.41 4.80
C LEU D 445 43.55 29.29 3.78
N ASN D 446 43.48 30.62 3.91
CA ASN D 446 43.94 31.57 2.89
C ASN D 446 45.40 31.40 2.45
N LEU D 447 46.28 30.91 3.34
CA LEU D 447 47.69 30.71 3.04
C LEU D 447 47.98 29.53 2.08
N GLN D 448 46.98 28.78 1.62
CA GLN D 448 47.17 27.59 0.79
C GLN D 448 46.75 27.83 -0.67
N ASP D 449 47.52 27.31 -1.63
CA ASP D 449 47.20 27.40 -3.06
C ASP D 449 45.72 27.12 -3.41
N PRO D 450 45.08 26.02 -2.98
CA PRO D 450 43.73 25.65 -3.42
C PRO D 450 42.62 26.60 -2.99
N PHE D 451 42.87 27.47 -2.01
CA PHE D 451 41.91 28.43 -1.47
C PHE D 451 42.38 29.88 -1.65
N SER D 452 43.35 30.14 -2.53
CA SER D 452 44.02 31.44 -2.68
C SER D 452 43.14 32.66 -2.98
N SER D 453 41.94 32.45 -3.52
CA SER D 453 41.01 33.48 -3.98
C SER D 453 39.58 33.03 -3.69
N PRO D 454 38.60 33.92 -3.50
CA PRO D 454 37.27 33.49 -3.10
C PRO D 454 36.62 32.59 -4.15
N LEU D 455 36.82 32.85 -5.44
CA LEU D 455 36.31 31.98 -6.50
C LEU D 455 36.94 30.57 -6.47
N LEU D 456 38.26 30.45 -6.37
CA LEU D 456 38.93 29.14 -6.23
C LEU D 456 38.51 28.42 -4.94
N SER D 457 38.22 29.16 -3.87
CA SER D 457 37.76 28.62 -2.61
C SER D 457 36.35 28.03 -2.72
N ILE D 458 35.46 28.69 -3.45
CA ILE D 458 34.12 28.16 -3.70
C ILE D 458 34.19 27.00 -4.70
N ILE D 459 35.06 27.01 -5.72
CA ILE D 459 35.26 25.85 -6.62
C ILE D 459 35.77 24.65 -5.86
N GLN D 460 36.75 24.83 -4.97
CA GLN D 460 37.28 23.74 -4.17
C GLN D 460 36.23 23.22 -3.19
N THR D 461 35.49 24.07 -2.48
CA THR D 461 34.44 23.61 -1.55
C THR D 461 33.22 23.03 -2.24
N PHE D 462 32.98 23.34 -3.51
CA PHE D 462 32.13 22.54 -4.36
C PHE D 462 32.79 21.19 -4.63
N SER D 463 34.04 21.12 -5.08
CA SER D 463 34.67 19.85 -5.44
C SER D 463 34.89 18.89 -4.25
N MET D 464 34.98 19.39 -3.01
CA MET D 464 35.05 18.58 -1.79
C MET D 464 33.75 17.83 -1.48
N MET D 465 32.62 18.31 -1.97
CA MET D 465 31.26 17.80 -1.74
C MET D 465 31.11 16.29 -1.83
N LEU D 466 31.76 15.66 -2.79
CA LEU D 466 31.61 14.23 -3.05
C LEU D 466 32.16 13.36 -1.94
N GLY D 467 32.94 13.93 -1.01
CA GLY D 467 33.66 13.20 0.02
C GLY D 467 35.08 12.79 -0.39
N ASP D 468 35.81 13.69 -1.05
CA ASP D 468 37.28 13.68 -1.04
C ASP D 468 37.77 15.08 -0.69
N ILE D 469 38.00 15.27 0.59
CA ILE D 469 38.30 16.56 1.22
C ILE D 469 39.78 16.97 1.05
N ASN D 470 40.64 16.03 0.65
CA ASN D 470 42.10 16.17 0.73
C ASN D 470 42.53 16.57 2.16
N TYR D 471 41.97 15.89 3.16
CA TYR D 471 42.13 16.22 4.58
C TYR D 471 43.59 16.30 5.03
N ARG D 472 44.38 15.24 4.89
CA ARG D 472 45.78 15.27 5.35
C ARG D 472 46.55 16.35 4.63
N GLU D 473 46.29 16.52 3.36
CA GLU D 473 47.03 17.37 2.44
C GLU D 473 46.74 18.86 2.58
N SER D 474 45.73 19.27 3.37
CA SER D 474 45.35 20.69 3.57
C SER D 474 44.80 21.07 4.95
N PHE D 475 44.57 20.13 5.87
CA PHE D 475 44.32 20.43 7.28
C PHE D 475 45.46 19.89 8.14
N LEU D 476 45.72 18.59 8.14
CA LEU D 476 46.67 18.02 9.09
C LEU D 476 48.12 18.31 8.77
N GLU D 477 48.58 18.13 7.52
CA GLU D 477 49.98 18.44 7.20
C GLU D 477 50.31 19.93 7.46
N PRO D 478 49.45 20.89 7.10
CA PRO D 478 49.56 22.28 7.57
C PRO D 478 49.55 22.44 9.08
N TYR D 479 48.70 21.75 9.82
CA TYR D 479 48.63 21.87 11.27
C TYR D 479 49.94 21.47 11.94
N LEU D 480 50.52 20.34 11.56
CA LEU D 480 51.81 19.85 12.07
C LEU D 480 53.02 20.66 11.59
N ARG D 481 52.80 21.74 10.83
CA ARG D 481 53.81 22.74 10.44
C ARG D 481 53.41 24.18 10.84
N ASN D 482 52.34 24.34 11.63
CA ASN D 482 51.77 25.62 12.04
C ASN D 482 51.32 26.53 10.87
N GLU D 483 51.07 25.98 9.68
CA GLU D 483 50.62 26.73 8.50
C GLU D 483 49.11 27.06 8.54
N LEU D 484 48.32 26.42 9.41
CA LEU D 484 46.97 26.87 9.74
C LEU D 484 47.06 28.13 10.62
N ALA D 485 46.42 29.22 10.22
CA ALA D 485 46.38 30.44 11.03
C ALA D 485 45.39 30.37 12.20
N HIS D 486 44.31 29.59 12.05
CA HIS D 486 43.20 29.47 13.01
C HIS D 486 42.91 28.00 13.34
N PRO D 487 43.83 27.28 14.01
CA PRO D 487 43.80 25.83 14.02
C PRO D 487 42.53 25.25 14.65
N VAL D 488 42.15 25.67 15.85
CA VAL D 488 40.97 25.12 16.55
C VAL D 488 39.70 25.30 15.71
N LEU D 489 39.50 26.49 15.16
CA LEU D 489 38.35 26.83 14.33
C LEU D 489 38.38 26.14 12.95
N SER D 490 39.56 25.92 12.39
CA SER D 490 39.75 25.26 11.10
C SER D 490 39.33 23.79 11.13
N PHE D 491 39.76 23.02 12.14
CA PHE D 491 39.21 21.68 12.34
C PHE D 491 37.71 21.70 12.70
N ALA D 492 37.25 22.69 13.47
CA ALA D 492 35.83 22.84 13.76
C ALA D 492 34.98 23.18 12.52
N GLN D 493 35.59 23.65 11.43
CA GLN D 493 34.93 23.85 10.14
C GLN D 493 35.07 22.62 9.21
N LEU D 494 36.15 21.84 9.30
CA LEU D 494 36.27 20.55 8.63
C LEU D 494 35.17 19.56 9.04
N VAL D 495 34.89 19.46 10.33
CA VAL D 495 33.83 18.57 10.83
C VAL D 495 32.47 19.07 10.41
N SER D 496 32.24 20.36 10.58
CA SER D 496 31.02 21.04 10.16
C SER D 496 30.73 20.82 8.67
N PHE D 497 31.72 20.90 7.78
CA PHE D 497 31.53 20.51 6.39
C PHE D 497 31.23 19.03 6.24
N THR D 498 32.01 18.14 6.86
CA THR D 498 31.88 16.69 6.67
C THR D 498 30.52 16.17 7.13
N ILE D 499 29.95 16.74 8.20
CA ILE D 499 28.60 16.46 8.65
C ILE D 499 27.61 17.02 7.63
N PHE D 500 27.64 18.32 7.36
CA PHE D 500 26.57 18.99 6.63
C PHE D 500 26.49 18.58 5.17
N VAL D 501 27.57 18.14 4.54
CA VAL D 501 27.65 18.00 3.07
C VAL D 501 27.87 16.57 2.56
N PRO D 502 29.05 15.92 2.63
CA PRO D 502 29.25 14.54 2.20
C PRO D 502 28.29 13.53 2.85
N ILE D 503 27.74 13.87 4.01
CA ILE D 503 26.85 13.02 4.79
C ILE D 503 25.43 13.55 4.71
N VAL D 504 25.09 14.65 5.37
CA VAL D 504 23.70 15.13 5.41
C VAL D 504 23.18 15.42 4.02
N LEU D 505 23.84 16.25 3.23
CA LEU D 505 23.23 16.75 1.99
C LEU D 505 23.32 15.76 0.84
N MET D 506 24.38 14.96 0.73
CA MET D 506 24.38 13.87 -0.25
C MET D 506 23.41 12.74 0.10
N ASN D 507 23.17 12.43 1.38
CA ASN D 507 22.11 11.49 1.76
C ASN D 507 20.72 12.08 1.54
N LEU D 508 20.54 13.40 1.65
CA LEU D 508 19.30 14.06 1.26
C LEU D 508 19.05 13.91 -0.24
N LEU D 509 20.05 14.14 -1.10
CA LEU D 509 19.90 13.93 -2.54
C LEU D 509 19.58 12.48 -2.89
N ILE D 510 20.20 11.49 -2.25
CA ILE D 510 19.81 10.09 -2.45
C ILE D 510 18.37 9.85 -1.97
N GLY D 511 17.89 10.54 -0.93
CA GLY D 511 16.51 10.48 -0.47
C GLY D 511 15.52 10.98 -1.53
N LEU D 512 15.79 12.13 -2.14
CA LEU D 512 15.04 12.67 -3.28
C LEU D 512 15.12 11.72 -4.49
N ALA D 513 16.32 11.35 -4.91
CA ALA D 513 16.54 10.53 -6.09
C ALA D 513 15.81 9.19 -6.01
N VAL D 514 16.00 8.42 -4.94
CA VAL D 514 15.31 7.15 -4.73
C VAL D 514 13.80 7.35 -4.61
N GLY D 515 13.37 8.44 -4.01
CA GLY D 515 11.94 8.75 -3.82
C GLY D 515 11.21 9.03 -5.12
N ASP D 516 11.84 9.75 -6.05
CA ASP D 516 11.25 10.15 -7.34
C ASP D 516 11.40 9.06 -8.41
N ILE D 517 12.55 8.42 -8.50
CA ILE D 517 12.79 7.41 -9.53
C ILE D 517 11.96 6.16 -9.26
N ALA D 518 11.72 5.81 -8.01
CA ALA D 518 10.78 4.75 -7.66
C ALA D 518 9.31 5.16 -7.92
N ASP D 519 9.03 6.42 -8.24
CA ASP D 519 7.73 6.91 -8.70
C ASP D 519 7.64 6.94 -10.22
N VAL D 520 8.71 7.28 -10.95
CA VAL D 520 8.76 7.08 -12.41
C VAL D 520 8.60 5.59 -12.75
N GLN D 521 9.28 4.69 -12.04
CA GLN D 521 9.09 3.24 -12.19
C GLN D 521 7.68 2.74 -11.82
N LYS D 522 6.81 3.54 -11.18
CA LYS D 522 5.38 3.18 -11.02
C LYS D 522 4.64 3.29 -12.35
N HIS D 523 4.93 4.34 -13.11
CA HIS D 523 4.27 4.67 -14.37
C HIS D 523 5.00 4.16 -15.60
N ALA D 524 6.25 3.70 -15.49
CA ALA D 524 7.11 3.37 -16.63
C ALA D 524 6.45 2.50 -17.71
N SER D 525 5.76 1.43 -17.30
CA SER D 525 5.12 0.50 -18.24
C SER D 525 3.98 1.14 -19.04
N LEU D 526 3.38 2.21 -18.53
CA LEU D 526 2.47 3.09 -19.29
C LEU D 526 3.24 4.20 -20.02
N LYS D 527 4.25 4.81 -19.41
CA LYS D 527 4.95 5.96 -19.99
C LYS D 527 5.68 5.60 -21.29
N ARG D 528 6.27 4.41 -21.41
CA ARG D 528 6.78 3.85 -22.68
C ARG D 528 5.74 4.00 -23.80
N ILE D 529 4.53 3.53 -23.52
CA ILE D 529 3.45 3.51 -24.50
C ILE D 529 2.89 4.91 -24.74
N ALA D 530 2.75 5.74 -23.71
CA ALA D 530 2.30 7.11 -23.89
C ALA D 530 3.26 7.92 -24.77
N MET D 531 4.58 7.74 -24.60
CA MET D 531 5.59 8.36 -25.46
C MET D 531 5.48 7.86 -26.90
N GLN D 532 5.34 6.55 -27.12
CA GLN D 532 5.13 6.00 -28.46
C GLN D 532 3.84 6.53 -29.11
N VAL D 533 2.72 6.55 -28.40
CA VAL D 533 1.45 7.06 -28.92
C VAL D 533 1.55 8.55 -29.26
N GLU D 534 2.17 9.37 -28.41
CA GLU D 534 2.34 10.80 -28.68
C GLU D 534 3.30 11.07 -29.86
N LEU D 535 4.32 10.23 -30.05
CA LEU D 535 5.20 10.29 -31.21
C LEU D 535 4.46 9.90 -32.49
N HIS D 536 3.83 8.72 -32.53
CA HIS D 536 3.18 8.24 -33.74
C HIS D 536 1.98 9.10 -34.12
N THR D 537 1.21 9.63 -33.18
CA THR D 537 0.11 10.55 -33.49
C THR D 537 0.61 11.91 -33.98
N SER D 538 1.76 12.38 -33.54
CA SER D 538 2.33 13.64 -34.04
C SER D 538 2.76 13.49 -35.49
N LEU D 539 3.43 12.38 -35.83
CA LEU D 539 3.74 12.06 -37.22
C LEU D 539 2.48 11.81 -38.06
N GLU D 540 1.46 11.15 -37.52
CA GLU D 540 0.23 10.83 -38.26
C GLU D 540 -0.56 12.10 -38.61
N LYS D 541 -0.41 13.17 -37.82
CA LYS D 541 -0.95 14.51 -38.11
C LYS D 541 -0.17 15.29 -39.17
N LYS D 542 1.07 14.91 -39.48
CA LYS D 542 1.99 15.70 -40.32
C LYS D 542 2.47 15.01 -41.59
N LEU D 543 2.51 13.68 -41.66
CA LEU D 543 2.56 12.98 -42.95
C LEU D 543 1.31 13.33 -43.78
N PRO D 544 1.42 13.48 -45.12
CA PRO D 544 0.28 13.93 -45.91
C PRO D 544 -0.73 12.78 -46.10
N LEU D 545 -2.02 13.11 -46.15
CA LEU D 545 -3.12 12.17 -45.98
C LEU D 545 -3.05 10.94 -46.91
N TRP D 546 -2.68 11.13 -48.17
CA TRP D 546 -2.54 10.04 -49.15
C TRP D 546 -1.46 9.03 -48.75
N PHE D 547 -0.40 9.48 -48.07
CA PHE D 547 0.70 8.63 -47.63
C PHE D 547 0.21 7.65 -46.56
N LEU D 548 -0.59 8.11 -45.58
CA LEU D 548 -1.19 7.21 -44.59
C LEU D 548 -2.10 6.18 -45.28
N ARG D 549 -2.93 6.60 -46.24
CA ARG D 549 -3.80 5.66 -46.98
C ARG D 549 -3.02 4.63 -47.79
N LYS D 550 -1.84 4.97 -48.31
CA LYS D 550 -0.94 4.01 -48.97
C LYS D 550 -0.31 3.02 -47.97
N VAL D 551 0.07 3.48 -46.79
CA VAL D 551 0.96 2.75 -45.84
C VAL D 551 0.22 2.00 -44.72
N ASP D 552 -0.85 2.57 -44.17
CA ASP D 552 -1.47 2.13 -42.91
C ASP D 552 -2.40 0.91 -43.06
N GLN D 553 -1.81 -0.24 -43.36
CA GLN D 553 -2.46 -1.53 -43.61
C GLN D 553 -3.41 -1.99 -42.48
N LYS D 554 -4.65 -2.39 -42.82
CA LYS D 554 -5.72 -2.72 -41.85
C LYS D 554 -5.51 -4.00 -41.04
N SER D 555 -4.63 -4.91 -41.45
CA SER D 555 -4.35 -6.16 -40.74
C SER D 555 -2.93 -6.66 -40.97
N THR D 556 -2.36 -7.38 -39.99
CA THR D 556 -1.02 -7.98 -40.06
C THR D 556 -0.99 -9.39 -39.50
N ILE D 557 -0.22 -10.27 -40.14
CA ILE D 557 0.04 -11.64 -39.70
C ILE D 557 1.36 -11.73 -38.90
N VAL D 558 1.45 -12.66 -37.96
CA VAL D 558 2.66 -13.04 -37.21
C VAL D 558 2.86 -14.56 -37.30
N TYR D 559 4.11 -15.00 -37.40
CA TYR D 559 4.50 -16.41 -37.48
C TYR D 559 5.42 -16.79 -36.29
N PRO D 560 4.88 -17.08 -35.09
CA PRO D 560 5.68 -17.40 -33.89
C PRO D 560 6.70 -18.51 -34.09
N SER D 592 -6.29 -5.52 -7.13
CA SER D 592 -7.41 -4.97 -7.92
C SER D 592 -8.44 -4.20 -7.07
N LEU D 593 -8.17 -3.97 -5.79
CA LEU D 593 -9.16 -3.44 -4.82
C LEU D 593 -9.75 -2.08 -5.19
N GLU D 594 -9.00 -1.23 -5.90
CA GLU D 594 -9.47 0.06 -6.45
C GLU D 594 -10.47 -0.09 -7.60
N MET D 595 -10.93 -1.31 -7.89
CA MET D 595 -12.12 -1.60 -8.67
C MET D 595 -12.99 -2.74 -8.10
N GLU D 596 -12.48 -3.67 -7.28
CA GLU D 596 -13.34 -4.67 -6.62
C GLU D 596 -14.35 -4.00 -5.69
N ILE D 597 -13.92 -3.08 -4.82
CA ILE D 597 -14.81 -2.38 -3.89
C ILE D 597 -15.81 -1.51 -4.64
N LEU D 598 -15.37 -0.86 -5.73
CA LEU D 598 -16.28 -0.08 -6.57
C LEU D 598 -17.36 -0.97 -7.21
N LYS D 599 -17.04 -2.21 -7.59
CA LYS D 599 -18.06 -3.16 -8.08
C LYS D 599 -18.94 -3.70 -6.96
N GLN D 600 -18.38 -3.91 -5.77
CA GLN D 600 -19.12 -4.25 -4.57
C GLN D 600 -20.13 -3.15 -4.20
N LYS D 601 -19.84 -1.88 -4.49
CA LYS D 601 -20.79 -0.77 -4.38
C LYS D 601 -22.00 -0.95 -5.28
N TYR D 602 -21.83 -1.34 -6.54
CA TYR D 602 -22.95 -1.57 -7.44
C TYR D 602 -23.83 -2.72 -6.96
N ARG D 603 -23.25 -3.83 -6.49
CA ARG D 603 -24.03 -4.90 -5.85
C ARG D 603 -24.83 -4.38 -4.67
N LEU D 604 -24.21 -3.65 -3.75
CA LEU D 604 -24.86 -3.16 -2.53
C LEU D 604 -25.91 -2.08 -2.80
N LYS D 605 -25.68 -1.20 -3.79
CA LYS D 605 -26.59 -0.14 -4.21
C LYS D 605 -27.85 -0.70 -4.87
N ASP D 606 -27.71 -1.69 -5.75
CA ASP D 606 -28.86 -2.32 -6.41
C ASP D 606 -29.59 -3.32 -5.48
N LEU D 607 -28.90 -3.90 -4.51
CA LEU D 607 -29.50 -4.63 -3.39
C LEU D 607 -30.40 -3.73 -2.53
N THR D 608 -29.91 -2.57 -2.08
CA THR D 608 -30.74 -1.70 -1.24
C THR D 608 -31.89 -1.06 -2.03
N PHE D 609 -31.73 -0.83 -3.34
CA PHE D 609 -32.83 -0.43 -4.21
C PHE D 609 -33.91 -1.51 -4.35
N LEU D 610 -33.52 -2.78 -4.52
CA LEU D 610 -34.45 -3.91 -4.52
C LEU D 610 -35.18 -4.03 -3.18
N LEU D 611 -34.48 -3.89 -2.05
CA LEU D 611 -35.13 -3.96 -0.75
C LEU D 611 -36.13 -2.81 -0.52
N GLU D 612 -35.87 -1.58 -0.94
CA GLU D 612 -36.86 -0.51 -0.83
C GLU D 612 -38.08 -0.73 -1.74
N LYS D 613 -37.91 -1.32 -2.93
CA LYS D 613 -39.05 -1.77 -3.76
C LYS D 613 -39.87 -2.87 -3.07
N GLN D 614 -39.21 -3.78 -2.36
CA GLN D 614 -39.84 -4.90 -1.66
C GLN D 614 -40.51 -4.47 -0.34
N HIS D 615 -39.92 -3.54 0.41
CA HIS D 615 -40.52 -3.00 1.64
C HIS D 615 -41.88 -2.36 1.37
N GLU D 616 -42.07 -1.77 0.20
CA GLU D 616 -43.35 -1.19 -0.20
C GLU D 616 -44.41 -2.23 -0.59
N LEU D 617 -44.02 -3.45 -1.01
CA LEU D 617 -44.99 -4.53 -1.20
C LEU D 617 -45.48 -5.08 0.14
N ILE D 618 -44.62 -5.16 1.16
CA ILE D 618 -45.05 -5.63 2.49
C ILE D 618 -45.99 -4.62 3.14
N LYS D 619 -45.73 -3.31 3.03
CA LYS D 619 -46.69 -2.28 3.43
C LYS D 619 -48.02 -2.44 2.70
N LEU D 620 -48.02 -2.70 1.39
CA LEU D 620 -49.23 -2.93 0.61
C LEU D 620 -50.00 -4.16 1.08
N ILE D 621 -49.32 -5.26 1.45
CA ILE D 621 -50.00 -6.44 1.99
C ILE D 621 -50.77 -6.07 3.27
N ILE D 622 -50.17 -5.43 4.26
CA ILE D 622 -50.90 -5.08 5.50
C ILE D 622 -52.05 -4.11 5.20
N GLN D 623 -51.88 -3.23 4.22
CA GLN D 623 -52.92 -2.30 3.80
C GLN D 623 -54.13 -2.98 3.15
N LYS D 624 -53.96 -4.10 2.42
CA LYS D 624 -55.04 -4.80 1.71
C LYS D 624 -55.48 -6.14 2.33
N MET D 625 -54.75 -6.67 3.29
CA MET D 625 -55.02 -7.94 3.96
C MET D 625 -56.40 -7.99 4.61
N GLU D 626 -57.15 -9.09 4.46
CA GLU D 626 -58.41 -9.27 5.18
C GLU D 626 -58.13 -9.71 6.63
N ILE D 627 -58.49 -8.88 7.61
CA ILE D 627 -58.32 -9.17 9.05
C ILE D 627 -59.70 -9.37 9.69
N ILE D 628 -59.91 -10.53 10.30
CA ILE D 628 -61.07 -10.87 11.12
C ILE D 628 -60.56 -11.79 12.25
N SER D 629 -61.11 -11.67 13.45
CA SER D 629 -60.70 -12.46 14.62
C SER D 629 -59.25 -12.25 15.09
N GLU D 630 -58.64 -11.10 14.76
CA GLU D 630 -57.31 -10.67 15.24
C GLU D 630 -57.23 -9.18 15.59
N THR D 631 -58.34 -8.45 15.51
CA THR D 631 -58.42 -7.01 15.84
C THR D 631 -58.38 -6.78 17.35
#